data_6ZGW
#
_entry.id   6ZGW
#
_cell.length_a   73.674
_cell.length_b   114.560
_cell.length_c   120.934
_cell.angle_alpha   90.000
_cell.angle_beta   100.490
_cell.angle_gamma   90.000
#
_symmetry.space_group_name_H-M   'P 1 21 1'
#
loop_
_entity.id
_entity.type
_entity.pdbx_description
1 polymer Galactokinase
2 non-polymer beta-D-galactopyranose
3 non-polymer "2-(1,3-benzoxazol-2-ylamino)spiro[1,6,7,8-tetrahydroquinazoline-4,1'-cyclohexane]-5-one"
4 non-polymer '(4-chlorophenyl)methyl pyridine-3-carboxylate'
5 water water
#
_entity_poly.entity_id   1
_entity_poly.type   'polypeptide(L)'
_entity_poly.pdbx_seq_one_letter_code
;MAHHHHHHAALRQPQVAELLAEARRAFREEFGAEPELAVSAPGRVNLIGEHTDYNQGLVLPMALELMTVLVGSPRKDGLV
SLLTTSEGADEPQRLQFPLPTAQRSLEPGTPRWANYVKGVIQYYPAAPLPGFSAVVVSSVPLGGGLSSSASLEVATYTFL
QQLCPDSGTIAARAQVCQQAEHSFAGMPCGIMDQFISLMGQKGHALLIDCRSLETSLVPLSDPKLAVLITNSNVRHSLAS
SEYPVRRRQCEEVARALGAASLREVQLEELEAARDLVSKEGFRRARHVVGEIRRTAQAAAALRRGDYRAFGRLMVESHRS
LRDDYEVSCPELDQLVEAALAVPGVYGSRMTGGGFGGCTVTLLEASAAPHAMRHIQEHYGGTATFYLSQAADGAKVLCL
;
_entity_poly.pdbx_strand_id   A,B,E,D
#
loop_
_chem_comp.id
_chem_comp.type
_chem_comp.name
_chem_comp.formula
GAL D-saccharide, beta linking beta-D-galactopyranose 'C6 H12 O6'
HFK non-polymer 2-(1,3-benzoxazol-2-ylamino)spiro[1,6,7,8-tetrahydroquinazoline-4,1'-cyclohexane]-5-one 'C20 H22 N4 O2'
QKW non-polymer '(4-chlorophenyl)methyl pyridine-3-carboxylate' 'C13 H10 Cl N O2'
#
# COMPACT_ATOMS: atom_id res chain seq x y z
N ALA A 9 5.02 45.21 -20.08
CA ALA A 9 6.30 45.88 -20.53
C ALA A 9 7.30 46.00 -19.37
N ALA A 10 6.96 45.42 -18.22
CA ALA A 10 7.88 45.23 -17.08
C ALA A 10 8.52 43.84 -17.12
N LEU A 11 7.91 42.86 -17.84
CA LEU A 11 8.43 41.47 -18.02
C LEU A 11 9.73 41.55 -18.82
N ARG A 12 10.83 41.11 -18.24
CA ARG A 12 12.11 40.89 -18.96
C ARG A 12 12.05 39.44 -19.49
N GLN A 13 12.14 39.27 -20.80
CA GLN A 13 12.23 37.92 -21.41
C GLN A 13 13.63 37.41 -21.15
N PRO A 14 13.86 36.08 -21.06
CA PRO A 14 15.21 35.54 -20.90
C PRO A 14 16.23 35.92 -22.00
N GLN A 15 15.87 35.76 -23.27
CA GLN A 15 16.71 36.02 -24.48
C GLN A 15 18.08 35.32 -24.34
N VAL A 16 18.12 33.99 -24.28
CA VAL A 16 19.40 33.26 -23.98
C VAL A 16 20.19 33.05 -25.27
N ALA A 17 19.56 32.85 -26.41
CA ALA A 17 20.30 32.70 -27.70
C ALA A 17 21.12 33.97 -27.95
N GLU A 18 20.55 35.14 -27.67
CA GLU A 18 21.18 36.46 -27.95
C GLU A 18 22.23 36.77 -26.86
N LEU A 19 22.12 36.17 -25.66
CA LEU A 19 23.11 36.30 -24.57
C LEU A 19 24.41 35.58 -24.96
N LEU A 20 24.33 34.33 -25.43
CA LEU A 20 25.45 33.56 -26.04
C LEU A 20 26.04 34.30 -27.25
N ALA A 21 25.19 34.76 -28.16
CA ALA A 21 25.62 35.47 -29.38
C ALA A 21 26.36 36.74 -28.94
N GLU A 22 25.81 37.53 -28.01
CA GLU A 22 26.46 38.76 -27.49
C GLU A 22 27.87 38.36 -27.00
N ALA A 23 28.00 37.25 -26.27
CA ALA A 23 29.28 36.91 -25.64
C ALA A 23 30.29 36.48 -26.71
N ARG A 24 29.87 35.77 -27.76
CA ARG A 24 30.83 35.30 -28.80
C ARG A 24 31.37 36.49 -29.58
N ARG A 25 30.51 37.43 -29.93
CA ARG A 25 30.85 38.66 -30.69
C ARG A 25 31.88 39.42 -29.84
N ALA A 26 31.58 39.67 -28.58
CA ALA A 26 32.45 40.48 -27.72
C ALA A 26 33.79 39.76 -27.60
N PHE A 27 33.80 38.43 -27.61
CA PHE A 27 35.05 37.66 -27.49
C PHE A 27 35.91 37.87 -28.74
N ARG A 28 35.32 37.75 -29.95
CA ARG A 28 36.05 37.87 -31.23
C ARG A 28 36.67 39.28 -31.26
N GLU A 29 35.88 40.32 -30.98
CA GLU A 29 36.32 41.74 -30.92
C GLU A 29 37.43 41.85 -29.87
N GLU A 30 37.28 41.34 -28.66
CA GLU A 30 38.27 41.60 -27.57
C GLU A 30 39.61 40.88 -27.80
N PHE A 31 39.62 39.64 -28.27
CA PHE A 31 40.83 38.77 -28.23
C PHE A 31 41.38 38.44 -29.62
N GLY A 32 40.69 38.86 -30.68
CA GLY A 32 41.17 38.72 -32.06
C GLY A 32 40.88 37.35 -32.66
N ALA A 33 40.06 36.52 -32.00
CA ALA A 33 39.72 35.17 -32.51
C ALA A 33 38.40 34.65 -31.93
N GLU A 34 37.88 33.60 -32.57
CA GLU A 34 36.69 32.84 -32.12
C GLU A 34 36.96 32.05 -30.83
N PRO A 35 36.04 32.16 -29.83
CA PRO A 35 36.14 31.38 -28.62
C PRO A 35 35.89 29.91 -28.97
N GLU A 36 36.53 29.02 -28.22
CA GLU A 36 36.54 27.55 -28.44
C GLU A 36 35.49 26.82 -27.61
N LEU A 37 34.94 27.46 -26.55
CA LEU A 37 34.04 26.86 -25.51
C LEU A 37 33.00 27.88 -25.08
N ALA A 38 31.76 27.42 -24.90
CA ALA A 38 30.70 28.12 -24.15
C ALA A 38 30.28 27.26 -22.95
N VAL A 39 30.12 27.90 -21.81
CA VAL A 39 29.42 27.31 -20.63
C VAL A 39 28.37 28.29 -20.12
N SER A 40 27.36 27.75 -19.46
CA SER A 40 26.35 28.52 -18.69
C SER A 40 26.11 27.84 -17.34
N ALA A 41 25.68 28.64 -16.37
CA ALA A 41 25.13 28.19 -15.09
C ALA A 41 24.05 29.21 -14.71
N PRO A 42 22.89 28.69 -14.22
CA PRO A 42 21.70 29.51 -13.99
C PRO A 42 21.80 30.25 -12.66
N GLY A 43 21.06 31.33 -12.55
CA GLY A 43 20.61 31.85 -11.23
C GLY A 43 19.46 30.99 -10.72
N ARG A 44 18.84 31.35 -9.61
CA ARG A 44 17.87 30.45 -8.93
C ARG A 44 16.80 31.30 -8.24
N VAL A 45 15.59 30.73 -8.16
CA VAL A 45 14.53 31.16 -7.23
C VAL A 45 14.38 30.05 -6.18
N ASN A 46 14.38 30.34 -4.88
CA ASN A 46 14.08 29.28 -3.87
C ASN A 46 12.57 29.28 -3.64
N LEU A 47 11.87 28.18 -3.93
CA LEU A 47 10.40 28.17 -3.81
C LEU A 47 9.99 28.26 -2.34
N ILE A 48 10.70 27.53 -1.47
CA ILE A 48 10.49 27.43 0.00
C ILE A 48 11.76 26.84 0.64
N GLY A 49 11.99 27.19 1.92
CA GLY A 49 13.11 26.66 2.71
C GLY A 49 14.18 27.71 2.80
N GLU A 50 13.85 28.81 3.46
CA GLU A 50 14.74 30.00 3.54
C GLU A 50 15.47 30.01 4.88
N HIS A 51 16.77 30.33 4.80
CA HIS A 51 17.71 30.36 5.92
C HIS A 51 17.66 29.02 6.67
N THR A 52 17.55 27.92 5.92
CA THR A 52 17.67 26.50 6.37
C THR A 52 19.03 25.90 5.89
N ASP A 53 19.60 26.32 4.74
CA ASP A 53 20.69 25.52 4.13
C ASP A 53 21.86 25.45 5.13
N TYR A 54 22.24 26.56 5.76
CA TYR A 54 23.37 26.59 6.73
C TYR A 54 22.98 25.99 8.09
N ASN A 55 21.69 25.64 8.25
CA ASN A 55 21.14 24.96 9.44
C ASN A 55 20.97 23.47 9.12
N GLN A 56 21.73 22.94 8.16
CA GLN A 56 21.71 21.51 7.73
C GLN A 56 20.26 21.07 7.51
N GLY A 57 19.42 21.94 6.97
CA GLY A 57 17.97 21.73 6.81
C GLY A 57 17.64 21.33 5.38
N LEU A 58 16.44 21.71 4.90
CA LEU A 58 15.94 21.37 3.53
C LEU A 58 15.56 22.64 2.75
N VAL A 59 15.90 22.68 1.45
CA VAL A 59 15.49 23.79 0.57
C VAL A 59 14.84 23.23 -0.68
N LEU A 60 14.04 24.03 -1.37
CA LEU A 60 13.33 23.59 -2.59
C LEU A 60 13.45 24.66 -3.68
N PRO A 61 14.69 24.91 -4.17
CA PRO A 61 14.90 25.86 -5.27
C PRO A 61 14.63 25.27 -6.64
N MET A 62 14.50 26.13 -7.65
CA MET A 62 14.69 25.72 -9.06
C MET A 62 15.62 26.72 -9.75
N ALA A 63 16.23 26.26 -10.85
CA ALA A 63 17.10 27.04 -11.75
C ALA A 63 16.25 27.90 -12.65
N LEU A 64 16.73 29.10 -12.97
CA LEU A 64 16.10 30.06 -13.93
C LEU A 64 16.73 29.98 -15.32
N GLU A 65 15.97 30.42 -16.32
CA GLU A 65 16.50 30.73 -17.67
C GLU A 65 17.42 31.97 -17.60
N LEU A 66 17.37 32.75 -16.51
CA LEU A 66 18.38 33.79 -16.21
C LEU A 66 19.69 33.09 -15.84
N MET A 67 20.77 33.42 -16.57
CA MET A 67 22.08 32.72 -16.47
C MET A 67 23.30 33.64 -16.68
N THR A 68 24.45 33.09 -16.35
CA THR A 68 25.79 33.63 -16.62
C THR A 68 26.45 32.73 -17.67
N VAL A 69 26.94 33.30 -18.76
CA VAL A 69 27.70 32.58 -19.83
C VAL A 69 29.18 32.99 -19.78
N LEU A 70 30.08 32.01 -19.72
CA LEU A 70 31.50 32.20 -20.10
C LEU A 70 31.70 31.62 -21.48
N VAL A 71 32.40 32.38 -22.29
CA VAL A 71 32.89 32.02 -23.63
C VAL A 71 34.38 32.37 -23.59
N GLY A 72 35.20 31.40 -23.98
CA GLY A 72 36.66 31.43 -23.82
C GLY A 72 37.39 30.30 -24.53
N SER A 73 38.69 30.30 -24.33
CA SER A 73 39.70 29.48 -25.06
C SER A 73 40.88 29.40 -24.13
N PRO A 74 41.55 28.24 -24.04
CA PRO A 74 42.78 28.13 -23.27
C PRO A 74 43.91 29.00 -23.87
N ARG A 75 44.82 29.39 -22.99
CA ARG A 75 46.08 30.11 -23.28
C ARG A 75 47.23 29.19 -22.90
N LYS A 76 48.40 29.52 -23.46
CA LYS A 76 49.68 28.78 -23.29
C LYS A 76 50.56 29.47 -22.23
N ASP A 77 50.25 30.72 -21.87
CA ASP A 77 51.17 31.63 -21.13
C ASP A 77 50.86 31.64 -19.63
N GLY A 78 49.90 30.84 -19.19
CA GLY A 78 49.64 30.64 -17.76
C GLY A 78 48.95 31.84 -17.13
N LEU A 79 48.37 32.73 -17.94
CA LEU A 79 47.65 33.86 -17.36
C LEU A 79 46.17 33.86 -17.78
N VAL A 80 45.37 34.56 -16.98
CA VAL A 80 43.91 34.66 -17.13
C VAL A 80 43.58 36.05 -17.63
N SER A 81 42.75 36.16 -18.67
CA SER A 81 42.32 37.49 -19.20
C SER A 81 40.78 37.54 -19.31
N LEU A 82 40.15 38.44 -18.57
CA LEU A 82 38.67 38.46 -18.46
C LEU A 82 38.16 39.79 -18.99
N LEU A 83 37.09 39.73 -19.81
CA LEU A 83 36.16 40.85 -20.10
C LEU A 83 34.78 40.46 -19.57
N THR A 84 34.18 41.31 -18.75
CA THR A 84 32.74 41.25 -18.46
C THR A 84 32.04 42.31 -19.32
N THR A 85 30.84 42.00 -19.77
CA THR A 85 29.91 42.90 -20.48
C THR A 85 28.70 43.31 -19.63
N SER A 86 28.50 42.77 -18.43
CA SER A 86 27.28 43.01 -17.61
C SER A 86 27.22 44.48 -17.15
N GLU A 87 26.11 45.20 -17.45
CA GLU A 87 25.94 46.66 -17.21
C GLU A 87 26.32 47.00 -15.75
N GLY A 88 25.80 46.20 -14.80
CA GLY A 88 25.98 46.43 -13.36
C GLY A 88 27.40 46.27 -12.87
N ALA A 89 28.27 45.57 -13.61
CA ALA A 89 29.62 45.20 -13.14
C ALA A 89 30.40 46.45 -12.73
N ASP A 90 31.19 46.37 -11.66
CA ASP A 90 32.02 47.50 -11.17
C ASP A 90 33.35 47.57 -11.95
N GLU A 91 33.81 48.79 -12.25
CA GLU A 91 34.96 49.07 -13.14
C GLU A 91 36.25 48.56 -12.50
N PRO A 92 37.27 48.11 -13.26
CA PRO A 92 37.18 48.03 -14.72
C PRO A 92 36.39 46.80 -15.16
N GLN A 93 35.92 46.82 -16.41
CA GLN A 93 35.29 45.71 -17.16
C GLN A 93 36.26 44.57 -17.44
N ARG A 94 37.56 44.81 -17.37
CA ARG A 94 38.60 43.77 -17.65
C ARG A 94 39.56 43.66 -16.47
N LEU A 95 40.10 42.46 -16.27
CA LEU A 95 41.20 42.16 -15.32
C LEU A 95 42.04 41.03 -15.90
N GLN A 96 43.35 41.05 -15.67
CA GLN A 96 44.24 39.94 -16.06
C GLN A 96 45.09 39.60 -14.84
N PHE A 97 45.48 38.34 -14.70
CA PHE A 97 46.31 37.94 -13.55
C PHE A 97 46.95 36.60 -13.89
N PRO A 98 48.13 36.32 -13.31
CA PRO A 98 48.73 35.01 -13.48
C PRO A 98 47.86 33.98 -12.72
N LEU A 99 47.94 32.71 -13.12
CA LEU A 99 47.46 31.60 -12.29
C LEU A 99 48.16 31.65 -10.96
N PRO A 100 47.43 31.26 -9.89
CA PRO A 100 48.01 31.11 -8.55
C PRO A 100 49.04 29.99 -8.62
N THR A 101 49.96 29.98 -7.66
CA THR A 101 50.99 28.91 -7.52
C THR A 101 51.16 28.66 -6.02
N ALA A 102 52.09 27.78 -5.65
CA ALA A 102 52.54 27.55 -4.28
C ALA A 102 53.05 28.88 -3.72
N GLN A 103 53.93 29.55 -4.47
CA GLN A 103 54.48 30.89 -4.12
C GLN A 103 53.30 31.88 -4.01
N ARG A 104 52.73 32.34 -5.14
CA ARG A 104 51.73 33.43 -5.16
C ARG A 104 50.31 32.85 -5.26
N SER A 105 49.38 33.27 -4.39
CA SER A 105 47.93 32.95 -4.49
C SER A 105 47.17 34.18 -4.95
N LEU A 106 45.99 34.00 -5.54
CA LEU A 106 45.08 35.13 -5.88
C LEU A 106 44.55 35.74 -4.58
N GLU A 107 44.26 37.03 -4.63
CA GLU A 107 43.79 37.86 -3.50
C GLU A 107 42.48 38.45 -3.99
N PRO A 108 41.45 38.57 -3.11
CA PRO A 108 40.26 39.34 -3.46
C PRO A 108 40.68 40.81 -3.59
N GLY A 109 39.86 41.63 -4.25
CA GLY A 109 40.06 43.08 -4.40
C GLY A 109 39.12 43.68 -5.43
N THR A 110 39.70 44.37 -6.42
CA THR A 110 39.03 45.30 -7.36
C THR A 110 39.38 44.87 -8.78
N PRO A 111 38.40 44.65 -9.66
CA PRO A 111 36.99 44.83 -9.35
C PRO A 111 36.37 43.59 -8.66
N ARG A 112 35.22 43.77 -7.97
CA ARG A 112 34.55 42.73 -7.13
C ARG A 112 34.04 41.57 -7.98
N TRP A 113 33.45 41.81 -9.14
CA TRP A 113 32.91 40.70 -9.96
C TRP A 113 34.02 39.69 -10.22
N ALA A 114 35.26 40.15 -10.36
CA ALA A 114 36.43 39.27 -10.62
C ALA A 114 36.69 38.36 -9.41
N ASN A 115 36.29 38.75 -8.22
CA ASN A 115 36.63 38.00 -6.97
C ASN A 115 36.05 36.57 -7.06
N TYR A 116 34.90 36.45 -7.69
CA TYR A 116 34.15 35.21 -7.86
C TYR A 116 34.94 34.25 -8.74
N VAL A 117 35.49 34.75 -9.84
CA VAL A 117 36.26 33.94 -10.82
C VAL A 117 37.59 33.56 -10.19
N LYS A 118 38.26 34.52 -9.52
CA LYS A 118 39.51 34.30 -8.76
C LYS A 118 39.31 33.20 -7.71
N GLY A 119 38.29 33.36 -6.85
CA GLY A 119 38.03 32.36 -5.82
C GLY A 119 37.95 30.97 -6.42
N VAL A 120 37.08 30.77 -7.38
CA VAL A 120 36.91 29.42 -7.98
C VAL A 120 38.27 28.93 -8.52
N ILE A 121 39.06 29.78 -9.22
CA ILE A 121 40.36 29.34 -9.77
C ILE A 121 41.26 28.92 -8.62
N GLN A 122 41.29 29.73 -7.55
CA GLN A 122 42.15 29.56 -6.36
C GLN A 122 41.87 28.23 -5.68
N TYR A 123 40.59 27.83 -5.60
CA TYR A 123 40.16 26.59 -4.88
C TYR A 123 39.90 25.41 -5.82
N TYR A 124 40.16 25.57 -7.13
CA TYR A 124 39.93 24.52 -8.14
C TYR A 124 40.81 23.33 -7.78
N PRO A 125 40.25 22.13 -7.61
CA PRO A 125 41.02 20.99 -7.10
C PRO A 125 41.87 20.17 -8.09
N ALA A 126 41.70 20.32 -9.41
CA ALA A 126 42.47 19.55 -10.42
C ALA A 126 43.55 20.40 -11.10
N ALA A 127 44.46 19.71 -11.80
CA ALA A 127 45.76 20.23 -12.28
C ALA A 127 46.23 19.33 -13.42
N PRO A 128 46.90 19.88 -14.46
CA PRO A 128 47.31 21.26 -14.50
C PRO A 128 46.21 22.13 -15.11
N LEU A 129 45.94 23.25 -14.46
CA LEU A 129 45.02 24.30 -14.96
C LEU A 129 45.80 25.28 -15.84
N PRO A 130 45.44 25.38 -17.14
CA PRO A 130 46.05 26.35 -18.05
C PRO A 130 45.38 27.71 -17.86
N GLY A 131 46.07 28.77 -18.22
CA GLY A 131 45.47 30.09 -18.41
C GLY A 131 44.35 30.00 -19.43
N PHE A 132 43.57 31.08 -19.52
CA PHE A 132 42.44 31.15 -20.46
C PHE A 132 42.09 32.60 -20.72
N SER A 133 41.47 32.83 -21.86
CA SER A 133 40.79 34.13 -22.16
C SER A 133 39.28 33.88 -22.10
N ALA A 134 38.50 34.76 -21.48
CA ALA A 134 37.03 34.60 -21.40
C ALA A 134 36.28 35.93 -21.36
N VAL A 135 35.12 35.95 -22.01
CA VAL A 135 34.04 36.96 -21.80
C VAL A 135 32.98 36.40 -20.84
N VAL A 136 32.60 37.20 -19.87
CA VAL A 136 31.57 36.90 -18.86
C VAL A 136 30.35 37.76 -19.18
N VAL A 137 29.21 37.14 -19.48
CA VAL A 137 27.89 37.83 -19.59
C VAL A 137 26.92 37.19 -18.59
N SER A 138 25.91 37.93 -18.14
CA SER A 138 24.80 37.41 -17.32
C SER A 138 23.50 38.20 -17.53
N SER A 139 22.36 37.51 -17.57
CA SER A 139 20.97 38.02 -17.53
C SER A 139 20.39 37.90 -16.12
N VAL A 140 21.16 37.35 -15.17
CA VAL A 140 20.80 37.32 -13.72
C VAL A 140 20.95 38.74 -13.17
N PRO A 141 19.89 39.40 -12.66
CA PRO A 141 20.04 40.79 -12.20
C PRO A 141 21.05 40.80 -11.05
N LEU A 142 22.06 41.65 -11.18
CA LEU A 142 23.25 41.68 -10.28
C LEU A 142 22.80 42.20 -8.92
N GLY A 143 23.06 41.41 -7.87
CA GLY A 143 22.61 41.68 -6.49
C GLY A 143 21.11 41.77 -6.33
N GLY A 144 20.31 41.08 -7.15
CA GLY A 144 18.82 41.15 -7.08
C GLY A 144 18.18 39.95 -6.40
N GLY A 145 18.96 39.06 -5.78
CA GLY A 145 18.47 37.96 -4.91
C GLY A 145 18.27 36.63 -5.63
N LEU A 146 18.61 36.53 -6.93
CA LEU A 146 18.47 35.29 -7.74
C LEU A 146 19.82 34.63 -7.97
N SER A 147 20.80 34.88 -7.10
CA SER A 147 22.12 34.19 -7.03
C SER A 147 23.02 34.47 -8.26
N SER A 148 23.20 35.74 -8.63
CA SER A 148 24.11 36.09 -9.74
C SER A 148 25.49 35.51 -9.41
N SER A 149 25.95 35.66 -8.18
CA SER A 149 27.32 35.27 -7.73
C SER A 149 27.48 33.75 -7.86
N ALA A 150 26.46 32.97 -7.51
CA ALA A 150 26.54 31.50 -7.66
C ALA A 150 26.59 31.15 -9.15
N SER A 151 25.77 31.79 -9.99
CA SER A 151 25.81 31.45 -11.44
C SER A 151 27.24 31.70 -11.92
N LEU A 152 27.89 32.77 -11.47
CA LEU A 152 29.24 33.15 -12.02
C LEU A 152 30.26 32.18 -11.42
N GLU A 153 30.11 31.82 -10.14
CA GLU A 153 31.02 30.81 -9.55
C GLU A 153 30.94 29.49 -10.32
N VAL A 154 29.73 29.06 -10.61
CA VAL A 154 29.49 27.69 -11.15
C VAL A 154 29.79 27.71 -12.64
N ALA A 155 29.44 28.79 -13.32
CA ALA A 155 29.85 29.01 -14.73
C ALA A 155 31.40 28.96 -14.79
N THR A 156 32.09 29.67 -13.90
CA THR A 156 33.57 29.60 -13.86
C THR A 156 33.95 28.14 -13.72
N TYR A 157 33.39 27.45 -12.74
CA TYR A 157 33.84 26.08 -12.37
C TYR A 157 33.66 25.17 -13.57
N THR A 158 32.54 25.30 -14.26
CA THR A 158 32.16 24.49 -15.45
C THR A 158 33.17 24.77 -16.59
N PHE A 159 33.62 26.00 -16.74
CA PHE A 159 34.68 26.35 -17.72
C PHE A 159 36.00 25.68 -17.31
N LEU A 160 36.38 25.74 -16.04
CA LEU A 160 37.65 25.08 -15.58
C LEU A 160 37.65 23.57 -15.83
N GLN A 161 36.51 22.88 -15.60
CA GLN A 161 36.40 21.43 -15.91
C GLN A 161 36.76 21.14 -17.37
N GLN A 162 36.42 22.02 -18.32
CA GLN A 162 36.77 21.77 -19.74
C GLN A 162 38.28 21.96 -19.90
N LEU A 163 38.90 22.88 -19.17
CA LEU A 163 40.35 23.13 -19.27
C LEU A 163 41.11 21.98 -18.60
N CYS A 164 40.58 21.40 -17.54
CA CYS A 164 41.27 20.39 -16.72
C CYS A 164 40.22 19.60 -15.91
N PRO A 165 39.63 18.53 -16.50
CA PRO A 165 38.54 17.79 -15.86
C PRO A 165 38.87 17.43 -14.42
N ASP A 166 37.91 17.63 -13.52
CA ASP A 166 38.11 17.25 -12.10
C ASP A 166 37.69 15.78 -11.99
N SER A 167 38.05 15.06 -10.96
CA SER A 167 37.53 13.66 -10.86
C SER A 167 36.66 13.57 -9.62
N GLY A 168 35.82 14.56 -9.38
CA GLY A 168 35.05 14.58 -8.11
C GLY A 168 33.55 14.63 -8.33
N THR A 169 32.85 15.14 -7.32
CA THR A 169 31.39 14.98 -7.10
C THR A 169 30.76 16.35 -7.13
N ILE A 170 29.44 16.39 -7.28
CA ILE A 170 28.68 17.65 -7.51
C ILE A 170 28.77 18.48 -6.21
N ALA A 171 28.84 17.84 -5.03
CA ALA A 171 29.01 18.50 -3.71
C ALA A 171 30.42 19.11 -3.57
N ALA A 172 31.48 18.37 -3.89
CA ALA A 172 32.84 18.95 -3.92
C ALA A 172 32.82 20.24 -4.79
N ARG A 173 32.17 20.24 -5.95
CA ARG A 173 32.20 21.44 -6.82
C ARG A 173 31.42 22.56 -6.13
N ALA A 174 30.33 22.23 -5.44
CA ALA A 174 29.52 23.25 -4.74
C ALA A 174 30.35 23.80 -3.57
N GLN A 175 31.07 22.97 -2.83
CA GLN A 175 31.90 23.49 -1.70
C GLN A 175 32.94 24.46 -2.30
N VAL A 176 33.60 24.12 -3.41
CA VAL A 176 34.63 25.02 -4.01
C VAL A 176 33.97 26.36 -4.31
N CYS A 177 32.84 26.33 -4.99
CA CYS A 177 32.14 27.58 -5.37
C CYS A 177 31.79 28.33 -4.09
N GLN A 178 31.37 27.58 -3.07
CA GLN A 178 30.94 28.16 -1.77
C GLN A 178 32.12 28.81 -1.07
N GLN A 179 33.29 28.19 -1.08
CA GLN A 179 34.57 28.71 -0.50
C GLN A 179 34.98 30.00 -1.20
N ALA A 180 34.82 30.12 -2.51
CA ALA A 180 35.11 31.38 -3.22
C ALA A 180 34.16 32.46 -2.70
N GLU A 181 32.90 32.14 -2.48
CA GLU A 181 31.92 33.11 -1.90
C GLU A 181 32.39 33.52 -0.50
N HIS A 182 32.84 32.58 0.33
CA HIS A 182 33.34 32.91 1.69
C HIS A 182 34.63 33.76 1.58
N SER A 183 35.70 33.25 0.96
CA SER A 183 37.07 33.79 1.07
C SER A 183 37.17 35.07 0.21
N PHE A 184 36.66 35.02 -1.01
CA PHE A 184 36.91 36.08 -1.99
C PHE A 184 35.78 37.09 -2.00
N ALA A 185 34.52 36.76 -1.66
CA ALA A 185 33.44 37.79 -1.62
C ALA A 185 33.02 38.08 -0.17
N GLY A 186 33.69 37.51 0.84
CA GLY A 186 33.33 37.74 2.25
C GLY A 186 31.85 37.48 2.57
N MET A 187 31.23 36.51 1.89
CA MET A 187 29.82 36.16 2.12
C MET A 187 29.72 34.70 2.57
N PRO A 188 29.38 34.45 3.86
CA PRO A 188 29.45 33.11 4.44
C PRO A 188 28.17 32.30 4.17
N CYS A 189 27.92 32.02 2.91
CA CYS A 189 26.69 31.45 2.35
C CYS A 189 26.66 29.95 2.66
N GLY A 190 25.45 29.41 2.67
CA GLY A 190 25.20 27.96 2.57
C GLY A 190 25.46 27.47 1.17
N ILE A 191 25.10 26.20 0.98
CA ILE A 191 25.36 25.40 -0.24
C ILE A 191 24.19 25.56 -1.20
N MET A 192 23.05 26.15 -0.83
CA MET A 192 21.84 26.04 -1.72
C MET A 192 22.17 26.50 -3.15
N ASP A 193 22.72 27.72 -3.29
CA ASP A 193 22.69 28.51 -4.54
C ASP A 193 23.65 27.84 -5.51
N GLN A 194 24.80 27.39 -5.04
CA GLN A 194 25.81 26.68 -5.87
C GLN A 194 25.20 25.35 -6.31
N PHE A 195 24.46 24.70 -5.43
CA PHE A 195 23.98 23.33 -5.66
C PHE A 195 22.94 23.37 -6.79
N ILE A 196 22.01 24.32 -6.69
CA ILE A 196 20.93 24.39 -7.71
C ILE A 196 21.51 24.85 -9.05
N SER A 197 22.53 25.71 -9.05
CA SER A 197 23.14 26.19 -10.31
C SER A 197 23.84 25.02 -11.00
N LEU A 198 24.42 24.10 -10.22
CA LEU A 198 25.02 22.85 -10.71
C LEU A 198 23.96 21.88 -11.20
N MET A 199 22.87 21.69 -10.47
CA MET A 199 22.12 20.42 -10.59
C MET A 199 20.71 20.60 -11.10
N GLY A 200 20.25 21.83 -11.24
CA GLY A 200 18.91 22.10 -11.79
C GLY A 200 18.70 21.34 -13.08
N GLN A 201 17.47 20.94 -13.33
CA GLN A 201 17.07 20.25 -14.58
C GLN A 201 15.77 20.89 -15.06
N LYS A 202 15.66 21.18 -16.34
CA LYS A 202 14.42 21.73 -16.93
C LYS A 202 13.18 20.98 -16.37
N GLY A 203 12.10 21.70 -16.04
CA GLY A 203 10.82 21.08 -15.64
C GLY A 203 10.92 20.42 -14.27
N HIS A 204 11.85 20.84 -13.40
CA HIS A 204 12.04 20.24 -12.05
C HIS A 204 12.41 21.32 -11.04
N ALA A 205 11.85 21.24 -9.84
CA ALA A 205 12.48 21.80 -8.62
C ALA A 205 13.49 20.76 -8.13
N LEU A 206 14.41 21.17 -7.28
CA LEU A 206 15.45 20.34 -6.63
C LEU A 206 15.21 20.48 -5.13
N LEU A 207 14.69 19.43 -4.47
CA LEU A 207 14.66 19.31 -2.99
C LEU A 207 16.09 18.97 -2.55
N ILE A 208 16.72 19.83 -1.77
CA ILE A 208 18.09 19.54 -1.26
C ILE A 208 18.06 19.30 0.26
N ASP A 209 18.64 18.16 0.65
CA ASP A 209 18.97 17.80 2.05
C ASP A 209 20.40 18.23 2.33
N CYS A 210 20.55 19.35 3.04
CA CYS A 210 21.84 20.02 3.41
C CYS A 210 22.50 19.38 4.65
N ARG A 211 21.91 18.32 5.20
CA ARG A 211 22.63 17.43 6.17
C ARG A 211 23.28 16.29 5.39
N SER A 212 22.47 15.55 4.64
CA SER A 212 22.92 14.29 4.00
C SER A 212 23.53 14.64 2.65
N LEU A 213 23.07 15.74 2.05
CA LEU A 213 23.42 16.15 0.68
C LEU A 213 22.77 15.20 -0.31
N GLU A 214 21.74 14.47 0.11
CA GLU A 214 20.87 13.75 -0.85
C GLU A 214 20.08 14.86 -1.58
N THR A 215 19.76 14.64 -2.84
CA THR A 215 18.97 15.59 -3.65
C THR A 215 17.87 14.84 -4.38
N SER A 216 16.70 15.47 -4.55
CA SER A 216 15.62 14.87 -5.37
C SER A 216 15.12 15.85 -6.41
N LEU A 217 14.99 15.36 -7.64
CA LEU A 217 14.43 16.11 -8.79
C LEU A 217 12.93 15.90 -8.80
N VAL A 218 12.17 16.91 -8.40
CA VAL A 218 10.70 16.88 -8.21
C VAL A 218 10.08 17.48 -9.47
N PRO A 219 9.37 16.68 -10.28
CA PRO A 219 8.76 17.21 -11.49
C PRO A 219 7.90 18.42 -11.16
N LEU A 220 8.11 19.52 -11.89
CA LEU A 220 7.26 20.74 -11.91
C LEU A 220 6.67 20.85 -13.32
N SER A 221 6.12 19.75 -13.82
CA SER A 221 5.50 19.58 -15.17
C SER A 221 4.34 20.58 -15.36
N ASP A 222 3.16 20.24 -14.81
CA ASP A 222 1.85 20.95 -14.97
C ASP A 222 2.00 22.36 -15.55
N PRO A 223 1.50 22.60 -16.79
CA PRO A 223 1.64 23.90 -17.46
C PRO A 223 0.56 24.90 -17.00
N LYS A 224 -0.39 24.44 -16.20
CA LYS A 224 -1.36 25.26 -15.43
C LYS A 224 -0.60 26.22 -14.48
N LEU A 225 0.41 25.75 -13.74
CA LEU A 225 1.13 26.51 -12.68
C LEU A 225 2.22 27.37 -13.32
N ALA A 226 2.30 28.64 -12.91
CA ALA A 226 3.40 29.57 -13.26
C ALA A 226 4.12 30.02 -11.99
N VAL A 227 5.41 30.37 -12.11
CA VAL A 227 6.21 31.01 -11.04
C VAL A 227 6.57 32.40 -11.54
N LEU A 228 5.90 33.43 -10.99
CA LEU A 228 6.19 34.88 -11.20
C LEU A 228 7.22 35.32 -10.14
N ILE A 229 8.36 35.77 -10.63
CA ILE A 229 9.43 36.38 -9.81
C ILE A 229 9.34 37.89 -10.01
N THR A 230 9.24 38.66 -8.93
CA THR A 230 9.21 40.15 -9.02
C THR A 230 10.39 40.73 -8.22
N ASN A 231 11.26 41.43 -8.93
CA ASN A 231 12.36 42.20 -8.36
C ASN A 231 11.76 43.47 -7.73
N SER A 232 12.04 43.68 -6.44
CA SER A 232 11.73 44.93 -5.68
C SER A 232 12.59 46.08 -6.22
N ASN A 233 13.79 45.74 -6.68
CA ASN A 233 14.79 46.74 -7.15
C ASN A 233 15.23 47.57 -5.94
N VAL A 234 15.32 46.92 -4.77
CA VAL A 234 15.99 47.43 -3.55
C VAL A 234 17.01 46.40 -3.07
N ARG A 235 18.04 46.90 -2.40
CA ARG A 235 19.00 46.15 -1.54
C ARG A 235 19.33 47.10 -0.37
N HIS A 236 18.85 46.78 0.84
CA HIS A 236 19.17 47.52 2.10
C HIS A 236 20.60 47.16 2.56
N SER A 237 21.28 48.14 3.17
CA SER A 237 22.54 48.03 3.97
C SER A 237 22.54 46.72 4.78
N LEU A 238 21.47 46.51 5.57
CA LEU A 238 21.28 45.40 6.55
C LEU A 238 21.60 44.02 5.93
N ALA A 239 21.36 43.86 4.62
CA ALA A 239 21.60 42.59 3.86
C ALA A 239 23.00 42.04 4.18
N SER A 240 24.04 42.64 3.58
CA SER A 240 25.47 42.26 3.69
C SER A 240 25.87 42.12 5.16
N SER A 241 25.16 42.78 6.09
CA SER A 241 25.56 42.88 7.52
C SER A 241 24.84 41.83 8.38
N GLU A 242 23.53 41.62 8.20
CA GLU A 242 22.72 40.83 9.16
C GLU A 242 22.77 39.32 8.86
N TYR A 243 23.09 38.93 7.62
CA TYR A 243 23.15 37.51 7.18
C TYR A 243 24.11 36.74 8.09
N PRO A 244 25.39 37.13 8.24
CA PRO A 244 26.26 36.43 9.20
C PRO A 244 25.73 36.49 10.64
N VAL A 245 25.05 37.58 11.01
CA VAL A 245 24.52 37.76 12.41
C VAL A 245 23.51 36.63 12.65
N ARG A 246 22.54 36.48 11.74
CA ARG A 246 21.50 35.42 11.79
C ARG A 246 22.16 34.04 11.86
N ARG A 247 23.14 33.83 10.99
CA ARG A 247 23.88 32.55 10.94
C ARG A 247 24.40 32.31 12.36
N ARG A 248 25.20 33.23 12.89
CA ARG A 248 25.84 33.14 14.23
C ARG A 248 24.80 32.88 15.34
N GLN A 249 23.62 33.47 15.21
CA GLN A 249 22.51 33.38 16.21
C GLN A 249 22.08 31.91 16.25
N CYS A 250 21.75 31.36 15.09
CA CYS A 250 21.38 29.94 14.87
C CYS A 250 22.40 29.02 15.53
N GLU A 251 23.69 29.33 15.40
CA GLU A 251 24.78 28.45 15.88
C GLU A 251 24.73 28.43 17.41
N GLU A 252 24.14 29.44 18.06
CA GLU A 252 24.04 29.53 19.56
C GLU A 252 22.78 28.83 20.08
N VAL A 253 21.64 28.98 19.40
CA VAL A 253 20.39 28.23 19.74
C VAL A 253 20.70 26.73 19.64
N ALA A 254 21.53 26.32 18.66
CA ALA A 254 22.05 24.95 18.44
C ALA A 254 23.02 24.53 19.55
N ARG A 255 24.08 25.31 19.79
CA ARG A 255 25.06 25.07 20.89
C ARG A 255 24.34 25.00 22.25
N ALA A 256 23.40 25.89 22.53
CA ALA A 256 22.67 25.96 23.83
C ALA A 256 21.84 24.69 24.06
N LEU A 257 21.24 24.14 23.00
CA LEU A 257 20.26 23.02 23.08
C LEU A 257 21.00 21.68 22.88
N GLY A 258 22.33 21.68 22.89
CA GLY A 258 23.14 20.46 22.67
C GLY A 258 22.67 19.73 21.42
N ALA A 259 22.47 20.48 20.33
CA ALA A 259 22.13 19.98 18.98
C ALA A 259 23.27 20.39 18.05
N ALA A 260 23.77 19.50 17.19
CA ALA A 260 24.93 19.77 16.29
C ALA A 260 24.51 20.68 15.11
N SER A 261 23.19 20.87 14.97
CA SER A 261 22.52 21.74 13.97
C SER A 261 21.07 21.82 14.41
N LEU A 262 20.32 22.81 13.93
CA LEU A 262 18.87 22.93 14.17
C LEU A 262 18.09 21.86 13.38
N ARG A 263 18.67 21.19 12.39
CA ARG A 263 17.99 20.08 11.70
C ARG A 263 17.47 19.10 12.76
N GLU A 264 18.38 18.75 13.70
CA GLU A 264 18.19 17.74 14.78
C GLU A 264 17.10 18.24 15.74
N VAL A 265 17.10 19.52 16.11
CA VAL A 265 16.07 20.15 17.00
C VAL A 265 14.72 20.17 16.27
N GLN A 266 13.65 19.68 16.92
CA GLN A 266 12.23 19.79 16.49
C GLN A 266 11.42 20.76 17.44
N LEU A 267 10.36 21.35 16.80
CA LEU A 267 9.57 22.47 17.34
C LEU A 267 9.14 22.13 18.78
N GLU A 268 8.63 20.90 19.02
CA GLU A 268 8.22 20.41 20.38
C GLU A 268 9.40 20.61 21.34
N GLU A 269 10.63 20.32 20.88
CA GLU A 269 11.88 20.52 21.66
C GLU A 269 12.10 22.02 21.92
N LEU A 270 12.11 22.87 20.87
CA LEU A 270 12.44 24.32 21.07
C LEU A 270 11.45 24.92 22.09
N GLU A 271 10.15 24.59 21.99
CA GLU A 271 9.06 25.22 22.80
C GLU A 271 9.32 24.97 24.30
N ALA A 272 9.78 23.76 24.62
CA ALA A 272 10.12 23.29 25.99
C ALA A 272 11.59 23.57 26.29
N ALA A 273 12.24 24.46 25.54
CA ALA A 273 13.66 24.86 25.69
C ALA A 273 13.79 26.38 25.79
N ARG A 274 12.65 27.08 25.81
CA ARG A 274 12.51 28.57 25.80
C ARG A 274 13.56 29.20 26.72
N ASP A 275 13.72 28.67 27.95
CA ASP A 275 14.51 29.31 29.03
C ASP A 275 16.01 29.28 28.65
N LEU A 276 16.48 28.27 27.91
CA LEU A 276 17.93 28.09 27.63
C LEU A 276 18.44 29.09 26.56
N VAL A 277 17.62 29.99 26.01
CA VAL A 277 17.98 30.89 24.85
C VAL A 277 17.10 32.15 24.89
N SER A 278 17.44 33.17 24.08
CA SER A 278 16.88 34.56 24.05
C SER A 278 15.59 34.64 23.22
N LYS A 279 14.75 35.67 23.48
CA LYS A 279 13.43 35.89 22.80
C LYS A 279 13.63 35.99 21.27
N GLU A 280 14.61 36.77 20.83
CA GLU A 280 14.88 36.90 19.38
C GLU A 280 15.63 35.64 18.89
N GLY A 281 16.48 35.03 19.73
CA GLY A 281 17.14 33.74 19.47
C GLY A 281 16.10 32.63 19.27
N PHE A 282 15.26 32.39 20.28
CA PHE A 282 14.17 31.38 20.24
C PHE A 282 13.33 31.63 18.96
N ARG A 283 13.03 32.90 18.67
CA ARG A 283 12.23 33.30 17.48
C ARG A 283 12.99 32.97 16.18
N ARG A 284 14.32 33.00 16.18
CA ARG A 284 15.11 32.68 14.96
C ARG A 284 14.85 31.20 14.63
N ALA A 285 14.76 30.35 15.65
CA ALA A 285 14.49 28.90 15.52
C ALA A 285 13.02 28.65 15.14
N ARG A 286 12.04 29.29 15.80
CA ARG A 286 10.61 29.00 15.48
C ARG A 286 10.56 29.04 13.94
N HIS A 287 11.30 29.98 13.34
CA HIS A 287 11.47 30.06 11.87
C HIS A 287 12.24 28.85 11.30
N VAL A 288 13.49 28.59 11.74
CA VAL A 288 14.43 27.62 11.07
C VAL A 288 13.91 26.21 11.26
N VAL A 289 13.82 25.78 12.54
CA VAL A 289 13.48 24.41 13.02
C VAL A 289 12.04 24.11 12.51
N GLY A 290 11.21 25.19 12.63
CA GLY A 290 9.92 25.29 11.91
C GLY A 290 10.11 25.13 10.42
N GLU A 291 10.98 25.95 9.77
CA GLU A 291 10.99 26.17 8.29
C GLU A 291 11.18 24.80 7.59
N ILE A 292 12.25 24.13 8.09
CA ILE A 292 12.67 22.75 7.70
C ILE A 292 11.41 21.90 7.58
N ARG A 293 10.57 21.93 8.62
CA ARG A 293 9.45 20.98 8.87
C ARG A 293 8.17 21.49 8.21
N ARG A 294 8.34 22.15 7.04
CA ARG A 294 7.32 22.68 6.09
C ARG A 294 7.85 22.75 4.63
N THR A 295 9.17 22.71 4.41
CA THR A 295 9.72 22.51 3.03
C THR A 295 9.40 21.03 2.73
N ALA A 296 9.72 20.13 3.67
CA ALA A 296 9.28 18.70 3.68
C ALA A 296 7.79 18.57 3.27
N GLN A 297 6.90 19.29 3.95
CA GLN A 297 5.45 19.28 3.62
C GLN A 297 5.27 19.89 2.24
N ALA A 298 5.97 20.97 1.88
CA ALA A 298 5.83 21.60 0.54
C ALA A 298 6.30 20.60 -0.53
N ALA A 299 7.40 19.89 -0.24
CA ALA A 299 7.95 18.83 -1.13
C ALA A 299 6.87 17.78 -1.37
N ALA A 300 6.41 17.17 -0.28
CA ALA A 300 5.34 16.12 -0.29
C ALA A 300 4.05 16.67 -0.92
N ALA A 301 3.82 17.99 -0.86
CA ALA A 301 2.62 18.64 -1.44
C ALA A 301 2.79 18.86 -2.96
N LEU A 302 3.95 19.32 -3.45
CA LEU A 302 4.21 19.50 -4.93
C LEU A 302 4.00 18.14 -5.66
N ARG A 303 4.42 17.03 -5.02
CA ARG A 303 4.35 15.65 -5.60
C ARG A 303 2.89 15.27 -5.82
N ARG A 304 2.10 15.42 -4.77
CA ARG A 304 0.62 15.30 -4.78
C ARG A 304 -0.02 16.36 -5.71
N GLY A 305 0.71 17.36 -6.22
CA GLY A 305 0.15 18.40 -7.11
C GLY A 305 -0.88 19.29 -6.41
N ASP A 306 -0.79 19.35 -5.07
CA ASP A 306 -1.85 19.83 -4.14
C ASP A 306 -2.00 21.36 -4.23
N TYR A 307 -0.86 22.06 -4.04
CA TYR A 307 -0.57 23.47 -4.42
C TYR A 307 -0.91 24.45 -3.27
N ARG A 308 -2.21 24.57 -2.96
CA ARG A 308 -2.75 24.96 -1.64
C ARG A 308 -2.12 24.00 -0.62
N ALA A 309 -1.56 24.51 0.48
CA ALA A 309 -0.66 23.81 1.43
C ALA A 309 0.80 24.23 1.14
N PHE A 310 1.37 23.93 -0.03
CA PHE A 310 2.68 24.54 -0.38
C PHE A 310 2.52 26.04 -0.08
N GLY A 311 1.67 26.71 -0.88
CA GLY A 311 0.90 27.93 -0.52
C GLY A 311 0.86 28.24 0.97
N ARG A 312 -0.04 27.63 1.73
CA ARG A 312 -0.17 27.93 3.19
C ARG A 312 1.25 27.90 3.78
N LEU A 313 2.02 26.84 3.50
CA LEU A 313 3.32 26.59 4.19
C LEU A 313 4.29 27.70 3.73
N MET A 314 4.01 28.24 2.51
CA MET A 314 4.70 29.33 1.76
C MET A 314 4.47 30.67 2.43
N VAL A 315 3.20 31.09 2.52
CA VAL A 315 2.82 32.37 3.16
C VAL A 315 3.24 32.25 4.62
N GLU A 316 3.14 31.07 5.19
CA GLU A 316 3.65 30.79 6.56
C GLU A 316 5.17 31.01 6.58
N SER A 317 5.86 30.85 5.45
CA SER A 317 7.33 31.02 5.32
C SER A 317 7.67 32.51 5.34
N HIS A 318 6.99 33.29 4.47
CA HIS A 318 7.09 34.76 4.46
C HIS A 318 6.80 35.29 5.86
N ARG A 319 5.59 35.03 6.41
CA ARG A 319 5.18 35.61 7.72
C ARG A 319 6.29 35.31 8.73
N SER A 320 6.81 34.09 8.73
CA SER A 320 7.90 33.64 9.64
C SER A 320 9.19 34.39 9.28
N LEU A 321 9.50 34.57 7.99
CA LEU A 321 10.70 35.36 7.60
C LEU A 321 10.54 36.81 8.10
N ARG A 322 9.35 37.40 7.96
CA ARG A 322 9.04 38.82 8.31
C ARG A 322 9.11 39.04 9.84
N ASP A 323 8.43 38.21 10.63
CA ASP A 323 8.21 38.44 12.09
C ASP A 323 9.26 37.71 12.93
N ASP A 324 9.62 36.47 12.59
CA ASP A 324 10.51 35.65 13.44
C ASP A 324 11.96 35.80 12.99
N TYR A 325 12.25 35.69 11.70
CA TYR A 325 13.66 35.74 11.24
C TYR A 325 14.05 37.20 11.03
N GLU A 326 13.05 38.08 10.86
CA GLU A 326 13.24 39.55 10.63
C GLU A 326 14.23 39.79 9.49
N VAL A 327 13.95 39.26 8.32
CA VAL A 327 14.86 39.38 7.16
C VAL A 327 14.00 39.71 5.93
N SER A 328 12.75 40.12 6.13
CA SER A 328 11.96 40.78 5.07
C SER A 328 12.26 42.28 5.14
N CYS A 329 11.57 43.07 4.31
CA CYS A 329 11.63 44.54 4.31
C CYS A 329 10.30 45.05 3.78
N PRO A 330 9.88 46.28 4.14
CA PRO A 330 8.57 46.79 3.79
C PRO A 330 8.27 46.56 2.31
N GLU A 331 9.24 46.72 1.43
CA GLU A 331 9.07 46.48 -0.03
C GLU A 331 8.63 45.02 -0.28
N LEU A 332 9.36 44.05 0.27
CA LEU A 332 8.99 42.62 0.13
C LEU A 332 7.61 42.42 0.77
N ASP A 333 7.41 42.93 1.99
CA ASP A 333 6.11 42.76 2.71
C ASP A 333 4.98 43.30 1.83
N GLN A 334 5.14 44.46 1.20
CA GLN A 334 4.06 45.08 0.40
C GLN A 334 3.87 44.22 -0.86
N LEU A 335 4.94 43.73 -1.50
CA LEU A 335 4.80 42.82 -2.68
C LEU A 335 4.09 41.50 -2.30
N VAL A 336 4.53 40.79 -1.26
CA VAL A 336 3.91 39.50 -0.84
C VAL A 336 2.43 39.78 -0.53
N GLU A 337 2.15 40.58 0.51
CA GLU A 337 0.76 40.93 0.96
C GLU A 337 -0.06 41.43 -0.24
N ALA A 338 0.57 42.03 -1.25
CA ALA A 338 -0.12 42.53 -2.47
C ALA A 338 -0.58 41.33 -3.31
N ALA A 339 0.36 40.51 -3.79
CA ALA A 339 0.03 39.32 -4.60
C ALA A 339 -0.95 38.39 -3.85
N LEU A 340 -0.79 38.22 -2.52
CA LEU A 340 -1.43 37.18 -1.67
C LEU A 340 -2.94 37.44 -1.56
N ALA A 341 -3.44 38.55 -2.12
CA ALA A 341 -4.87 38.93 -2.09
C ALA A 341 -5.51 38.74 -3.47
N VAL A 342 -4.72 38.36 -4.48
CA VAL A 342 -5.18 38.06 -5.88
C VAL A 342 -5.63 36.60 -5.95
N PRO A 343 -6.93 36.30 -6.17
CA PRO A 343 -7.41 34.92 -6.25
C PRO A 343 -6.62 34.08 -7.28
N GLY A 344 -6.25 32.86 -6.91
CA GLY A 344 -5.46 31.90 -7.72
C GLY A 344 -4.00 31.86 -7.32
N VAL A 345 -3.54 32.85 -6.55
CA VAL A 345 -2.18 32.82 -5.92
C VAL A 345 -2.28 31.84 -4.74
N TYR A 346 -1.49 30.76 -4.76
CA TYR A 346 -1.39 29.78 -3.65
C TYR A 346 -0.61 30.38 -2.48
N GLY A 347 0.41 31.17 -2.85
CA GLY A 347 1.39 31.78 -1.94
C GLY A 347 2.26 32.81 -2.66
N SER A 348 2.80 33.73 -1.88
CA SER A 348 3.93 34.58 -2.30
C SER A 348 4.78 34.84 -1.06
N ARG A 349 6.07 35.01 -1.27
CA ARG A 349 7.05 35.16 -0.18
C ARG A 349 8.29 35.83 -0.74
N MET A 350 9.04 36.48 0.14
CA MET A 350 10.45 36.83 -0.13
C MET A 350 11.14 35.53 -0.51
N THR A 351 12.17 35.64 -1.35
CA THR A 351 13.01 34.49 -1.71
C THR A 351 14.46 34.91 -1.54
N GLY A 352 15.37 33.96 -1.33
CA GLY A 352 16.78 34.24 -1.03
C GLY A 352 16.96 34.93 0.30
N GLY A 353 18.02 35.74 0.42
CA GLY A 353 18.57 36.20 1.71
C GLY A 353 17.72 37.27 2.30
N GLY A 354 16.95 37.96 1.46
CA GLY A 354 16.04 39.01 1.95
C GLY A 354 16.70 40.39 2.04
N PHE A 355 16.13 41.26 2.87
CA PHE A 355 16.42 42.71 2.99
C PHE A 355 16.28 43.43 1.64
N GLY A 356 15.53 42.84 0.70
CA GLY A 356 15.44 43.32 -0.70
C GLY A 356 15.45 42.18 -1.68
N GLY A 357 15.68 42.46 -2.97
CA GLY A 357 15.65 41.45 -4.05
C GLY A 357 14.23 41.11 -4.47
N CYS A 358 14.00 39.82 -4.71
CA CYS A 358 12.79 39.29 -5.40
C CYS A 358 11.83 38.62 -4.43
N THR A 359 10.57 38.60 -4.83
CA THR A 359 9.53 37.70 -4.28
C THR A 359 9.27 36.65 -5.36
N VAL A 360 8.55 35.59 -4.98
CA VAL A 360 8.18 34.45 -5.85
C VAL A 360 6.69 34.17 -5.64
N THR A 361 5.91 34.25 -6.72
CA THR A 361 4.43 34.12 -6.74
C THR A 361 4.09 32.81 -7.47
N LEU A 362 3.47 31.85 -6.79
CA LEU A 362 2.97 30.60 -7.43
C LEU A 362 1.52 30.83 -7.88
N LEU A 363 1.31 31.34 -9.11
CA LEU A 363 -0.03 31.74 -9.66
C LEU A 363 -0.45 30.76 -10.77
N GLU A 364 -1.64 30.97 -11.37
CA GLU A 364 -2.16 30.24 -12.57
C GLU A 364 -1.90 31.09 -13.80
N ALA A 365 -1.26 30.53 -14.84
CA ALA A 365 -0.66 31.23 -16.00
C ALA A 365 -1.63 32.24 -16.63
N SER A 366 -2.92 31.87 -16.77
CA SER A 366 -4.04 32.69 -17.31
C SER A 366 -4.03 34.12 -16.75
N ALA A 367 -3.68 34.31 -15.47
CA ALA A 367 -3.76 35.61 -14.73
C ALA A 367 -2.44 36.39 -14.78
N ALA A 368 -1.45 35.96 -15.56
CA ALA A 368 -0.10 36.58 -15.54
C ALA A 368 -0.18 38.01 -16.08
N PRO A 369 -0.87 38.26 -17.23
CA PRO A 369 -0.99 39.63 -17.75
C PRO A 369 -1.59 40.62 -16.74
N HIS A 370 -2.57 40.23 -15.92
CA HIS A 370 -3.30 41.15 -15.00
C HIS A 370 -2.47 41.42 -13.73
N ALA A 371 -1.79 40.40 -13.17
CA ALA A 371 -0.87 40.53 -12.00
C ALA A 371 0.23 41.60 -12.25
N MET A 372 0.90 41.52 -13.41
CA MET A 372 1.98 42.46 -13.86
C MET A 372 1.43 43.87 -14.15
N ARG A 373 0.16 44.00 -14.53
CA ARG A 373 -0.56 45.31 -14.56
C ARG A 373 -0.63 45.81 -13.11
N HIS A 374 -1.32 45.01 -12.29
CA HIS A 374 -1.66 45.22 -10.87
C HIS A 374 -0.42 45.52 -10.01
N ILE A 375 0.55 44.60 -9.91
CA ILE A 375 1.76 44.81 -9.05
C ILE A 375 2.42 46.14 -9.44
N GLN A 376 2.71 46.41 -10.72
CA GLN A 376 3.39 47.67 -11.17
C GLN A 376 2.53 48.90 -10.81
N GLU A 377 1.21 48.77 -10.72
CA GLU A 377 0.30 49.91 -10.39
C GLU A 377 0.15 50.07 -8.86
N HIS A 378 0.45 49.01 -8.08
CA HIS A 378 0.20 48.89 -6.61
C HIS A 378 1.51 48.61 -5.83
N TYR A 379 2.68 48.82 -6.44
CA TYR A 379 4.01 48.75 -5.78
C TYR A 379 4.66 50.14 -5.78
N GLY A 380 5.01 50.67 -4.61
CA GLY A 380 5.70 51.98 -4.44
C GLY A 380 6.93 52.12 -5.33
N GLY A 381 7.78 51.08 -5.40
CA GLY A 381 9.03 51.08 -6.19
C GLY A 381 8.82 50.69 -7.64
N THR A 382 9.92 50.32 -8.33
CA THR A 382 10.00 49.86 -9.74
C THR A 382 9.97 48.31 -9.74
N ALA A 383 8.93 47.69 -10.31
CA ALA A 383 8.85 46.23 -10.45
C ALA A 383 9.48 45.78 -11.77
N THR A 384 10.33 44.75 -11.73
CA THR A 384 10.69 43.94 -12.90
C THR A 384 10.13 42.53 -12.69
N PHE A 385 9.55 41.92 -13.73
CA PHE A 385 9.01 40.54 -13.63
C PHE A 385 9.79 39.59 -14.52
N TYR A 386 9.91 38.38 -14.02
CA TYR A 386 10.30 37.17 -14.76
C TYR A 386 9.18 36.14 -14.61
N LEU A 387 8.66 35.64 -15.73
CA LEU A 387 7.77 34.44 -15.76
C LEU A 387 8.66 33.24 -16.11
N SER A 388 9.06 32.48 -15.09
CA SER A 388 10.22 31.56 -15.15
C SER A 388 9.77 30.11 -15.32
N GLN A 389 10.18 29.44 -16.41
CA GLN A 389 10.13 27.97 -16.53
C GLN A 389 11.20 27.47 -15.55
N ALA A 390 11.08 26.27 -15.00
CA ALA A 390 12.16 25.62 -14.22
C ALA A 390 13.20 25.16 -15.23
N ALA A 391 14.49 25.39 -15.02
CA ALA A 391 15.49 25.30 -16.11
C ALA A 391 16.62 24.34 -15.76
N ASP A 392 17.43 24.09 -16.78
CA ASP A 392 18.68 23.31 -16.68
C ASP A 392 19.70 24.02 -15.79
N GLY A 393 20.56 23.23 -15.17
CA GLY A 393 21.72 23.73 -14.41
C GLY A 393 22.91 23.93 -15.37
N ALA A 394 24.13 23.68 -14.91
CA ALA A 394 25.38 24.03 -15.63
C ALA A 394 25.42 23.27 -16.96
N LYS A 395 25.79 23.92 -18.06
CA LYS A 395 25.85 23.27 -19.39
C LYS A 395 27.08 23.71 -20.16
N VAL A 396 27.49 22.90 -21.11
CA VAL A 396 28.69 23.12 -21.98
C VAL A 396 28.17 23.09 -23.42
N LEU A 397 28.71 23.97 -24.25
CA LEU A 397 28.59 23.82 -25.73
C LEU A 397 29.97 24.08 -26.31
N CYS A 398 30.54 23.07 -26.96
CA CYS A 398 31.80 23.17 -27.75
C CYS A 398 31.44 24.01 -28.97
N LEU A 399 32.32 24.93 -29.36
CA LEU A 399 32.05 25.97 -30.41
C LEU A 399 32.96 25.77 -31.63
N ALA B 10 41.88 -11.72 -14.61
CA ALA B 10 40.51 -12.04 -14.04
C ALA B 10 39.70 -10.75 -13.86
N LEU B 11 40.26 -9.75 -13.16
CA LEU B 11 39.67 -8.39 -12.97
C LEU B 11 40.00 -7.52 -14.18
N ARG B 12 38.97 -6.92 -14.80
CA ARG B 12 39.11 -6.01 -15.96
C ARG B 12 39.17 -4.55 -15.45
N GLN B 13 40.28 -3.85 -15.71
CA GLN B 13 40.62 -2.52 -15.12
C GLN B 13 40.00 -1.41 -15.99
N PRO B 14 39.21 -0.49 -15.42
CA PRO B 14 38.40 0.45 -16.22
C PRO B 14 39.16 1.24 -17.31
N GLN B 15 40.18 2.02 -16.94
CA GLN B 15 41.11 2.75 -17.87
C GLN B 15 40.35 3.70 -18.79
N VAL B 16 39.78 4.78 -18.25
CA VAL B 16 38.98 5.76 -19.04
C VAL B 16 39.93 6.61 -19.91
N ALA B 17 41.09 7.00 -19.38
CA ALA B 17 42.14 7.75 -20.11
C ALA B 17 42.47 6.99 -21.40
N GLU B 18 42.73 5.68 -21.28
CA GLU B 18 43.06 4.74 -22.39
C GLU B 18 41.97 4.80 -23.48
N LEU B 19 40.69 4.72 -23.08
CA LEU B 19 39.54 4.62 -24.00
C LEU B 19 39.44 5.89 -24.88
N LEU B 20 39.61 7.08 -24.30
CA LEU B 20 39.41 8.34 -25.03
C LEU B 20 40.59 8.53 -25.98
N ALA B 21 41.81 8.31 -25.49
CA ALA B 21 43.04 8.17 -26.31
C ALA B 21 42.78 7.22 -27.49
N GLU B 22 42.38 5.96 -27.23
CA GLU B 22 42.15 4.93 -28.29
C GLU B 22 41.18 5.50 -29.33
N ALA B 23 40.08 6.13 -28.90
CA ALA B 23 39.09 6.77 -29.79
C ALA B 23 39.74 7.95 -30.57
N ARG B 24 40.70 8.64 -29.94
CA ARG B 24 41.41 9.79 -30.55
C ARG B 24 42.38 9.33 -31.66
N ARG B 25 43.25 8.34 -31.40
CA ARG B 25 44.16 7.66 -32.39
C ARG B 25 43.35 7.21 -33.61
N ALA B 26 42.23 6.49 -33.41
CA ALA B 26 41.35 5.97 -34.48
C ALA B 26 40.71 7.09 -35.32
N PHE B 27 40.02 8.08 -34.70
CA PHE B 27 39.34 9.17 -35.43
C PHE B 27 40.32 9.88 -36.39
N ARG B 28 41.55 10.16 -35.93
CA ARG B 28 42.55 10.97 -36.69
C ARG B 28 42.99 10.15 -37.91
N GLU B 29 43.31 8.87 -37.67
CA GLU B 29 43.66 7.87 -38.71
C GLU B 29 42.56 7.83 -39.80
N GLU B 30 41.29 7.69 -39.45
CA GLU B 30 40.20 7.36 -40.41
C GLU B 30 39.79 8.61 -41.21
N PHE B 31 39.62 9.76 -40.54
CA PHE B 31 38.94 10.96 -41.08
C PHE B 31 39.93 12.07 -41.43
N GLY B 32 41.21 11.88 -41.02
CA GLY B 32 42.36 12.71 -41.38
C GLY B 32 42.71 13.69 -40.27
N ALA B 33 41.68 14.22 -39.58
CA ALA B 33 41.72 15.45 -38.75
C ALA B 33 41.43 15.14 -37.28
N GLU B 34 41.81 16.05 -36.39
CA GLU B 34 41.57 15.97 -34.94
C GLU B 34 40.05 16.03 -34.72
N PRO B 35 39.52 15.16 -33.81
CA PRO B 35 38.12 15.23 -33.43
C PRO B 35 37.91 16.54 -32.66
N GLU B 36 36.77 17.20 -32.86
CA GLU B 36 36.43 18.47 -32.17
C GLU B 36 35.89 18.19 -30.77
N LEU B 37 35.12 17.10 -30.62
CA LEU B 37 34.26 16.81 -29.43
C LEU B 37 34.50 15.40 -28.90
N ALA B 38 34.41 15.27 -27.59
CA ALA B 38 34.29 13.96 -26.91
C ALA B 38 33.03 13.96 -26.06
N VAL B 39 32.24 12.89 -26.11
CA VAL B 39 31.17 12.64 -25.10
C VAL B 39 31.27 11.19 -24.60
N SER B 40 30.77 10.94 -23.39
CA SER B 40 30.69 9.57 -22.83
C SER B 40 29.33 9.37 -22.17
N ALA B 41 28.88 8.11 -22.14
CA ALA B 41 27.77 7.64 -21.27
C ALA B 41 28.10 6.26 -20.69
N PRO B 42 27.82 6.07 -19.38
CA PRO B 42 28.22 4.85 -18.68
C PRO B 42 27.21 3.72 -18.87
N GLY B 43 27.72 2.49 -18.72
CA GLY B 43 26.96 1.29 -18.34
C GLY B 43 26.44 1.41 -16.93
N ARG B 44 25.66 0.44 -16.49
CA ARG B 44 24.92 0.50 -15.19
C ARG B 44 24.73 -0.90 -14.60
N VAL B 45 24.67 -0.97 -13.27
CA VAL B 45 24.28 -2.16 -12.47
C VAL B 45 23.02 -1.71 -11.72
N ASN B 46 21.97 -2.51 -11.69
CA ASN B 46 20.80 -2.26 -10.80
C ASN B 46 21.11 -2.84 -9.43
N LEU B 47 21.22 -2.03 -8.39
CA LEU B 47 21.59 -2.58 -7.05
C LEU B 47 20.39 -3.44 -6.57
N ILE B 48 19.16 -3.00 -6.87
CA ILE B 48 17.91 -3.71 -6.47
C ILE B 48 16.73 -3.01 -7.10
N GLY B 49 15.65 -3.73 -7.33
CA GLY B 49 14.46 -3.23 -8.01
C GLY B 49 14.42 -3.79 -9.39
N GLU B 50 14.53 -5.11 -9.49
CA GLU B 50 14.56 -5.81 -10.80
C GLU B 50 13.13 -6.14 -11.22
N HIS B 51 12.80 -5.77 -12.46
CA HIS B 51 11.54 -6.00 -13.21
C HIS B 51 10.40 -5.24 -12.52
N THR B 52 10.71 -4.04 -12.02
CA THR B 52 9.75 -3.09 -11.42
C THR B 52 9.48 -1.94 -12.37
N ASP B 53 10.46 -1.57 -13.20
CA ASP B 53 10.45 -0.26 -13.90
C ASP B 53 9.21 -0.24 -14.80
N TYR B 54 8.95 -1.33 -15.50
CA TYR B 54 7.79 -1.41 -16.43
C TYR B 54 6.51 -1.62 -15.62
N ASN B 55 6.60 -1.71 -14.28
CA ASN B 55 5.47 -1.90 -13.32
C ASN B 55 5.23 -0.64 -12.47
N GLN B 56 5.79 0.50 -12.87
CA GLN B 56 5.72 1.82 -12.20
C GLN B 56 6.27 1.66 -10.79
N GLY B 57 7.35 0.90 -10.66
CA GLY B 57 7.98 0.58 -9.37
C GLY B 57 9.12 1.51 -9.08
N LEU B 58 9.96 1.12 -8.13
CA LEU B 58 11.21 1.77 -7.73
C LEU B 58 12.38 0.97 -8.28
N VAL B 59 13.38 1.64 -8.82
CA VAL B 59 14.66 0.96 -9.19
C VAL B 59 15.79 1.67 -8.46
N LEU B 60 16.87 0.99 -8.17
CA LEU B 60 17.98 1.63 -7.46
C LEU B 60 19.28 1.33 -8.21
N PRO B 61 19.42 1.89 -9.43
CA PRO B 61 20.65 1.67 -10.18
C PRO B 61 21.83 2.59 -9.83
N MET B 62 23.03 2.17 -10.26
CA MET B 62 24.34 2.84 -10.10
C MET B 62 24.96 2.93 -11.51
N ALA B 63 25.52 4.07 -11.89
CA ALA B 63 26.33 4.12 -13.13
C ALA B 63 27.69 3.48 -12.82
N LEU B 64 28.24 2.74 -13.78
CA LEU B 64 29.55 2.06 -13.67
C LEU B 64 30.67 2.89 -14.32
N GLU B 65 31.91 2.58 -13.92
CA GLU B 65 33.14 3.19 -14.48
C GLU B 65 33.39 2.71 -15.92
N LEU B 66 32.73 1.62 -16.33
CA LEU B 66 32.62 1.17 -17.75
C LEU B 66 31.73 2.13 -18.54
N MET B 67 32.08 2.45 -19.79
CA MET B 67 31.40 3.50 -20.60
C MET B 67 31.67 3.38 -22.12
N THR B 68 30.79 3.99 -22.90
CA THR B 68 30.89 4.27 -24.35
C THR B 68 31.32 5.74 -24.54
N VAL B 69 32.37 5.95 -25.33
CA VAL B 69 32.97 7.27 -25.70
C VAL B 69 32.69 7.45 -27.20
N LEU B 70 32.08 8.57 -27.56
CA LEU B 70 32.05 9.07 -28.95
C LEU B 70 33.15 10.14 -29.03
N VAL B 71 33.93 10.20 -30.10
CA VAL B 71 34.76 11.39 -30.39
C VAL B 71 34.43 11.77 -31.83
N GLY B 72 34.01 13.01 -32.06
CA GLY B 72 33.58 13.43 -33.40
C GLY B 72 33.65 14.92 -33.66
N SER B 73 33.09 15.31 -34.80
CA SER B 73 33.13 16.63 -35.47
C SER B 73 31.90 16.75 -36.37
N PRO B 74 31.19 17.90 -36.36
CA PRO B 74 30.06 18.13 -37.27
C PRO B 74 30.51 18.05 -38.75
N ARG B 75 29.55 18.06 -39.68
CA ARG B 75 29.79 18.10 -41.14
C ARG B 75 28.68 18.92 -41.82
N LYS B 76 29.08 19.71 -42.83
CA LYS B 76 28.22 20.27 -43.90
C LYS B 76 28.48 19.46 -45.21
N ASP B 77 28.74 18.14 -45.10
CA ASP B 77 28.70 17.18 -46.23
C ASP B 77 27.50 16.24 -46.08
N GLY B 78 26.57 16.55 -45.16
CA GLY B 78 25.22 15.93 -45.05
C GLY B 78 25.24 14.50 -44.51
N LEU B 79 26.39 13.83 -44.56
CA LEU B 79 26.52 12.39 -44.20
C LEU B 79 26.85 12.25 -42.71
N VAL B 80 26.44 11.11 -42.15
CA VAL B 80 26.81 10.54 -40.84
C VAL B 80 27.78 9.39 -41.11
N SER B 81 29.06 9.55 -40.72
CA SER B 81 30.16 8.60 -41.01
C SER B 81 30.72 8.02 -39.69
N LEU B 82 30.31 6.79 -39.31
CA LEU B 82 30.69 6.15 -38.04
C LEU B 82 31.77 5.10 -38.26
N LEU B 83 32.68 4.97 -37.29
CA LEU B 83 33.62 3.83 -37.13
C LEU B 83 33.58 3.38 -35.67
N THR B 84 33.61 2.07 -35.41
CA THR B 84 33.78 1.53 -34.03
C THR B 84 35.02 0.65 -33.97
N THR B 85 35.79 0.75 -32.87
CA THR B 85 36.91 -0.19 -32.52
C THR B 85 36.45 -1.21 -31.46
N SER B 86 35.18 -1.24 -31.08
CA SER B 86 34.66 -2.21 -30.07
C SER B 86 34.85 -3.62 -30.61
N GLU B 87 35.57 -4.48 -29.87
CA GLU B 87 35.69 -5.93 -30.16
C GLU B 87 34.34 -6.59 -29.84
N GLY B 88 33.84 -7.38 -30.80
CA GLY B 88 32.53 -8.06 -30.73
C GLY B 88 31.42 -7.27 -31.41
N ALA B 89 31.65 -6.02 -31.78
CA ALA B 89 30.75 -5.25 -32.67
C ALA B 89 30.59 -6.02 -33.99
N ASP B 90 29.39 -5.93 -34.58
CA ASP B 90 28.93 -6.59 -35.84
C ASP B 90 29.74 -6.05 -37.04
N GLU B 91 29.79 -6.74 -38.19
CA GLU B 91 30.46 -6.19 -39.40
C GLU B 91 29.43 -5.51 -40.32
N PRO B 92 29.80 -4.44 -41.06
CA PRO B 92 31.12 -3.80 -40.95
C PRO B 92 31.21 -2.86 -39.74
N GLN B 93 32.44 -2.47 -39.38
CA GLN B 93 32.77 -1.60 -38.22
C GLN B 93 32.86 -0.14 -38.66
N ARG B 94 32.96 0.13 -39.97
CA ARG B 94 32.95 1.47 -40.61
C ARG B 94 31.74 1.56 -41.55
N LEU B 95 30.89 2.59 -41.43
CA LEU B 95 29.78 2.82 -42.40
C LEU B 95 29.51 4.34 -42.58
N GLN B 96 29.08 4.74 -43.78
CA GLN B 96 28.60 6.10 -44.13
C GLN B 96 27.13 6.02 -44.58
N PHE B 97 26.23 6.83 -44.03
CA PHE B 97 24.80 6.90 -44.46
C PHE B 97 24.16 8.26 -44.17
N PRO B 98 23.04 8.62 -44.85
CA PRO B 98 22.56 10.01 -44.90
C PRO B 98 21.51 10.41 -43.86
N LEU B 99 21.56 11.66 -43.38
CA LEU B 99 20.57 12.23 -42.44
C LEU B 99 19.17 11.97 -42.98
N PRO B 100 18.21 11.48 -42.17
CA PRO B 100 16.86 11.22 -42.65
C PRO B 100 16.03 12.46 -43.00
N THR B 101 15.57 12.55 -44.26
CA THR B 101 14.50 13.46 -44.71
C THR B 101 13.20 13.08 -43.97
N ALA B 102 12.16 13.90 -44.11
CA ALA B 102 10.79 13.61 -43.64
C ALA B 102 10.21 12.54 -44.57
N GLN B 103 10.65 12.52 -45.84
CA GLN B 103 10.28 11.52 -46.89
C GLN B 103 10.78 10.13 -46.47
N ARG B 104 12.11 9.98 -46.37
CA ARG B 104 12.81 8.69 -46.11
C ARG B 104 13.44 8.69 -44.70
N SER B 105 12.61 8.41 -43.68
CA SER B 105 13.03 7.96 -42.32
C SER B 105 14.14 6.90 -42.44
N LEU B 106 15.05 6.82 -41.47
CA LEU B 106 16.06 5.73 -41.38
C LEU B 106 15.37 4.47 -40.85
N GLU B 107 15.74 3.30 -41.42
CA GLU B 107 15.22 1.96 -41.02
C GLU B 107 16.34 1.17 -40.33
N PRO B 108 16.00 0.26 -39.39
CA PRO B 108 17.00 -0.63 -38.80
C PRO B 108 17.52 -1.62 -39.85
N GLY B 109 18.72 -2.15 -39.65
CA GLY B 109 19.41 -3.02 -40.63
C GLY B 109 20.73 -3.53 -40.11
N THR B 110 21.77 -3.50 -40.96
CA THR B 110 23.11 -4.10 -40.75
C THR B 110 24.12 -2.97 -40.83
N PRO B 111 25.11 -2.86 -39.91
CA PRO B 111 25.28 -3.79 -38.80
C PRO B 111 24.29 -3.56 -37.64
N ARG B 112 24.05 -4.61 -36.84
CA ARG B 112 23.17 -4.58 -35.65
C ARG B 112 23.52 -3.35 -34.79
N TRP B 113 24.81 -3.09 -34.54
CA TRP B 113 25.30 -2.10 -33.54
C TRP B 113 24.91 -0.68 -33.93
N ALA B 114 24.93 -0.33 -35.22
CA ALA B 114 24.67 1.04 -35.74
C ALA B 114 23.17 1.42 -35.59
N ASN B 115 22.27 0.44 -35.42
CA ASN B 115 20.80 0.68 -35.28
C ASN B 115 20.51 1.49 -34.01
N TYR B 116 21.39 1.37 -33.02
CA TYR B 116 21.31 2.10 -31.73
C TYR B 116 21.46 3.59 -32.03
N VAL B 117 22.43 3.94 -32.86
CA VAL B 117 22.76 5.34 -33.29
C VAL B 117 21.61 5.86 -34.17
N LYS B 118 21.40 5.25 -35.34
CA LYS B 118 20.29 5.56 -36.27
C LYS B 118 18.97 5.75 -35.50
N GLY B 119 18.63 4.82 -34.61
CA GLY B 119 17.43 4.92 -33.74
C GLY B 119 17.35 6.24 -33.00
N VAL B 120 18.42 6.59 -32.28
CA VAL B 120 18.55 7.87 -31.55
C VAL B 120 18.49 9.05 -32.55
N ILE B 121 19.15 8.98 -33.71
CA ILE B 121 19.12 10.09 -34.72
C ILE B 121 17.67 10.41 -35.11
N GLN B 122 17.01 9.48 -35.80
CA GLN B 122 15.56 9.44 -36.17
C GLN B 122 14.63 10.15 -35.18
N TYR B 123 14.62 9.77 -33.90
CA TYR B 123 13.69 10.34 -32.89
C TYR B 123 14.31 11.55 -32.16
N TYR B 124 15.38 12.16 -32.70
CA TYR B 124 16.04 13.34 -32.09
C TYR B 124 15.14 14.56 -32.24
N PRO B 125 14.57 15.11 -31.15
CA PRO B 125 13.46 16.09 -31.22
C PRO B 125 13.74 17.52 -31.69
N ALA B 126 14.98 17.88 -32.03
CA ALA B 126 15.38 19.27 -32.35
C ALA B 126 16.14 19.35 -33.68
N ALA B 127 16.08 20.52 -34.30
CA ALA B 127 16.50 20.78 -35.69
C ALA B 127 17.05 22.20 -35.78
N PRO B 128 17.93 22.57 -36.74
CA PRO B 128 18.42 21.64 -37.76
C PRO B 128 19.56 20.80 -37.17
N LEU B 129 19.61 19.53 -37.56
CA LEU B 129 20.59 18.53 -37.06
C LEU B 129 21.54 18.20 -38.21
N PRO B 130 22.83 18.64 -38.15
CA PRO B 130 23.78 18.39 -39.21
C PRO B 130 24.27 16.94 -39.12
N GLY B 131 25.23 16.58 -39.96
CA GLY B 131 25.90 15.26 -39.89
C GLY B 131 27.26 15.41 -39.24
N PHE B 132 28.00 14.29 -39.11
CA PHE B 132 29.26 14.23 -38.36
C PHE B 132 30.09 13.00 -38.69
N SER B 133 31.43 13.14 -38.59
CA SER B 133 32.41 12.04 -38.37
C SER B 133 32.45 11.74 -36.87
N ALA B 134 32.38 10.47 -36.45
CA ALA B 134 32.50 10.01 -35.05
C ALA B 134 33.14 8.61 -34.99
N VAL B 135 34.08 8.39 -34.07
CA VAL B 135 34.57 7.03 -33.68
C VAL B 135 33.85 6.66 -32.36
N VAL B 136 33.29 5.44 -32.30
CA VAL B 136 32.64 4.84 -31.09
C VAL B 136 33.60 3.79 -30.50
N VAL B 137 33.89 3.90 -29.20
CA VAL B 137 34.62 2.89 -28.38
C VAL B 137 33.77 2.61 -27.14
N SER B 138 33.88 1.44 -26.52
CA SER B 138 33.20 1.14 -25.24
CA SER B 138 33.19 1.12 -25.25
C SER B 138 34.01 0.12 -24.43
N SER B 139 33.94 0.25 -23.11
CA SER B 139 34.46 -0.73 -22.14
C SER B 139 33.26 -1.51 -21.58
N VAL B 140 32.05 -1.27 -22.09
CA VAL B 140 30.84 -2.01 -21.63
C VAL B 140 30.75 -3.31 -22.40
N PRO B 141 30.80 -4.49 -21.72
CA PRO B 141 30.78 -5.78 -22.42
C PRO B 141 29.48 -5.83 -23.25
N LEU B 142 29.63 -5.95 -24.57
CA LEU B 142 28.52 -5.89 -25.55
C LEU B 142 27.55 -7.04 -25.24
N GLY B 143 26.33 -6.70 -24.79
CA GLY B 143 25.28 -7.64 -24.39
C GLY B 143 25.59 -8.47 -23.14
N GLY B 144 26.37 -7.99 -22.16
CA GLY B 144 26.71 -8.73 -20.91
C GLY B 144 25.83 -8.40 -19.71
N GLY B 145 24.73 -7.67 -19.89
CA GLY B 145 23.84 -7.33 -18.77
C GLY B 145 24.09 -5.97 -18.13
N LEU B 146 25.05 -5.15 -18.58
CA LEU B 146 25.36 -3.80 -17.99
C LEU B 146 24.95 -2.64 -18.92
N SER B 147 23.98 -2.87 -19.83
CA SER B 147 23.27 -1.88 -20.69
C SER B 147 24.26 -1.16 -21.61
N SER B 148 25.05 -1.92 -22.35
CA SER B 148 25.98 -1.37 -23.37
C SER B 148 25.17 -0.50 -24.33
N SER B 149 23.98 -0.99 -24.72
CA SER B 149 23.13 -0.38 -25.78
C SER B 149 22.59 0.96 -25.27
N ALA B 150 22.12 1.04 -24.04
CA ALA B 150 21.68 2.33 -23.48
C ALA B 150 22.90 3.27 -23.42
N SER B 151 24.07 2.76 -23.10
CA SER B 151 25.28 3.62 -23.04
C SER B 151 25.53 4.16 -24.45
N LEU B 152 25.41 3.33 -25.50
CA LEU B 152 25.63 3.83 -26.88
C LEU B 152 24.50 4.79 -27.26
N GLU B 153 23.25 4.49 -26.88
CA GLU B 153 22.10 5.38 -27.20
C GLU B 153 22.31 6.75 -26.53
N VAL B 154 22.71 6.77 -25.26
CA VAL B 154 22.77 8.04 -24.45
C VAL B 154 23.95 8.92 -24.92
N ALA B 155 25.08 8.31 -25.24
CA ALA B 155 26.29 9.02 -25.69
C ALA B 155 26.02 9.59 -27.07
N THR B 156 25.22 8.89 -27.87
CA THR B 156 24.80 9.32 -29.23
C THR B 156 24.01 10.61 -29.04
N TYR B 157 23.06 10.57 -28.09
CA TYR B 157 22.09 11.66 -27.77
C TYR B 157 22.87 12.94 -27.35
N THR B 158 23.74 12.73 -26.38
CA THR B 158 24.68 13.72 -25.80
C THR B 158 25.48 14.39 -26.92
N PHE B 159 26.03 13.61 -27.85
CA PHE B 159 26.78 14.11 -29.04
C PHE B 159 25.84 14.98 -29.88
N LEU B 160 24.61 14.52 -30.17
CA LEU B 160 23.65 15.28 -31.03
C LEU B 160 23.35 16.62 -30.33
N GLN B 161 23.27 16.59 -29.00
CA GLN B 161 23.06 17.79 -28.16
C GLN B 161 24.14 18.83 -28.50
N GLN B 162 25.38 18.43 -28.74
CA GLN B 162 26.47 19.38 -29.01
C GLN B 162 26.33 19.93 -30.43
N LEU B 163 25.71 19.16 -31.32
CA LEU B 163 25.56 19.53 -32.76
C LEU B 163 24.29 20.38 -32.89
N CYS B 164 23.28 20.07 -32.10
CA CYS B 164 21.99 20.78 -32.18
C CYS B 164 21.26 20.71 -30.85
N PRO B 165 21.57 21.66 -29.94
CA PRO B 165 20.99 21.67 -28.60
C PRO B 165 19.48 21.42 -28.65
N ASP B 166 18.97 20.54 -27.79
CA ASP B 166 17.53 20.26 -27.60
C ASP B 166 17.04 21.22 -26.51
N SER B 167 15.74 21.42 -26.32
CA SER B 167 15.25 22.23 -25.17
C SER B 167 14.37 21.32 -24.32
N GLY B 168 14.79 20.06 -24.19
CA GLY B 168 13.97 18.98 -23.63
C GLY B 168 14.36 18.69 -22.21
N THR B 169 13.68 17.71 -21.59
CA THR B 169 13.88 17.25 -20.20
C THR B 169 14.70 15.95 -20.21
N ILE B 170 15.15 15.53 -19.03
CA ILE B 170 15.83 14.22 -18.83
C ILE B 170 14.88 13.10 -19.24
N ALA B 171 13.59 13.14 -18.85
CA ALA B 171 12.64 12.02 -19.11
C ALA B 171 12.41 11.95 -20.62
N ALA B 172 12.25 13.10 -21.26
CA ALA B 172 12.12 13.17 -22.74
C ALA B 172 13.25 12.36 -23.40
N ARG B 173 14.52 12.60 -23.03
CA ARG B 173 15.71 12.04 -23.73
C ARG B 173 15.84 10.52 -23.44
N ALA B 174 15.59 10.10 -22.21
CA ALA B 174 15.49 8.68 -21.80
C ALA B 174 14.45 7.95 -22.66
N GLN B 175 13.28 8.58 -22.89
CA GLN B 175 12.16 8.00 -23.68
C GLN B 175 12.52 7.96 -25.17
N VAL B 176 13.46 8.80 -25.66
CA VAL B 176 13.93 8.83 -27.09
C VAL B 176 14.89 7.65 -27.30
N CYS B 177 15.81 7.45 -26.35
CA CYS B 177 16.76 6.33 -26.39
C CYS B 177 15.96 5.02 -26.27
N GLN B 178 14.83 5.07 -25.55
CA GLN B 178 13.95 3.92 -25.22
C GLN B 178 13.09 3.56 -26.44
N GLN B 179 12.46 4.54 -27.11
CA GLN B 179 11.80 4.34 -28.44
C GLN B 179 12.78 3.55 -29.33
N ALA B 180 14.03 4.04 -29.44
CA ALA B 180 15.12 3.51 -30.30
C ALA B 180 15.44 2.05 -29.95
N GLU B 181 15.57 1.76 -28.64
CA GLU B 181 15.74 0.39 -28.09
C GLU B 181 14.57 -0.50 -28.55
N HIS B 182 13.31 -0.08 -28.37
CA HIS B 182 12.09 -0.85 -28.77
C HIS B 182 12.04 -1.04 -30.29
N SER B 183 12.36 -0.01 -31.09
CA SER B 183 12.01 0.09 -32.54
C SER B 183 13.21 -0.08 -33.49
N PHE B 184 14.45 -0.22 -33.00
CA PHE B 184 15.65 -0.50 -33.84
C PHE B 184 16.51 -1.64 -33.24
N ALA B 185 16.20 -2.12 -32.04
CA ALA B 185 16.89 -3.29 -31.41
C ALA B 185 15.87 -4.31 -30.88
N GLY B 186 14.59 -4.16 -31.24
CA GLY B 186 13.43 -5.00 -30.83
C GLY B 186 13.32 -5.35 -29.35
N MET B 187 13.88 -4.57 -28.41
CA MET B 187 13.92 -4.92 -26.95
C MET B 187 13.05 -3.97 -26.11
N PRO B 188 11.78 -4.33 -25.79
CA PRO B 188 10.82 -3.43 -25.14
C PRO B 188 11.07 -3.13 -23.65
N CYS B 189 12.22 -2.49 -23.36
CA CYS B 189 12.76 -2.17 -22.01
C CYS B 189 11.91 -1.13 -21.26
N GLY B 190 11.98 -1.11 -19.93
CA GLY B 190 11.57 0.04 -19.10
C GLY B 190 12.53 1.20 -19.25
N ILE B 191 12.40 2.16 -18.33
CA ILE B 191 13.11 3.48 -18.26
C ILE B 191 14.53 3.27 -17.70
N MET B 192 14.72 2.36 -16.74
CA MET B 192 15.94 2.30 -15.89
C MET B 192 17.19 2.72 -16.69
N ASP B 193 17.55 1.94 -17.72
CA ASP B 193 18.91 1.87 -18.29
C ASP B 193 19.23 3.25 -18.88
N GLN B 194 18.27 3.84 -19.59
CA GLN B 194 18.51 5.10 -20.32
C GLN B 194 18.61 6.22 -19.27
N PHE B 195 17.80 6.15 -18.23
CA PHE B 195 17.74 7.16 -17.14
C PHE B 195 19.08 7.20 -16.40
N ILE B 196 19.59 6.04 -15.98
CA ILE B 196 20.83 5.98 -15.14
C ILE B 196 22.00 6.44 -16.02
N SER B 197 21.98 6.16 -17.30
CA SER B 197 23.09 6.51 -18.20
C SER B 197 23.19 8.04 -18.31
N LEU B 198 22.05 8.72 -18.32
CA LEU B 198 21.95 10.20 -18.32
C LEU B 198 22.23 10.78 -16.91
N MET B 199 21.70 10.20 -15.84
CA MET B 199 21.59 10.92 -14.54
C MET B 199 22.60 10.46 -13.47
N GLY B 200 23.45 9.48 -13.76
CA GLY B 200 24.38 9.01 -12.73
C GLY B 200 25.24 10.16 -12.26
N GLN B 201 25.66 10.10 -11.02
CA GLN B 201 26.70 11.00 -10.48
C GLN B 201 27.72 10.13 -9.73
N LYS B 202 29.00 10.50 -9.77
CA LYS B 202 30.06 9.81 -8.99
C LYS B 202 29.64 9.76 -7.52
N GLY B 203 29.91 8.67 -6.81
CA GLY B 203 29.64 8.60 -5.37
C GLY B 203 28.15 8.63 -4.99
N HIS B 204 27.26 8.26 -5.92
CA HIS B 204 25.79 8.25 -5.68
C HIS B 204 25.14 7.06 -6.37
N ALA B 205 24.09 6.54 -5.76
CA ALA B 205 23.14 5.62 -6.40
C ALA B 205 21.96 6.48 -6.81
N LEU B 206 21.18 6.06 -7.82
CA LEU B 206 19.97 6.80 -8.24
C LEU B 206 18.75 5.98 -7.79
N LEU B 207 17.82 6.57 -7.06
CA LEU B 207 16.50 5.94 -6.81
C LEU B 207 15.51 6.53 -7.80
N ILE B 208 14.89 5.75 -8.66
CA ILE B 208 13.92 6.27 -9.67
C ILE B 208 12.56 5.73 -9.35
N ASP B 209 11.65 6.64 -9.08
CA ASP B 209 10.23 6.29 -8.91
C ASP B 209 9.69 6.29 -10.34
N CYS B 210 9.40 5.10 -10.91
CA CYS B 210 9.00 4.97 -12.33
C CYS B 210 7.51 5.26 -12.46
N ARG B 211 6.84 5.68 -11.40
CA ARG B 211 5.45 6.18 -11.47
C ARG B 211 5.49 7.70 -11.67
N SER B 212 6.00 8.42 -10.66
CA SER B 212 6.08 9.90 -10.64
C SER B 212 7.26 10.40 -11.50
N LEU B 213 8.25 9.56 -11.81
CA LEU B 213 9.46 9.95 -12.56
C LEU B 213 10.34 10.88 -11.72
N GLU B 214 10.15 10.87 -10.41
CA GLU B 214 11.05 11.56 -9.46
C GLU B 214 12.33 10.74 -9.38
N THR B 215 13.45 11.41 -9.14
CA THR B 215 14.74 10.70 -9.04
C THR B 215 15.45 11.24 -7.83
N SER B 216 16.13 10.40 -7.09
CA SER B 216 16.94 10.91 -5.96
C SER B 216 18.39 10.48 -6.13
N LEU B 217 19.30 11.42 -5.94
CA LEU B 217 20.75 11.12 -5.90
C LEU B 217 21.11 10.81 -4.45
N VAL B 218 21.37 9.55 -4.16
CA VAL B 218 21.59 9.07 -2.78
C VAL B 218 23.09 8.92 -2.58
N PRO B 219 23.75 9.68 -1.69
CA PRO B 219 25.19 9.52 -1.50
C PRO B 219 25.55 8.10 -1.05
N LEU B 220 26.44 7.44 -1.78
CA LEU B 220 27.19 6.23 -1.39
C LEU B 220 28.38 6.67 -0.55
N SER B 221 28.12 6.80 0.77
CA SER B 221 29.05 7.28 1.82
C SER B 221 29.66 6.07 2.56
N ASP B 222 30.52 5.29 1.88
CA ASP B 222 31.59 4.49 2.54
C ASP B 222 32.64 4.03 1.53
N PRO B 223 33.87 4.58 1.58
CA PRO B 223 34.97 4.10 0.76
C PRO B 223 35.45 2.66 1.05
N LYS B 224 35.24 2.16 2.28
CA LYS B 224 35.55 0.77 2.69
C LYS B 224 34.40 -0.14 2.20
N LEU B 225 33.74 0.23 1.10
CA LEU B 225 32.66 -0.55 0.46
C LEU B 225 32.85 -0.56 -1.05
N ALA B 226 32.54 -1.67 -1.71
CA ALA B 226 32.60 -1.80 -3.18
C ALA B 226 31.45 -2.65 -3.69
N VAL B 227 31.22 -2.53 -4.99
CA VAL B 227 30.33 -3.37 -5.82
C VAL B 227 31.21 -4.22 -6.74
N LEU B 228 31.16 -5.54 -6.54
CA LEU B 228 31.77 -6.56 -7.45
C LEU B 228 30.70 -7.02 -8.45
N ILE B 229 30.92 -6.73 -9.73
CA ILE B 229 30.07 -7.23 -10.84
C ILE B 229 30.76 -8.47 -11.38
N THR B 230 30.03 -9.57 -11.43
CA THR B 230 30.51 -10.87 -11.96
C THR B 230 29.62 -11.19 -13.16
N ASN B 231 30.25 -11.23 -14.33
CA ASN B 231 29.64 -11.72 -15.58
C ASN B 231 29.85 -13.24 -15.61
N SER B 232 28.76 -13.98 -15.82
CA SER B 232 28.72 -15.44 -16.02
C SER B 232 29.30 -15.82 -17.38
N ASN B 233 29.32 -14.86 -18.32
CA ASN B 233 29.73 -15.00 -19.74
C ASN B 233 28.81 -16.02 -20.43
N VAL B 234 27.57 -16.08 -19.96
CA VAL B 234 26.45 -16.85 -20.59
C VAL B 234 25.30 -15.87 -20.95
N ARG B 235 24.71 -16.08 -22.13
CA ARG B 235 23.44 -15.47 -22.61
C ARG B 235 22.64 -16.60 -23.25
N HIS B 236 21.67 -17.14 -22.49
CA HIS B 236 20.65 -18.13 -22.95
C HIS B 236 19.70 -17.48 -23.95
N SER B 237 19.04 -18.31 -24.77
CA SER B 237 18.05 -17.87 -25.79
C SER B 237 16.77 -17.37 -25.08
N LEU B 238 16.52 -17.83 -23.84
CA LEU B 238 15.38 -17.41 -22.97
C LEU B 238 15.49 -15.92 -22.62
N ALA B 239 16.53 -15.21 -23.07
CA ALA B 239 16.73 -13.75 -22.91
C ALA B 239 15.67 -12.98 -23.72
N SER B 240 15.66 -13.20 -25.05
CA SER B 240 14.82 -12.47 -26.06
C SER B 240 13.35 -12.89 -25.98
N SER B 241 13.05 -14.17 -25.67
CA SER B 241 11.68 -14.72 -25.62
C SER B 241 10.93 -14.19 -24.39
N GLU B 242 11.49 -14.35 -23.17
CA GLU B 242 10.78 -14.31 -21.84
C GLU B 242 10.59 -12.88 -21.27
N TYR B 243 11.53 -11.94 -21.53
CA TYR B 243 11.46 -10.53 -21.06
C TYR B 243 10.04 -10.02 -21.35
N PRO B 244 9.60 -9.95 -22.64
CA PRO B 244 8.24 -9.54 -22.99
C PRO B 244 7.09 -10.45 -22.52
N VAL B 245 7.35 -11.74 -22.36
CA VAL B 245 6.34 -12.72 -21.83
C VAL B 245 5.92 -12.26 -20.43
N ARG B 246 6.88 -12.04 -19.52
CA ARG B 246 6.65 -11.59 -18.11
C ARG B 246 5.89 -10.26 -18.06
N ARG B 247 6.30 -9.30 -18.90
CA ARG B 247 5.67 -7.94 -18.96
C ARG B 247 4.18 -8.17 -19.23
N ARG B 248 3.86 -9.05 -20.20
CA ARG B 248 2.49 -9.59 -20.47
C ARG B 248 1.79 -9.94 -19.13
N GLN B 249 2.32 -10.90 -18.35
CA GLN B 249 1.66 -11.51 -17.15
C GLN B 249 1.32 -10.47 -16.06
N CYS B 250 2.22 -9.52 -15.79
CA CYS B 250 2.10 -8.50 -14.71
C CYS B 250 0.87 -7.61 -14.95
N GLU B 251 0.72 -7.18 -16.20
CA GLU B 251 -0.45 -6.42 -16.74
C GLU B 251 -1.74 -7.22 -16.43
N GLU B 252 -1.77 -8.53 -16.74
CA GLU B 252 -2.93 -9.43 -16.46
C GLU B 252 -3.41 -9.24 -15.01
N VAL B 253 -2.50 -9.29 -14.03
CA VAL B 253 -2.89 -9.38 -12.58
C VAL B 253 -3.42 -8.04 -12.08
N ALA B 254 -2.71 -6.93 -12.33
CA ALA B 254 -3.16 -5.57 -11.88
C ALA B 254 -4.56 -5.26 -12.43
N ARG B 255 -4.90 -5.79 -13.63
CA ARG B 255 -6.26 -5.70 -14.23
C ARG B 255 -7.21 -6.45 -13.27
N ALA B 256 -6.98 -7.76 -13.10
CA ALA B 256 -7.75 -8.69 -12.24
C ALA B 256 -8.05 -8.06 -10.87
N LEU B 257 -7.13 -7.24 -10.33
CA LEU B 257 -7.20 -6.66 -8.96
C LEU B 257 -7.64 -5.19 -9.01
N GLY B 258 -7.91 -4.66 -10.20
CA GLY B 258 -8.62 -3.38 -10.37
C GLY B 258 -7.74 -2.19 -10.02
N ALA B 259 -6.52 -2.19 -10.57
CA ALA B 259 -5.45 -1.21 -10.29
C ALA B 259 -4.66 -0.92 -11.57
N ALA B 260 -4.18 0.31 -11.72
CA ALA B 260 -3.51 0.77 -12.94
C ALA B 260 -2.21 -0.01 -13.13
N SER B 261 -1.48 -0.28 -12.03
CA SER B 261 -0.24 -1.11 -12.06
C SER B 261 0.00 -1.83 -10.73
N LEU B 262 0.94 -2.79 -10.70
CA LEU B 262 1.29 -3.54 -9.47
C LEU B 262 1.85 -2.58 -8.43
N ARG B 263 2.22 -1.35 -8.83
CA ARG B 263 2.60 -0.27 -7.88
C ARG B 263 1.42 0.05 -6.94
N GLU B 264 0.19 -0.10 -7.42
CA GLU B 264 -1.04 0.26 -6.67
C GLU B 264 -1.45 -0.89 -5.73
N VAL B 265 -0.84 -2.08 -5.91
CA VAL B 265 -1.18 -3.32 -5.17
C VAL B 265 -0.30 -3.49 -3.92
N GLN B 266 -0.92 -3.75 -2.76
CA GLN B 266 -0.23 -3.98 -1.46
C GLN B 266 0.00 -5.49 -1.37
N LEU B 267 1.14 -5.90 -0.81
CA LEU B 267 1.56 -7.31 -0.77
C LEU B 267 0.54 -8.14 0.02
N GLU B 268 0.02 -7.61 1.12
CA GLU B 268 -0.87 -8.40 2.03
C GLU B 268 -2.20 -8.66 1.30
N GLU B 269 -2.81 -7.63 0.70
CA GLU B 269 -4.02 -7.69 -0.16
C GLU B 269 -3.80 -8.70 -1.28
N LEU B 270 -2.66 -8.64 -1.97
CA LEU B 270 -2.35 -9.63 -3.03
C LEU B 270 -2.42 -11.05 -2.48
N GLU B 271 -1.77 -11.36 -1.35
CA GLU B 271 -1.56 -12.78 -0.87
C GLU B 271 -2.90 -13.42 -0.51
N ALA B 272 -3.99 -12.64 -0.41
CA ALA B 272 -5.35 -13.13 -0.13
C ALA B 272 -6.19 -13.33 -1.41
N ALA B 273 -5.69 -12.82 -2.55
CA ALA B 273 -6.39 -12.76 -3.87
C ALA B 273 -5.89 -13.89 -4.80
N ARG B 274 -5.56 -15.04 -4.22
CA ARG B 274 -5.11 -16.23 -4.98
C ARG B 274 -6.23 -16.79 -5.86
N ASP B 275 -7.50 -16.53 -5.59
CA ASP B 275 -8.55 -17.10 -6.45
C ASP B 275 -8.91 -16.09 -7.55
N LEU B 276 -8.34 -14.90 -7.57
CA LEU B 276 -8.60 -13.89 -8.63
C LEU B 276 -7.65 -14.10 -9.84
N VAL B 277 -6.50 -14.77 -9.64
CA VAL B 277 -5.43 -14.85 -10.67
C VAL B 277 -4.84 -16.27 -10.79
N SER B 278 -4.15 -16.53 -11.91
CA SER B 278 -3.36 -17.74 -12.24
C SER B 278 -2.30 -17.99 -11.17
N LYS B 279 -1.84 -19.22 -11.02
CA LYS B 279 -0.78 -19.55 -10.04
C LYS B 279 0.51 -18.86 -10.47
N GLU B 280 0.69 -18.70 -11.77
CA GLU B 280 1.91 -18.10 -12.37
C GLU B 280 1.80 -16.58 -12.21
N GLY B 281 0.68 -16.00 -12.64
CA GLY B 281 0.39 -14.57 -12.42
C GLY B 281 0.63 -14.16 -10.99
N PHE B 282 0.26 -15.04 -10.04
CA PHE B 282 0.34 -14.74 -8.60
C PHE B 282 1.80 -14.54 -8.24
N ARG B 283 2.64 -15.52 -8.58
CA ARG B 283 4.08 -15.51 -8.25
C ARG B 283 4.78 -14.31 -8.94
N ARG B 284 4.45 -14.00 -10.19
CA ARG B 284 5.08 -12.83 -10.85
C ARG B 284 4.70 -11.56 -10.08
N ALA B 285 3.42 -11.37 -9.74
CA ALA B 285 2.95 -10.16 -9.02
C ALA B 285 3.62 -10.12 -7.65
N ARG B 286 3.85 -11.29 -7.06
CA ARG B 286 4.48 -11.36 -5.72
C ARG B 286 5.95 -10.93 -5.82
N HIS B 287 6.69 -11.41 -6.83
CA HIS B 287 8.03 -10.85 -7.13
C HIS B 287 7.95 -9.33 -7.14
N VAL B 288 7.14 -8.77 -8.03
CA VAL B 288 7.14 -7.32 -8.36
C VAL B 288 6.72 -6.48 -7.14
N VAL B 289 5.60 -6.82 -6.50
CA VAL B 289 5.03 -6.08 -5.34
C VAL B 289 6.05 -6.16 -4.20
N GLY B 290 6.63 -7.34 -3.97
CA GLY B 290 7.65 -7.54 -2.94
C GLY B 290 8.92 -6.79 -3.29
N GLU B 291 9.33 -6.84 -4.56
CA GLU B 291 10.54 -6.12 -5.05
C GLU B 291 10.35 -4.62 -4.80
N ILE B 292 9.20 -4.04 -5.16
CA ILE B 292 8.94 -2.60 -4.89
C ILE B 292 9.17 -2.25 -3.41
N ARG B 293 8.65 -3.07 -2.50
CA ARG B 293 8.78 -2.79 -1.05
C ARG B 293 10.25 -2.93 -0.67
N ARG B 294 10.90 -4.01 -1.10
CA ARG B 294 12.33 -4.24 -0.73
C ARG B 294 13.21 -3.06 -1.19
N THR B 295 12.85 -2.42 -2.32
CA THR B 295 13.61 -1.30 -2.92
C THR B 295 13.45 -0.03 -2.07
N ALA B 296 12.26 0.28 -1.56
CA ALA B 296 12.07 1.43 -0.63
C ALA B 296 12.90 1.10 0.62
N GLN B 297 12.83 -0.14 1.10
CA GLN B 297 13.57 -0.56 2.32
C GLN B 297 15.08 -0.44 2.04
N ALA B 298 15.50 -0.77 0.82
CA ALA B 298 16.92 -0.73 0.38
C ALA B 298 17.48 0.71 0.41
N ALA B 299 16.75 1.61 -0.21
CA ALA B 299 17.03 3.07 -0.17
C ALA B 299 17.18 3.50 1.29
N ALA B 300 16.17 3.17 2.14
CA ALA B 300 16.14 3.60 3.57
C ALA B 300 17.44 3.13 4.22
N ALA B 301 17.87 1.90 3.95
CA ALA B 301 19.09 1.34 4.56
C ALA B 301 20.34 2.04 4.01
N LEU B 302 20.30 2.49 2.76
CA LEU B 302 21.41 3.26 2.15
C LEU B 302 21.62 4.51 3.01
N ARG B 303 20.57 5.32 3.14
CA ARG B 303 20.62 6.62 3.87
C ARG B 303 21.27 6.45 5.25
N ARG B 304 21.17 5.29 5.89
CA ARG B 304 21.60 5.18 7.30
C ARG B 304 22.89 4.35 7.36
N GLY B 305 23.47 3.99 6.23
CA GLY B 305 24.75 3.27 6.19
C GLY B 305 24.57 1.82 6.56
N ASP B 306 23.34 1.30 6.59
CA ASP B 306 23.04 -0.11 6.97
C ASP B 306 23.25 -1.03 5.75
N TYR B 307 24.52 -1.30 5.45
CA TYR B 307 24.97 -2.07 4.26
C TYR B 307 24.69 -3.56 4.49
N ARG B 308 24.86 -4.06 5.71
CA ARG B 308 24.52 -5.45 6.08
C ARG B 308 23.04 -5.70 5.71
N ALA B 309 22.14 -4.74 5.91
CA ALA B 309 20.67 -4.88 5.70
C ALA B 309 20.39 -4.67 4.21
N PHE B 310 21.10 -3.74 3.59
CA PHE B 310 21.04 -3.59 2.13
C PHE B 310 21.28 -5.00 1.52
N GLY B 311 22.32 -5.63 2.03
CA GLY B 311 22.82 -6.95 1.59
C GLY B 311 21.77 -8.03 1.73
N ARG B 312 21.11 -8.11 2.88
CA ARG B 312 20.04 -9.12 3.14
C ARG B 312 18.91 -8.83 2.15
N LEU B 313 18.54 -7.57 1.91
CA LEU B 313 17.48 -7.25 0.92
C LEU B 313 17.88 -7.67 -0.51
N MET B 314 19.18 -7.64 -0.86
CA MET B 314 19.66 -8.03 -2.20
C MET B 314 19.44 -9.52 -2.38
N VAL B 315 19.77 -10.30 -1.35
CA VAL B 315 19.66 -11.78 -1.36
C VAL B 315 18.17 -12.12 -1.51
N GLU B 316 17.27 -11.43 -0.79
CA GLU B 316 15.79 -11.66 -0.89
C GLU B 316 15.37 -11.31 -2.31
N SER B 317 15.89 -10.24 -2.92
CA SER B 317 15.56 -9.89 -4.33
C SER B 317 15.90 -11.13 -5.18
N HIS B 318 17.06 -11.73 -4.93
CA HIS B 318 17.56 -12.82 -5.81
C HIS B 318 16.68 -14.07 -5.67
N ARG B 319 16.36 -14.44 -4.43
CA ARG B 319 15.51 -15.62 -4.13
C ARG B 319 14.19 -15.37 -4.87
N SER B 320 13.64 -14.14 -4.82
CA SER B 320 12.34 -13.78 -5.47
C SER B 320 12.45 -13.82 -7.01
N LEU B 321 13.50 -13.28 -7.61
CA LEU B 321 13.69 -13.37 -9.10
C LEU B 321 13.92 -14.82 -9.52
N ARG B 322 14.51 -15.62 -8.65
CA ARG B 322 14.79 -17.02 -9.01
C ARG B 322 13.51 -17.87 -8.92
N ASP B 323 12.80 -17.84 -7.79
CA ASP B 323 11.61 -18.73 -7.55
C ASP B 323 10.33 -18.08 -8.07
N ASP B 324 10.08 -16.80 -7.79
CA ASP B 324 8.77 -16.18 -8.13
C ASP B 324 8.76 -15.60 -9.55
N TYR B 325 9.82 -14.84 -9.97
CA TYR B 325 9.85 -14.25 -11.34
C TYR B 325 10.45 -15.26 -12.34
N GLU B 326 11.26 -16.20 -11.87
CA GLU B 326 11.94 -17.23 -12.72
C GLU B 326 12.64 -16.55 -13.90
N VAL B 327 13.59 -15.65 -13.61
CA VAL B 327 14.38 -15.01 -14.68
C VAL B 327 15.86 -15.22 -14.37
N SER B 328 16.21 -16.07 -13.39
CA SER B 328 17.61 -16.41 -13.06
C SER B 328 18.04 -17.59 -13.92
N CYS B 329 19.22 -18.17 -13.65
CA CYS B 329 19.74 -19.36 -14.35
C CYS B 329 20.73 -20.05 -13.43
N PRO B 330 21.02 -21.34 -13.69
CA PRO B 330 21.96 -22.07 -12.84
C PRO B 330 23.29 -21.32 -12.67
N GLU B 331 23.76 -20.60 -13.71
CA GLU B 331 25.08 -19.90 -13.65
C GLU B 331 25.01 -18.81 -12.58
N LEU B 332 23.97 -17.99 -12.62
CA LEU B 332 23.80 -16.88 -11.66
C LEU B 332 23.65 -17.41 -10.24
N ASP B 333 22.85 -18.46 -10.04
CA ASP B 333 22.55 -18.99 -8.68
C ASP B 333 23.89 -19.50 -8.09
N GLN B 334 24.69 -20.17 -8.91
CA GLN B 334 26.04 -20.65 -8.49
C GLN B 334 26.87 -19.41 -8.08
N LEU B 335 26.86 -18.39 -8.93
CA LEU B 335 27.68 -17.18 -8.69
C LEU B 335 27.24 -16.50 -7.38
N VAL B 336 25.93 -16.49 -7.11
CA VAL B 336 25.34 -15.81 -5.93
C VAL B 336 25.69 -16.61 -4.67
N GLU B 337 25.47 -17.93 -4.71
CA GLU B 337 25.81 -18.86 -3.59
C GLU B 337 27.31 -18.72 -3.25
N ALA B 338 28.19 -18.63 -4.24
CA ALA B 338 29.63 -18.62 -3.94
C ALA B 338 29.98 -17.28 -3.27
N ALA B 339 29.41 -16.19 -3.78
CA ALA B 339 29.66 -14.84 -3.24
C ALA B 339 29.21 -14.81 -1.76
N LEU B 340 28.05 -15.38 -1.44
CA LEU B 340 27.51 -15.31 -0.07
C LEU B 340 28.44 -16.07 0.87
N ALA B 341 29.13 -17.09 0.38
CA ALA B 341 30.04 -17.90 1.23
C ALA B 341 31.37 -17.18 1.49
N VAL B 342 31.57 -15.96 1.02
CA VAL B 342 32.85 -15.22 1.23
C VAL B 342 32.71 -14.22 2.39
N PRO B 343 33.60 -14.24 3.40
CA PRO B 343 33.46 -13.32 4.53
C PRO B 343 33.77 -11.93 3.98
N GLY B 344 33.03 -10.90 4.41
CA GLY B 344 33.09 -9.54 3.85
C GLY B 344 31.98 -9.29 2.84
N VAL B 345 31.28 -10.32 2.36
CA VAL B 345 30.18 -10.11 1.37
C VAL B 345 28.91 -9.83 2.15
N TYR B 346 28.26 -8.70 1.89
CA TYR B 346 27.03 -8.28 2.60
C TYR B 346 25.80 -8.87 1.92
N GLY B 347 25.84 -8.92 0.58
CA GLY B 347 24.78 -9.49 -0.25
C GLY B 347 25.19 -9.63 -1.70
N SER B 348 24.41 -10.41 -2.45
CA SER B 348 24.67 -10.66 -3.88
C SER B 348 23.38 -11.13 -4.54
N ARG B 349 23.27 -10.90 -5.85
CA ARG B 349 22.06 -11.17 -6.65
C ARG B 349 22.36 -10.93 -8.12
N MET B 350 21.57 -11.55 -8.98
CA MET B 350 21.57 -11.21 -10.41
C MET B 350 21.20 -9.72 -10.57
N THR B 351 21.73 -9.07 -11.60
CA THR B 351 21.32 -7.71 -12.06
C THR B 351 20.83 -7.83 -13.48
N GLY B 352 20.12 -6.81 -13.92
CA GLY B 352 19.57 -6.77 -15.28
C GLY B 352 18.43 -7.73 -15.45
N GLY B 353 18.11 -8.05 -16.70
CA GLY B 353 16.90 -8.81 -17.06
C GLY B 353 17.05 -10.28 -16.69
N GLY B 354 18.27 -10.80 -16.72
CA GLY B 354 18.55 -12.18 -16.28
C GLY B 354 18.67 -13.13 -17.45
N PHE B 355 18.69 -14.43 -17.15
CA PHE B 355 18.92 -15.55 -18.09
C PHE B 355 20.39 -15.57 -18.50
N GLY B 356 21.25 -15.12 -17.59
CA GLY B 356 22.68 -14.89 -17.83
C GLY B 356 23.05 -13.48 -17.44
N GLY B 357 24.04 -12.92 -18.12
CA GLY B 357 24.67 -11.66 -17.70
C GLY B 357 25.31 -11.80 -16.31
N CYS B 358 25.14 -10.75 -15.48
CA CYS B 358 26.01 -10.49 -14.31
C CYS B 358 25.24 -10.61 -13.01
N THR B 359 26.01 -10.82 -11.96
CA THR B 359 25.61 -10.64 -10.55
C THR B 359 26.21 -9.32 -10.06
N VAL B 360 25.55 -8.70 -9.08
CA VAL B 360 26.10 -7.58 -8.29
C VAL B 360 26.29 -8.03 -6.84
N THR B 361 27.46 -7.76 -6.29
CA THR B 361 27.83 -8.15 -4.92
C THR B 361 28.24 -6.88 -4.17
N LEU B 362 27.63 -6.65 -3.00
CA LEU B 362 28.06 -5.57 -2.08
C LEU B 362 28.96 -6.19 -1.00
N LEU B 363 30.14 -5.61 -0.76
CA LEU B 363 31.15 -6.24 0.14
C LEU B 363 32.16 -5.19 0.62
N GLU B 364 32.86 -5.50 1.71
CA GLU B 364 34.08 -4.75 2.11
C GLU B 364 35.10 -4.78 0.96
N ALA B 365 35.65 -3.64 0.58
CA ALA B 365 36.72 -3.55 -0.43
C ALA B 365 37.87 -4.54 -0.15
N SER B 366 38.32 -4.66 1.10
CA SER B 366 39.44 -5.55 1.50
C SER B 366 39.09 -7.03 1.23
N ALA B 367 37.83 -7.36 1.03
CA ALA B 367 37.40 -8.77 0.84
C ALA B 367 37.35 -9.07 -0.67
N ALA B 368 37.41 -8.05 -1.53
CA ALA B 368 37.19 -8.24 -2.98
C ALA B 368 38.17 -9.28 -3.56
N PRO B 369 39.47 -9.27 -3.21
CA PRO B 369 40.39 -10.30 -3.72
C PRO B 369 39.97 -11.71 -3.31
N HIS B 370 39.74 -12.01 -2.02
CA HIS B 370 39.23 -13.35 -1.58
C HIS B 370 38.00 -13.71 -2.44
N ALA B 371 37.08 -12.76 -2.59
CA ALA B 371 35.79 -12.98 -3.26
C ALA B 371 36.04 -13.45 -4.70
N MET B 372 36.84 -12.72 -5.45
CA MET B 372 37.13 -13.11 -6.84
C MET B 372 37.77 -14.51 -6.84
N ARG B 373 38.75 -14.77 -5.98
CA ARG B 373 39.40 -16.11 -5.97
C ARG B 373 38.26 -17.15 -5.84
N HIS B 374 37.41 -16.98 -4.83
CA HIS B 374 36.38 -17.98 -4.42
C HIS B 374 35.35 -18.18 -5.53
N ILE B 375 34.80 -17.09 -6.02
CA ILE B 375 33.75 -17.09 -7.09
C ILE B 375 34.29 -17.87 -8.29
N GLN B 376 35.51 -17.61 -8.76
CA GLN B 376 36.05 -18.21 -10.02
C GLN B 376 36.20 -19.73 -9.87
N GLU B 377 36.63 -20.16 -8.68
CA GLU B 377 37.00 -21.57 -8.38
C GLU B 377 35.72 -22.36 -8.13
N HIS B 378 34.67 -21.71 -7.65
CA HIS B 378 33.38 -22.35 -7.30
C HIS B 378 32.39 -22.25 -8.47
N TYR B 379 32.73 -21.50 -9.52
CA TYR B 379 31.90 -21.35 -10.73
C TYR B 379 32.42 -22.24 -11.84
N GLY B 380 31.51 -23.00 -12.48
CA GLY B 380 31.87 -23.98 -13.52
C GLY B 380 32.35 -23.30 -14.79
N GLY B 381 31.90 -22.07 -15.01
CA GLY B 381 32.27 -21.28 -16.18
C GLY B 381 33.50 -20.46 -15.91
N THR B 382 33.66 -19.47 -16.79
CA THR B 382 34.68 -18.40 -16.77
C THR B 382 34.01 -17.10 -16.32
N ALA B 383 34.19 -16.73 -15.07
CA ALA B 383 33.72 -15.46 -14.51
C ALA B 383 34.65 -14.34 -14.98
N THR B 384 34.09 -13.18 -15.28
CA THR B 384 34.79 -11.90 -15.41
C THR B 384 34.35 -10.96 -14.28
N PHE B 385 35.30 -10.28 -13.64
CA PHE B 385 35.09 -9.39 -12.48
C PHE B 385 35.26 -7.93 -12.92
N TYR B 386 34.36 -7.04 -12.48
CA TYR B 386 34.53 -5.57 -12.46
C TYR B 386 34.26 -5.08 -11.03
N LEU B 387 35.16 -4.27 -10.49
CA LEU B 387 34.97 -3.50 -9.24
C LEU B 387 34.65 -2.05 -9.65
N SER B 388 33.46 -1.54 -9.38
CA SER B 388 33.11 -0.14 -9.73
C SER B 388 32.70 0.55 -8.45
N GLN B 389 33.03 1.81 -8.31
CA GLN B 389 32.21 2.67 -7.42
C GLN B 389 31.18 3.33 -8.35
N ALA B 390 30.34 4.17 -7.79
CA ALA B 390 29.29 4.88 -8.51
C ALA B 390 29.96 5.87 -9.45
N ALA B 391 29.55 5.89 -10.71
CA ALA B 391 30.22 6.72 -11.73
C ALA B 391 29.27 7.82 -12.19
N ASP B 392 29.88 8.80 -12.88
CA ASP B 392 29.16 9.87 -13.60
C ASP B 392 28.25 9.27 -14.66
N GLY B 393 27.17 9.98 -14.94
CA GLY B 393 26.42 9.83 -16.18
C GLY B 393 27.07 10.54 -17.36
N ALA B 394 26.24 10.85 -18.35
CA ALA B 394 26.61 11.45 -19.65
C ALA B 394 27.45 12.71 -19.45
N LYS B 395 28.60 12.79 -20.12
CA LYS B 395 29.34 14.06 -20.08
C LYS B 395 30.00 14.39 -21.40
N VAL B 396 30.52 15.62 -21.44
CA VAL B 396 31.15 16.27 -22.61
C VAL B 396 32.54 16.79 -22.25
N LEU B 397 33.52 16.51 -23.11
CA LEU B 397 34.83 17.19 -23.13
C LEU B 397 35.05 17.80 -24.53
N CYS B 398 35.14 19.12 -24.61
CA CYS B 398 35.51 19.85 -25.86
C CYS B 398 37.00 19.64 -26.14
N LEU B 399 37.36 19.20 -27.36
CA LEU B 399 38.75 18.89 -27.76
C LEU B 399 39.31 20.03 -28.63
N ALA C 9 -46.78 -8.87 -9.07
CA ALA C 9 -47.01 -8.88 -7.60
C ALA C 9 -46.11 -9.94 -6.97
N ALA C 10 -45.32 -9.56 -5.96
CA ALA C 10 -44.44 -10.49 -5.19
C ALA C 10 -45.26 -11.22 -4.11
N LEU C 11 -45.13 -12.56 -4.09
CA LEU C 11 -45.70 -13.47 -3.05
C LEU C 11 -45.30 -12.93 -1.66
N ARG C 12 -46.28 -12.63 -0.80
CA ARG C 12 -46.08 -12.16 0.60
C ARG C 12 -45.18 -13.15 1.34
N GLN C 13 -44.39 -12.61 2.25
CA GLN C 13 -43.41 -13.34 3.10
C GLN C 13 -43.84 -13.11 4.54
N PRO C 14 -44.56 -14.07 5.16
CA PRO C 14 -44.95 -13.92 6.55
C PRO C 14 -43.67 -13.79 7.39
N GLN C 15 -43.69 -12.85 8.32
CA GLN C 15 -42.58 -12.61 9.28
C GLN C 15 -42.65 -13.71 10.35
N VAL C 16 -41.50 -14.00 10.97
CA VAL C 16 -41.37 -15.07 12.02
C VAL C 16 -42.63 -14.97 12.92
N ALA C 17 -42.96 -13.79 13.45
CA ALA C 17 -43.99 -13.60 14.48
C ALA C 17 -45.36 -14.19 14.06
N GLU C 18 -45.74 -14.12 12.77
CA GLU C 18 -47.02 -14.67 12.25
C GLU C 18 -46.89 -16.19 12.03
N LEU C 19 -45.73 -16.66 11.58
CA LEU C 19 -45.49 -18.12 11.47
C LEU C 19 -45.51 -18.72 12.87
N LEU C 20 -44.90 -18.01 13.82
CA LEU C 20 -44.86 -18.32 15.26
C LEU C 20 -46.29 -18.47 15.83
N ALA C 21 -47.14 -17.46 15.65
CA ALA C 21 -48.56 -17.46 16.07
C ALA C 21 -49.26 -18.70 15.46
N GLU C 22 -49.02 -19.00 14.18
CA GLU C 22 -49.67 -20.13 13.48
C GLU C 22 -49.15 -21.42 14.15
N ALA C 23 -47.85 -21.58 14.33
CA ALA C 23 -47.27 -22.77 15.00
C ALA C 23 -47.86 -22.92 16.40
N ARG C 24 -47.96 -21.81 17.12
CA ARG C 24 -48.38 -21.72 18.54
C ARG C 24 -49.81 -22.27 18.66
N ARG C 25 -50.74 -21.82 17.80
CA ARG C 25 -52.20 -22.10 17.90
C ARG C 25 -52.38 -23.59 17.60
N ALA C 26 -51.71 -24.08 16.55
CA ALA C 26 -51.77 -25.50 16.11
C ALA C 26 -51.24 -26.40 17.22
N PHE C 27 -50.14 -26.02 17.86
CA PHE C 27 -49.54 -26.83 18.95
C PHE C 27 -50.50 -26.96 20.16
N ARG C 28 -51.05 -25.83 20.64
CA ARG C 28 -52.03 -25.76 21.76
C ARG C 28 -53.19 -26.71 21.46
N GLU C 29 -53.73 -26.58 20.26
CA GLU C 29 -54.83 -27.41 19.71
C GLU C 29 -54.44 -28.89 19.73
N GLU C 30 -53.26 -29.21 19.21
CA GLU C 30 -52.79 -30.60 18.98
C GLU C 30 -52.41 -31.24 20.32
N PHE C 31 -51.73 -30.54 21.21
CA PHE C 31 -51.15 -31.17 22.42
C PHE C 31 -51.84 -30.76 23.73
N GLY C 32 -52.79 -29.83 23.74
CA GLY C 32 -53.52 -29.39 24.96
C GLY C 32 -52.73 -28.47 25.91
N ALA C 33 -51.63 -27.87 25.45
CA ALA C 33 -50.72 -27.00 26.25
C ALA C 33 -49.96 -26.06 25.30
N GLU C 34 -49.65 -24.83 25.77
CA GLU C 34 -48.72 -23.91 25.06
C GLU C 34 -47.39 -24.64 24.85
N PRO C 35 -46.67 -24.39 23.74
CA PRO C 35 -45.31 -24.90 23.54
C PRO C 35 -44.32 -24.14 24.43
N GLU C 36 -43.23 -24.77 24.84
CA GLU C 36 -42.21 -24.13 25.70
C GLU C 36 -41.19 -23.38 24.82
N LEU C 37 -40.86 -23.88 23.64
CA LEU C 37 -39.73 -23.39 22.78
C LEU C 37 -40.22 -23.07 21.37
N ALA C 38 -39.66 -22.02 20.78
CA ALA C 38 -39.74 -21.69 19.34
C ALA C 38 -38.34 -21.53 18.75
N VAL C 39 -38.16 -22.03 17.52
CA VAL C 39 -36.94 -21.86 16.69
C VAL C 39 -37.37 -21.56 15.26
N SER C 40 -36.53 -20.83 14.53
CA SER C 40 -36.71 -20.52 13.08
C SER C 40 -35.38 -20.81 12.38
N ALA C 41 -35.44 -21.23 11.13
CA ALA C 41 -34.28 -21.39 10.25
C ALA C 41 -34.77 -21.08 8.84
N PRO C 42 -34.00 -20.27 8.08
CA PRO C 42 -34.44 -19.83 6.77
C PRO C 42 -33.97 -20.76 5.64
N GLY C 43 -34.67 -20.63 4.51
CA GLY C 43 -34.13 -21.05 3.21
C GLY C 43 -33.16 -20.01 2.70
N ARG C 44 -32.73 -20.16 1.45
CA ARG C 44 -31.56 -19.47 0.92
C ARG C 44 -31.72 -19.28 -0.59
N VAL C 45 -31.13 -18.19 -1.07
CA VAL C 45 -30.79 -18.06 -2.51
C VAL C 45 -29.26 -17.99 -2.59
N ASN C 46 -28.67 -18.79 -3.48
CA ASN C 46 -27.25 -18.62 -3.89
C ASN C 46 -27.11 -17.47 -4.90
N LEU C 47 -26.45 -16.37 -4.54
CA LEU C 47 -26.23 -15.23 -5.50
C LEU C 47 -25.27 -15.66 -6.63
N ILE C 48 -24.23 -16.44 -6.34
CA ILE C 48 -23.28 -17.01 -7.36
C ILE C 48 -22.42 -18.05 -6.66
N GLY C 49 -21.84 -18.95 -7.44
CA GLY C 49 -20.97 -20.02 -6.94
C GLY C 49 -21.70 -21.35 -6.91
N GLU C 50 -22.23 -21.74 -8.06
CA GLU C 50 -23.06 -22.95 -8.17
C GLU C 50 -22.20 -24.16 -8.55
N HIS C 51 -22.52 -25.30 -7.94
CA HIS C 51 -21.79 -26.59 -8.05
C HIS C 51 -20.32 -26.40 -7.73
N THR C 52 -20.04 -25.54 -6.76
CA THR C 52 -18.70 -25.33 -6.19
C THR C 52 -18.61 -25.88 -4.76
N ASP C 53 -19.67 -25.83 -3.94
CA ASP C 53 -19.54 -26.27 -2.53
C ASP C 53 -18.90 -27.68 -2.41
N TYR C 54 -19.42 -28.73 -3.06
CA TYR C 54 -18.83 -30.09 -2.98
C TYR C 54 -17.49 -30.19 -3.74
N ASN C 55 -17.03 -29.09 -4.35
CA ASN C 55 -15.74 -29.01 -5.10
C ASN C 55 -14.72 -28.22 -4.25
N GLN C 56 -15.04 -27.96 -2.97
CA GLN C 56 -14.19 -27.18 -2.04
C GLN C 56 -14.01 -25.76 -2.57
N GLY C 57 -15.08 -25.24 -3.18
CA GLY C 57 -15.07 -23.94 -3.86
C GLY C 57 -15.58 -22.82 -2.99
N LEU C 58 -15.94 -21.73 -3.65
CA LEU C 58 -16.48 -20.52 -2.99
C LEU C 58 -17.97 -20.45 -3.30
N VAL C 59 -18.76 -20.03 -2.33
CA VAL C 59 -20.21 -19.82 -2.58
C VAL C 59 -20.63 -18.51 -1.93
N LEU C 60 -21.64 -17.85 -2.47
CA LEU C 60 -22.04 -16.52 -1.94
C LEU C 60 -23.58 -16.53 -1.79
N PRO C 61 -24.09 -17.34 -0.84
CA PRO C 61 -25.51 -17.37 -0.58
C PRO C 61 -25.93 -16.25 0.37
N MET C 62 -27.25 -16.05 0.44
CA MET C 62 -27.99 -15.08 1.30
C MET C 62 -29.19 -15.85 1.92
N ALA C 63 -29.45 -15.74 3.22
CA ALA C 63 -30.64 -16.31 3.87
C ALA C 63 -31.83 -15.44 3.46
N LEU C 64 -32.96 -16.10 3.22
CA LEU C 64 -34.26 -15.48 2.84
C LEU C 64 -35.12 -15.26 4.09
N GLU C 65 -36.15 -14.44 3.95
CA GLU C 65 -37.23 -14.25 4.96
C GLU C 65 -38.20 -15.43 4.90
N LEU C 66 -38.28 -16.10 3.74
CA LEU C 66 -38.86 -17.46 3.65
C LEU C 66 -38.18 -18.37 4.70
N MET C 67 -38.94 -18.98 5.62
CA MET C 67 -38.33 -19.76 6.72
C MET C 67 -39.22 -20.93 7.19
N THR C 68 -38.63 -21.81 7.99
CA THR C 68 -39.28 -22.92 8.71
C THR C 68 -39.27 -22.60 10.20
N VAL C 69 -40.40 -22.74 10.88
CA VAL C 69 -40.50 -22.49 12.35
C VAL C 69 -40.95 -23.79 13.04
N LEU C 70 -40.23 -24.22 14.06
CA LEU C 70 -40.64 -25.35 14.92
C LEU C 70 -41.08 -24.76 16.27
N VAL C 71 -42.28 -25.09 16.76
CA VAL C 71 -42.57 -24.84 18.19
C VAL C 71 -42.77 -26.22 18.88
N GLY C 72 -42.13 -26.39 20.04
CA GLY C 72 -42.09 -27.69 20.73
C GLY C 72 -41.98 -27.58 22.25
N SER C 73 -41.98 -28.74 22.89
CA SER C 73 -41.73 -28.96 24.34
C SER C 73 -41.09 -30.32 24.55
N PRO C 74 -40.13 -30.44 25.51
CA PRO C 74 -39.53 -31.73 25.85
C PRO C 74 -40.62 -32.67 26.37
N ARG C 75 -40.46 -33.99 26.18
CA ARG C 75 -41.28 -35.03 26.86
C ARG C 75 -40.43 -35.91 27.79
N LYS C 76 -41.08 -36.44 28.82
CA LYS C 76 -40.54 -37.41 29.82
C LYS C 76 -40.49 -38.86 29.31
N ASP C 77 -41.14 -39.23 28.21
CA ASP C 77 -41.42 -40.65 27.85
C ASP C 77 -40.57 -41.17 26.65
N GLY C 78 -39.67 -40.38 26.08
CA GLY C 78 -38.71 -40.83 25.03
C GLY C 78 -39.31 -40.89 23.63
N LEU C 79 -40.52 -40.37 23.43
CA LEU C 79 -41.24 -40.42 22.13
C LEU C 79 -40.99 -39.11 21.39
N VAL C 80 -41.08 -39.12 20.09
CA VAL C 80 -41.08 -37.86 19.32
C VAL C 80 -42.44 -37.80 18.66
N SER C 81 -43.21 -36.74 18.89
CA SER C 81 -44.53 -36.54 18.26
C SER C 81 -44.49 -35.24 17.45
N LEU C 82 -44.71 -35.37 16.13
CA LEU C 82 -44.66 -34.27 15.13
C LEU C 82 -46.02 -34.04 14.48
N LEU C 83 -46.31 -32.77 14.25
CA LEU C 83 -47.36 -32.28 13.31
C LEU C 83 -46.73 -31.22 12.38
N THR C 84 -47.04 -31.30 11.11
CA THR C 84 -46.76 -30.20 10.16
C THR C 84 -48.07 -29.73 9.56
N THR C 85 -48.19 -28.41 9.38
CA THR C 85 -49.26 -27.73 8.61
C THR C 85 -48.81 -27.38 7.19
N SER C 86 -47.56 -27.65 6.78
CA SER C 86 -47.10 -27.25 5.41
C SER C 86 -47.91 -27.99 4.35
N GLU C 87 -48.70 -27.27 3.55
CA GLU C 87 -49.32 -27.80 2.30
C GLU C 87 -48.16 -28.17 1.36
N GLY C 88 -48.26 -29.34 0.70
CA GLY C 88 -47.14 -29.98 -0.01
C GLY C 88 -46.50 -31.06 0.85
N ALA C 89 -46.58 -31.00 2.18
CA ALA C 89 -46.12 -32.13 3.02
C ALA C 89 -46.90 -33.37 2.61
N ASP C 90 -46.23 -34.50 2.40
CA ASP C 90 -46.95 -35.78 2.10
C ASP C 90 -47.67 -36.34 3.33
N GLU C 91 -48.74 -37.07 3.09
CA GLU C 91 -49.58 -37.71 4.14
C GLU C 91 -48.79 -38.82 4.82
N PRO C 92 -48.95 -39.04 6.15
CA PRO C 92 -49.75 -38.16 6.99
C PRO C 92 -48.97 -36.92 7.44
N GLN C 93 -49.71 -35.90 7.94
CA GLN C 93 -49.15 -34.64 8.51
C GLN C 93 -48.64 -34.88 9.93
N ARG C 94 -48.96 -36.02 10.53
CA ARG C 94 -48.59 -36.37 11.91
C ARG C 94 -47.73 -37.61 11.90
N LEU C 95 -46.77 -37.69 12.80
CA LEU C 95 -45.97 -38.92 12.95
C LEU C 95 -45.44 -38.97 14.37
N GLN C 96 -45.39 -40.16 14.96
CA GLN C 96 -44.74 -40.41 16.28
C GLN C 96 -43.81 -41.61 16.13
N PHE C 97 -42.71 -41.58 16.83
CA PHE C 97 -41.70 -42.66 16.80
C PHE C 97 -40.93 -42.52 18.09
N PRO C 98 -40.42 -43.64 18.63
CA PRO C 98 -39.55 -43.56 19.78
C PRO C 98 -38.19 -42.99 19.32
N LEU C 99 -37.45 -42.42 20.26
CA LEU C 99 -36.05 -42.01 20.05
C LEU C 99 -35.24 -43.21 19.62
N PRO C 100 -34.21 -43.03 18.77
CA PRO C 100 -33.32 -44.15 18.44
C PRO C 100 -32.51 -44.52 19.69
N THR C 101 -31.95 -45.72 19.69
CA THR C 101 -31.02 -46.25 20.72
C THR C 101 -29.82 -46.92 20.04
N ALA C 102 -28.86 -47.44 20.82
CA ALA C 102 -27.84 -48.40 20.35
C ALA C 102 -28.54 -49.49 19.52
N GLN C 103 -29.64 -50.03 20.06
CA GLN C 103 -30.32 -51.27 19.57
C GLN C 103 -31.11 -51.03 18.27
N ARG C 104 -31.87 -49.91 18.16
CA ARG C 104 -32.78 -49.57 17.01
C ARG C 104 -32.45 -48.15 16.52
N SER C 105 -32.00 -48.02 15.28
CA SER C 105 -31.88 -46.72 14.59
C SER C 105 -33.24 -46.23 14.09
N LEU C 106 -33.40 -44.90 13.90
CA LEU C 106 -34.45 -44.29 13.06
C LEU C 106 -34.14 -44.66 11.62
N GLU C 107 -35.16 -44.81 10.79
CA GLU C 107 -34.91 -45.06 9.36
C GLU C 107 -35.89 -44.27 8.51
N PRO C 108 -35.40 -43.95 7.29
CA PRO C 108 -36.19 -43.16 6.35
C PRO C 108 -37.40 -43.99 5.93
N GLY C 109 -38.52 -43.31 5.70
CA GLY C 109 -39.69 -43.87 5.00
C GLY C 109 -40.71 -42.79 4.71
N THR C 110 -41.91 -43.01 5.21
CA THR C 110 -43.11 -42.22 4.93
C THR C 110 -43.65 -41.77 6.27
N PRO C 111 -44.09 -40.51 6.38
CA PRO C 111 -44.06 -39.58 5.25
C PRO C 111 -42.65 -39.00 5.09
N ARG C 112 -42.30 -38.57 3.88
CA ARG C 112 -40.93 -38.13 3.55
C ARG C 112 -40.55 -36.87 4.35
N TRP C 113 -41.47 -35.97 4.66
CA TRP C 113 -41.06 -34.70 5.32
C TRP C 113 -40.42 -35.04 6.66
N ALA C 114 -40.82 -36.15 7.30
CA ALA C 114 -40.30 -36.47 8.65
C ALA C 114 -38.91 -37.09 8.52
N ASN C 115 -38.47 -37.47 7.30
CA ASN C 115 -37.09 -37.98 7.09
C ASN C 115 -36.03 -36.93 7.49
N TYR C 116 -36.33 -35.65 7.33
CA TYR C 116 -35.40 -34.54 7.63
C TYR C 116 -35.21 -34.39 9.13
N VAL C 117 -36.31 -34.42 9.85
CA VAL C 117 -36.30 -34.39 11.33
C VAL C 117 -35.64 -35.65 11.87
N LYS C 118 -36.04 -36.81 11.38
CA LYS C 118 -35.52 -38.11 11.86
C LYS C 118 -33.99 -38.12 11.69
N GLY C 119 -33.49 -37.70 10.51
CA GLY C 119 -32.06 -37.73 10.20
C GLY C 119 -31.24 -36.89 11.16
N VAL C 120 -31.71 -35.68 11.47
CA VAL C 120 -31.02 -34.76 12.41
C VAL C 120 -30.99 -35.37 13.82
N ILE C 121 -32.10 -36.00 14.22
CA ILE C 121 -32.19 -36.64 15.56
C ILE C 121 -31.16 -37.77 15.58
N GLN C 122 -31.13 -38.58 14.53
CA GLN C 122 -30.23 -39.74 14.43
C GLN C 122 -28.80 -39.29 14.60
N TYR C 123 -28.38 -38.21 13.95
CA TYR C 123 -26.94 -37.83 13.96
C TYR C 123 -26.65 -36.77 15.02
N TYR C 124 -27.64 -36.33 15.81
CA TYR C 124 -27.44 -35.30 16.86
C TYR C 124 -26.30 -35.71 17.78
N PRO C 125 -25.22 -34.89 17.91
CA PRO C 125 -24.00 -35.37 18.57
C PRO C 125 -23.98 -35.36 20.10
N ALA C 126 -25.00 -34.88 20.81
CA ALA C 126 -24.96 -34.76 22.29
C ALA C 126 -26.08 -35.61 22.92
N ALA C 127 -25.77 -36.33 24.01
CA ALA C 127 -26.72 -37.09 24.86
C ALA C 127 -26.79 -36.44 26.23
N PRO C 128 -27.89 -36.55 27.00
CA PRO C 128 -29.08 -37.27 26.59
C PRO C 128 -30.11 -36.36 25.92
N LEU C 129 -30.58 -36.81 24.75
CA LEU C 129 -31.71 -36.21 24.01
C LEU C 129 -33.00 -36.80 24.55
N PRO C 130 -33.89 -35.96 25.12
CA PRO C 130 -35.21 -36.43 25.53
C PRO C 130 -36.12 -36.41 24.31
N GLY C 131 -37.24 -37.09 24.46
CA GLY C 131 -38.43 -36.95 23.61
C GLY C 131 -38.93 -35.51 23.57
N PHE C 132 -39.82 -35.25 22.61
CA PHE C 132 -40.46 -33.92 22.49
C PHE C 132 -41.66 -34.02 21.57
N SER C 133 -42.50 -33.03 21.73
CA SER C 133 -43.63 -32.74 20.82
C SER C 133 -43.32 -31.47 20.04
N ALA C 134 -43.70 -31.39 18.77
CA ALA C 134 -43.38 -30.23 17.90
C ALA C 134 -44.34 -30.08 16.72
N VAL C 135 -44.69 -28.82 16.42
CA VAL C 135 -45.39 -28.36 15.19
C VAL C 135 -44.36 -27.68 14.25
N VAL C 136 -44.42 -28.08 12.98
CA VAL C 136 -43.56 -27.58 11.88
C VAL C 136 -44.44 -26.79 10.92
N VAL C 137 -44.12 -25.49 10.75
CA VAL C 137 -44.68 -24.59 9.69
C VAL C 137 -43.51 -24.01 8.89
N SER C 138 -43.77 -23.65 7.63
CA SER C 138 -42.77 -23.15 6.67
C SER C 138 -43.41 -22.16 5.69
N SER C 139 -42.66 -21.11 5.34
CA SER C 139 -42.98 -20.24 4.17
C SER C 139 -42.07 -20.62 3.02
N VAL C 140 -41.13 -21.53 3.25
CA VAL C 140 -40.19 -21.95 2.15
C VAL C 140 -40.94 -22.94 1.28
N PRO C 141 -41.12 -22.67 -0.04
CA PRO C 141 -41.92 -23.52 -0.91
C PRO C 141 -41.24 -24.87 -1.04
N LEU C 142 -41.97 -25.98 -0.89
CA LEU C 142 -41.36 -27.30 -0.65
C LEU C 142 -40.71 -27.78 -1.94
N GLY C 143 -39.39 -28.02 -1.88
CA GLY C 143 -38.61 -28.44 -3.05
C GLY C 143 -38.73 -27.51 -4.26
N GLY C 144 -39.01 -26.20 -4.05
CA GLY C 144 -38.96 -25.15 -5.09
C GLY C 144 -37.56 -24.61 -5.37
N GLY C 145 -36.52 -25.06 -4.65
CA GLY C 145 -35.11 -24.77 -4.95
C GLY C 145 -34.51 -23.69 -4.07
N LEU C 146 -35.20 -23.30 -2.99
CA LEU C 146 -34.73 -22.38 -1.92
C LEU C 146 -34.40 -23.08 -0.59
N SER C 147 -34.00 -24.36 -0.61
CA SER C 147 -33.42 -25.13 0.55
C SER C 147 -34.42 -25.28 1.74
N SER C 148 -35.65 -25.59 1.37
CA SER C 148 -36.75 -26.17 2.17
C SER C 148 -36.23 -27.12 3.26
N SER C 149 -35.61 -28.19 2.78
CA SER C 149 -35.08 -29.31 3.57
C SER C 149 -34.01 -28.77 4.51
N ALA C 150 -33.09 -27.91 4.03
CA ALA C 150 -32.00 -27.43 4.89
C ALA C 150 -32.63 -26.62 6.02
N SER C 151 -33.68 -25.83 5.71
CA SER C 151 -34.34 -24.99 6.74
C SER C 151 -34.96 -25.91 7.80
N LEU C 152 -35.56 -27.03 7.38
CA LEU C 152 -36.24 -27.98 8.31
C LEU C 152 -35.14 -28.67 9.11
N GLU C 153 -34.05 -29.04 8.43
CA GLU C 153 -32.93 -29.69 9.14
C GLU C 153 -32.36 -28.73 10.18
N VAL C 154 -32.14 -27.47 9.79
CA VAL C 154 -31.48 -26.52 10.72
C VAL C 154 -32.44 -26.11 11.84
N ALA C 155 -33.71 -25.91 11.55
CA ALA C 155 -34.70 -25.63 12.60
C ALA C 155 -34.67 -26.82 13.58
N THR C 156 -34.62 -28.05 13.08
CA THR C 156 -34.67 -29.23 13.97
C THR C 156 -33.45 -29.14 14.86
N TYR C 157 -32.27 -28.93 14.24
CA TYR C 157 -30.98 -28.96 14.98
C TYR C 157 -31.02 -27.93 16.11
N THR C 158 -31.49 -26.75 15.80
CA THR C 158 -31.60 -25.59 16.73
C THR C 158 -32.55 -25.99 17.86
N PHE C 159 -33.55 -26.77 17.55
CA PHE C 159 -34.54 -27.21 18.55
C PHE C 159 -33.85 -28.20 19.51
N LEU C 160 -33.08 -29.16 18.98
CA LEU C 160 -32.44 -30.23 19.79
C LEU C 160 -31.39 -29.59 20.71
N GLN C 161 -30.77 -28.49 20.30
CA GLN C 161 -29.79 -27.72 21.12
C GLN C 161 -30.44 -27.18 22.39
N GLN C 162 -31.70 -26.75 22.36
CA GLN C 162 -32.44 -26.32 23.58
C GLN C 162 -32.75 -27.55 24.45
N LEU C 163 -33.09 -28.69 23.86
CA LEU C 163 -33.36 -29.92 24.64
C LEU C 163 -32.06 -30.44 25.26
N CYS C 164 -30.93 -30.24 24.61
CA CYS C 164 -29.66 -30.89 25.00
C CYS C 164 -28.49 -30.20 24.29
N PRO C 165 -27.88 -29.16 24.92
CA PRO C 165 -26.92 -28.31 24.23
C PRO C 165 -25.73 -29.09 23.66
N ASP C 166 -25.33 -28.79 22.41
CA ASP C 166 -24.14 -29.44 21.80
C ASP C 166 -22.91 -28.68 22.32
N SER C 167 -21.70 -29.06 21.93
CA SER C 167 -20.45 -28.38 22.37
C SER C 167 -19.54 -27.95 21.21
N GLY C 168 -19.99 -27.90 19.99
CA GLY C 168 -19.10 -27.85 18.81
C GLY C 168 -19.30 -26.57 18.01
N THR C 169 -18.85 -26.56 16.76
CA THR C 169 -18.81 -25.36 15.88
C THR C 169 -20.11 -25.30 15.11
N ILE C 170 -20.31 -24.26 14.31
CA ILE C 170 -21.51 -24.11 13.47
C ILE C 170 -21.41 -25.11 12.32
N ALA C 171 -20.17 -25.34 11.85
CA ALA C 171 -19.85 -26.23 10.72
C ALA C 171 -20.16 -27.68 11.08
N ALA C 172 -19.71 -28.15 12.24
CA ALA C 172 -20.15 -29.43 12.84
C ALA C 172 -21.67 -29.54 12.77
N ARG C 173 -22.43 -28.46 13.00
CA ARG C 173 -23.89 -28.56 13.01
C ARG C 173 -24.40 -28.67 11.57
N ALA C 174 -23.83 -27.89 10.65
CA ALA C 174 -24.13 -28.00 9.23
C ALA C 174 -23.87 -29.43 8.75
N GLN C 175 -22.76 -30.02 9.16
CA GLN C 175 -22.36 -31.38 8.73
C GLN C 175 -23.35 -32.43 9.25
N VAL C 176 -23.92 -32.27 10.43
CA VAL C 176 -24.99 -33.17 10.94
C VAL C 176 -26.23 -33.01 10.05
N CYS C 177 -26.61 -31.78 9.79
CA CYS C 177 -27.79 -31.53 8.98
C CYS C 177 -27.56 -32.10 7.59
N GLN C 178 -26.40 -31.85 7.04
CA GLN C 178 -25.97 -32.42 5.73
C GLN C 178 -26.05 -33.95 5.80
N GLN C 179 -25.57 -34.58 6.86
CA GLN C 179 -25.59 -36.06 6.93
C GLN C 179 -27.04 -36.54 6.91
N ALA C 180 -27.97 -35.84 7.57
CA ALA C 180 -29.40 -36.20 7.56
C ALA C 180 -29.85 -36.22 6.10
N GLU C 181 -29.55 -35.13 5.38
CA GLU C 181 -29.87 -34.96 3.93
C GLU C 181 -29.35 -36.18 3.15
N HIS C 182 -28.10 -36.57 3.36
CA HIS C 182 -27.48 -37.69 2.61
C HIS C 182 -28.21 -39.01 2.91
N SER C 183 -28.34 -39.38 4.18
CA SER C 183 -28.67 -40.75 4.66
C SER C 183 -30.18 -40.86 4.82
N PHE C 184 -30.87 -39.80 5.17
CA PHE C 184 -32.33 -39.89 5.36
C PHE C 184 -33.14 -39.37 4.18
N ALA C 185 -32.58 -38.57 3.27
CA ALA C 185 -33.34 -38.08 2.10
C ALA C 185 -32.65 -38.48 0.80
N GLY C 186 -31.57 -39.25 0.84
CA GLY C 186 -30.85 -39.66 -0.38
C GLY C 186 -30.47 -38.51 -1.34
N MET C 187 -30.12 -37.34 -0.84
CA MET C 187 -29.61 -36.18 -1.64
C MET C 187 -28.23 -35.78 -1.09
N PRO C 188 -27.15 -36.18 -1.79
CA PRO C 188 -25.78 -36.00 -1.32
C PRO C 188 -25.26 -34.58 -1.57
N CYS C 189 -25.87 -33.62 -0.90
CA CYS C 189 -25.67 -32.16 -1.02
C CYS C 189 -24.27 -31.81 -0.50
N GLY C 190 -23.83 -30.61 -0.80
CA GLY C 190 -22.67 -29.98 -0.14
C GLY C 190 -23.12 -29.26 1.11
N ILE C 191 -22.23 -28.44 1.63
CA ILE C 191 -22.39 -27.79 2.96
C ILE C 191 -23.24 -26.53 2.85
N MET C 192 -23.51 -26.02 1.65
CA MET C 192 -23.88 -24.60 1.53
C MET C 192 -25.21 -24.36 2.22
N ASP C 193 -26.26 -25.11 1.86
CA ASP C 193 -27.65 -24.72 2.21
C ASP C 193 -27.79 -24.68 3.73
N GLN C 194 -27.14 -25.64 4.40
CA GLN C 194 -27.20 -25.82 5.87
C GLN C 194 -26.38 -24.72 6.52
N PHE C 195 -25.25 -24.43 5.91
CA PHE C 195 -24.31 -23.42 6.45
C PHE C 195 -24.99 -22.07 6.42
N ILE C 196 -25.65 -21.72 5.33
CA ILE C 196 -26.24 -20.36 5.22
C ILE C 196 -27.44 -20.26 6.15
N SER C 197 -28.27 -21.31 6.24
CA SER C 197 -29.45 -21.36 7.13
C SER C 197 -28.95 -21.13 8.55
N LEU C 198 -27.85 -21.73 8.94
CA LEU C 198 -27.26 -21.48 10.29
C LEU C 198 -26.71 -20.06 10.42
N MET C 199 -26.01 -19.52 9.41
CA MET C 199 -25.06 -18.39 9.63
C MET C 199 -25.57 -17.08 9.05
N GLY C 200 -26.70 -17.08 8.35
CA GLY C 200 -27.21 -15.84 7.74
C GLY C 200 -27.29 -14.71 8.74
N GLN C 201 -27.26 -13.45 8.26
CA GLN C 201 -27.47 -12.23 9.11
C GLN C 201 -28.24 -11.22 8.28
N LYS C 202 -29.19 -10.51 8.87
CA LYS C 202 -29.91 -9.39 8.20
C LYS C 202 -28.87 -8.58 7.43
N GLY C 203 -29.19 -8.16 6.22
CA GLY C 203 -28.35 -7.19 5.49
C GLY C 203 -27.00 -7.74 5.07
N HIS C 204 -26.74 -9.06 5.08
CA HIS C 204 -25.42 -9.61 4.65
C HIS C 204 -25.61 -10.82 3.73
N ALA C 205 -24.72 -10.99 2.80
CA ALA C 205 -24.57 -12.27 2.09
C ALA C 205 -23.43 -12.94 2.80
N LEU C 206 -23.21 -14.21 2.55
CA LEU C 206 -22.20 -14.95 3.32
C LEU C 206 -21.25 -15.58 2.32
N LEU C 207 -20.00 -15.19 2.34
CA LEU C 207 -19.02 -15.84 1.46
C LEU C 207 -18.55 -17.07 2.19
N ILE C 208 -18.67 -18.26 1.60
CA ILE C 208 -18.21 -19.48 2.28
C ILE C 208 -17.04 -20.06 1.50
N ASP C 209 -15.91 -20.22 2.19
CA ASP C 209 -14.79 -21.01 1.67
C ASP C 209 -15.08 -22.46 2.06
N CYS C 210 -15.53 -23.27 1.09
CA CYS C 210 -15.95 -24.69 1.28
C CYS C 210 -14.72 -25.58 1.36
N ARG C 211 -13.52 -25.03 1.20
CA ARG C 211 -12.29 -25.78 1.51
C ARG C 211 -11.91 -25.57 3.00
N SER C 212 -11.70 -24.32 3.40
CA SER C 212 -11.16 -23.96 4.74
C SER C 212 -12.31 -23.87 5.74
N LEU C 213 -13.52 -23.61 5.24
CA LEU C 213 -14.71 -23.37 6.08
C LEU C 213 -14.63 -21.99 6.76
N GLU C 214 -13.74 -21.11 6.29
CA GLU C 214 -13.79 -19.67 6.65
C GLU C 214 -15.05 -19.06 6.03
N THR C 215 -15.71 -18.16 6.75
CA THR C 215 -16.93 -17.48 6.26
C THR C 215 -16.72 -16.00 6.45
N SER C 216 -17.41 -15.23 5.67
CA SER C 216 -17.25 -13.77 5.77
C SER C 216 -18.56 -13.10 5.52
N LEU C 217 -19.00 -12.28 6.45
CA LEU C 217 -20.26 -11.54 6.27
C LEU C 217 -19.94 -10.36 5.36
N VAL C 218 -20.64 -10.25 4.23
CA VAL C 218 -20.48 -9.23 3.16
C VAL C 218 -21.74 -8.39 3.04
N PRO C 219 -21.69 -7.10 3.45
CA PRO C 219 -22.84 -6.18 3.33
C PRO C 219 -23.61 -6.17 2.01
N LEU C 220 -24.93 -6.28 2.07
CA LEU C 220 -25.82 -6.38 0.88
C LEU C 220 -27.15 -5.72 1.25
N SER C 221 -27.08 -4.49 1.75
CA SER C 221 -28.24 -3.63 2.03
C SER C 221 -27.94 -2.27 1.42
N ASP C 222 -28.85 -1.83 0.55
CA ASP C 222 -28.77 -0.63 -0.32
C ASP C 222 -30.14 -0.56 -0.94
N PRO C 223 -31.01 0.32 -0.43
CA PRO C 223 -32.38 0.38 -0.91
C PRO C 223 -32.56 0.49 -2.44
N LYS C 224 -31.53 0.91 -3.20
CA LYS C 224 -31.63 1.06 -4.69
C LYS C 224 -31.51 -0.33 -5.36
N LEU C 225 -31.08 -1.36 -4.63
CA LEU C 225 -30.79 -2.71 -5.17
C LEU C 225 -31.82 -3.69 -4.59
N ALA C 226 -32.27 -4.66 -5.38
CA ALA C 226 -33.16 -5.75 -4.90
C ALA C 226 -32.60 -7.09 -5.38
N VAL C 227 -32.96 -8.15 -4.69
CA VAL C 227 -32.80 -9.52 -5.24
C VAL C 227 -34.21 -10.04 -5.51
N LEU C 228 -34.52 -10.31 -6.78
CA LEU C 228 -35.80 -10.90 -7.24
C LEU C 228 -35.55 -12.39 -7.49
N ILE C 229 -36.28 -13.23 -6.77
CA ILE C 229 -36.23 -14.71 -6.92
C ILE C 229 -37.42 -15.07 -7.80
N THR C 230 -37.20 -15.85 -8.86
CA THR C 230 -38.28 -16.34 -9.75
C THR C 230 -38.30 -17.86 -9.74
N ASN C 231 -39.42 -18.42 -9.29
CA ASN C 231 -39.68 -19.87 -9.25
C ASN C 231 -40.36 -20.25 -10.57
N SER C 232 -39.68 -21.14 -11.32
CA SER C 232 -40.13 -21.77 -12.58
C SER C 232 -41.37 -22.66 -12.31
N ASN C 233 -41.61 -22.99 -11.03
CA ASN C 233 -42.64 -23.98 -10.56
C ASN C 233 -42.56 -25.22 -11.45
N VAL C 234 -41.32 -25.65 -11.72
CA VAL C 234 -40.94 -26.86 -12.49
C VAL C 234 -39.80 -27.54 -11.72
N ARG C 235 -39.77 -28.88 -11.72
CA ARG C 235 -38.65 -29.69 -11.18
C ARG C 235 -38.57 -30.97 -12.02
N HIS C 236 -37.65 -31.03 -12.98
CA HIS C 236 -37.36 -32.27 -13.74
C HIS C 236 -36.75 -33.30 -12.77
N SER C 237 -36.97 -34.59 -13.02
CA SER C 237 -36.51 -35.74 -12.19
C SER C 237 -34.98 -35.69 -12.07
N LEU C 238 -34.31 -35.33 -13.18
CA LEU C 238 -32.84 -35.06 -13.22
C LEU C 238 -32.36 -34.22 -12.03
N ALA C 239 -33.15 -33.25 -11.55
CA ALA C 239 -32.78 -32.45 -10.36
C ALA C 239 -32.27 -33.41 -9.29
N SER C 240 -32.92 -34.57 -9.16
CA SER C 240 -32.59 -35.57 -8.12
C SER C 240 -31.47 -36.47 -8.61
N SER C 241 -31.63 -37.06 -9.81
CA SER C 241 -30.78 -38.18 -10.30
C SER C 241 -29.44 -37.70 -10.91
N GLU C 242 -29.39 -36.52 -11.52
CA GLU C 242 -28.17 -36.02 -12.22
C GLU C 242 -27.28 -35.27 -11.21
N TYR C 243 -27.84 -34.78 -10.10
CA TYR C 243 -27.04 -34.17 -9.03
C TYR C 243 -25.87 -35.08 -8.62
N PRO C 244 -26.09 -36.32 -8.14
CA PRO C 244 -24.99 -37.20 -7.73
C PRO C 244 -23.99 -37.54 -8.86
N VAL C 245 -24.43 -37.54 -10.12
CA VAL C 245 -23.60 -37.79 -11.34
C VAL C 245 -22.54 -36.66 -11.52
N ARG C 246 -22.94 -35.40 -11.35
CA ARG C 246 -22.06 -34.21 -11.34
C ARG C 246 -20.95 -34.35 -10.30
N ARG C 247 -21.31 -34.78 -9.09
CA ARG C 247 -20.34 -35.02 -8.01
C ARG C 247 -19.33 -36.08 -8.45
N ARG C 248 -19.80 -37.18 -9.06
CA ARG C 248 -18.87 -38.27 -9.45
C ARG C 248 -17.98 -37.77 -10.61
N GLN C 249 -18.51 -37.05 -11.59
CA GLN C 249 -17.73 -36.55 -12.76
C GLN C 249 -16.64 -35.60 -12.26
N CYS C 250 -16.98 -34.68 -11.36
CA CYS C 250 -16.00 -33.76 -10.70
C CYS C 250 -14.91 -34.59 -10.01
N GLU C 251 -15.30 -35.61 -9.25
CA GLU C 251 -14.38 -36.47 -8.47
C GLU C 251 -13.43 -37.20 -9.42
N GLU C 252 -13.92 -37.71 -10.56
CA GLU C 252 -13.08 -38.44 -11.54
C GLU C 252 -12.05 -37.46 -12.14
N VAL C 253 -12.46 -36.22 -12.44
CA VAL C 253 -11.54 -35.21 -13.05
C VAL C 253 -10.49 -34.82 -12.01
N ALA C 254 -10.87 -34.57 -10.76
CA ALA C 254 -9.87 -34.37 -9.67
C ALA C 254 -8.85 -35.53 -9.65
N ARG C 255 -9.31 -36.79 -9.50
CA ARG C 255 -8.45 -37.99 -9.34
C ARG C 255 -7.49 -38.11 -10.54
N ALA C 256 -7.95 -37.80 -11.76
CA ALA C 256 -7.18 -37.90 -13.02
C ALA C 256 -6.01 -36.91 -13.01
N LEU C 257 -6.15 -35.76 -12.32
CA LEU C 257 -5.12 -34.67 -12.34
C LEU C 257 -4.27 -34.72 -11.07
N GLY C 258 -4.41 -35.77 -10.26
CA GLY C 258 -3.75 -35.90 -8.93
C GLY C 258 -4.14 -34.77 -8.00
N ALA C 259 -5.39 -34.30 -8.08
CA ALA C 259 -5.85 -33.15 -7.27
C ALA C 259 -6.77 -33.66 -6.18
N ALA C 260 -6.54 -33.22 -4.95
CA ALA C 260 -7.45 -33.41 -3.80
C ALA C 260 -8.87 -32.92 -4.12
N SER C 261 -9.05 -31.85 -4.89
CA SER C 261 -10.37 -31.31 -5.34
C SER C 261 -10.14 -30.35 -6.49
N LEU C 262 -11.18 -29.97 -7.21
CA LEU C 262 -11.07 -29.02 -8.34
C LEU C 262 -10.75 -27.60 -7.84
N ARG C 263 -10.85 -27.35 -6.53
CA ARG C 263 -10.36 -26.05 -5.96
C ARG C 263 -8.87 -25.89 -6.26
N GLU C 264 -8.10 -26.99 -6.20
CA GLU C 264 -6.63 -27.00 -6.41
C GLU C 264 -6.26 -26.79 -7.88
N VAL C 265 -7.23 -26.80 -8.78
CA VAL C 265 -7.02 -26.86 -10.26
C VAL C 265 -7.40 -25.51 -10.86
N GLN C 266 -6.58 -24.96 -11.75
CA GLN C 266 -6.94 -23.72 -12.47
C GLN C 266 -7.07 -24.08 -13.94
N LEU C 267 -7.78 -23.22 -14.69
CA LEU C 267 -8.14 -23.45 -16.12
C LEU C 267 -6.89 -23.86 -16.92
N GLU C 268 -5.74 -23.27 -16.58
CA GLU C 268 -4.45 -23.50 -17.29
C GLU C 268 -4.04 -24.96 -17.11
N GLU C 269 -4.07 -25.46 -15.86
CA GLU C 269 -3.75 -26.88 -15.55
C GLU C 269 -4.76 -27.77 -16.26
N LEU C 270 -6.03 -27.37 -16.26
CA LEU C 270 -7.11 -28.20 -16.88
C LEU C 270 -6.82 -28.36 -18.37
N GLU C 271 -6.48 -27.25 -19.04
CA GLU C 271 -6.30 -27.21 -20.53
C GLU C 271 -5.14 -28.15 -20.92
N ALA C 272 -4.16 -28.37 -20.04
CA ALA C 272 -2.94 -29.19 -20.31
C ALA C 272 -3.19 -30.68 -20.06
N ALA C 273 -4.11 -31.01 -19.13
CA ALA C 273 -4.50 -32.39 -18.77
C ALA C 273 -5.79 -32.77 -19.51
N ARG C 274 -6.15 -31.99 -20.54
CA ARG C 274 -7.34 -32.20 -21.41
C ARG C 274 -7.33 -33.61 -22.00
N ASP C 275 -6.15 -34.14 -22.32
CA ASP C 275 -5.99 -35.49 -22.91
C ASP C 275 -6.08 -36.53 -21.78
N LEU C 276 -6.34 -36.16 -20.51
CA LEU C 276 -6.43 -37.13 -19.36
C LEU C 276 -7.87 -37.35 -18.92
N VAL C 277 -8.84 -36.69 -19.56
CA VAL C 277 -10.28 -36.72 -19.12
C VAL C 277 -11.17 -36.64 -20.34
N SER C 278 -12.42 -37.06 -20.17
CA SER C 278 -13.45 -37.09 -21.23
C SER C 278 -13.81 -35.67 -21.58
N LYS C 279 -14.38 -35.48 -22.77
CA LYS C 279 -14.88 -34.18 -23.28
C LYS C 279 -15.85 -33.61 -22.22
N GLU C 280 -16.63 -34.50 -21.60
CA GLU C 280 -17.74 -34.16 -20.67
C GLU C 280 -17.13 -33.73 -19.33
N GLY C 281 -16.25 -34.55 -18.77
CA GLY C 281 -15.43 -34.20 -17.60
C GLY C 281 -14.77 -32.84 -17.76
N PHE C 282 -14.06 -32.64 -18.85
CA PHE C 282 -13.45 -31.34 -19.18
C PHE C 282 -14.47 -30.22 -19.03
N ARG C 283 -15.70 -30.46 -19.51
CA ARG C 283 -16.80 -29.44 -19.54
C ARG C 283 -17.22 -29.13 -18.10
N ARG C 284 -17.36 -30.16 -17.26
CA ARG C 284 -17.77 -30.01 -15.84
C ARG C 284 -16.68 -29.27 -15.08
N ALA C 285 -15.44 -29.66 -15.30
CA ALA C 285 -14.29 -29.08 -14.56
C ALA C 285 -14.11 -27.62 -15.00
N ARG C 286 -14.32 -27.29 -16.28
CA ARG C 286 -14.16 -25.90 -16.74
C ARG C 286 -15.19 -24.99 -16.07
N HIS C 287 -16.43 -25.46 -15.92
CA HIS C 287 -17.49 -24.73 -15.16
C HIS C 287 -17.01 -24.44 -13.74
N VAL C 288 -16.54 -25.46 -13.03
CA VAL C 288 -16.25 -25.39 -11.57
C VAL C 288 -15.14 -24.36 -11.37
N VAL C 289 -14.04 -24.55 -12.09
CA VAL C 289 -12.79 -23.76 -11.98
C VAL C 289 -13.11 -22.28 -12.30
N GLY C 290 -13.86 -22.03 -13.38
CA GLY C 290 -14.41 -20.71 -13.72
C GLY C 290 -15.37 -20.18 -12.67
N GLU C 291 -16.29 -21.00 -12.16
CA GLU C 291 -17.30 -20.52 -11.18
C GLU C 291 -16.58 -20.10 -9.91
N ILE C 292 -15.54 -20.81 -9.49
CA ILE C 292 -14.77 -20.39 -8.28
C ILE C 292 -14.17 -18.99 -8.55
N ARG C 293 -13.48 -18.81 -9.68
CA ARG C 293 -12.89 -17.48 -10.01
C ARG C 293 -14.01 -16.44 -9.99
N ARG C 294 -15.15 -16.69 -10.65
CA ARG C 294 -16.27 -15.71 -10.71
C ARG C 294 -16.77 -15.39 -9.30
N THR C 295 -16.75 -16.36 -8.37
CA THR C 295 -17.29 -16.10 -7.01
C THR C 295 -16.34 -15.17 -6.26
N ALA C 296 -15.03 -15.25 -6.49
CA ALA C 296 -14.04 -14.34 -5.87
C ALA C 296 -14.21 -12.97 -6.49
N GLN C 297 -14.35 -12.94 -7.81
CA GLN C 297 -14.54 -11.67 -8.56
C GLN C 297 -15.85 -11.02 -8.06
N ALA C 298 -16.93 -11.79 -7.90
CA ALA C 298 -18.26 -11.26 -7.48
C ALA C 298 -18.21 -10.71 -6.05
N ALA C 299 -17.64 -11.46 -5.11
CA ALA C 299 -17.38 -10.94 -3.75
C ALA C 299 -16.60 -9.63 -3.89
N ALA C 300 -15.48 -9.59 -4.62
CA ALA C 300 -14.70 -8.33 -4.72
C ALA C 300 -15.64 -7.22 -5.23
N ALA C 301 -16.49 -7.55 -6.21
CA ALA C 301 -17.43 -6.62 -6.85
C ALA C 301 -18.48 -6.13 -5.84
N LEU C 302 -19.03 -7.03 -5.02
CA LEU C 302 -20.06 -6.69 -3.99
C LEU C 302 -19.52 -5.69 -2.97
N ARG C 303 -18.28 -5.87 -2.54
CA ARG C 303 -17.62 -5.07 -1.48
C ARG C 303 -17.51 -3.61 -1.95
N ARG C 304 -17.00 -3.38 -3.17
CA ARG C 304 -16.80 -2.03 -3.75
C ARG C 304 -18.07 -1.49 -4.43
N GLY C 305 -19.22 -2.12 -4.23
CA GLY C 305 -20.55 -1.63 -4.65
C GLY C 305 -20.77 -1.69 -6.15
N ASP C 306 -20.08 -2.59 -6.85
CA ASP C 306 -20.05 -2.66 -8.33
C ASP C 306 -21.02 -3.75 -8.80
N TYR C 307 -22.31 -3.42 -8.70
CA TYR C 307 -23.46 -4.26 -9.07
C TYR C 307 -23.46 -4.56 -10.58
N ARG C 308 -23.04 -3.62 -11.43
CA ARG C 308 -23.02 -3.87 -12.89
C ARG C 308 -22.03 -5.01 -13.09
N ALA C 309 -20.88 -4.99 -12.41
CA ALA C 309 -19.89 -6.07 -12.60
C ALA C 309 -20.44 -7.37 -11.98
N PHE C 310 -21.04 -7.29 -10.81
CA PHE C 310 -21.63 -8.46 -10.12
C PHE C 310 -22.65 -9.13 -11.08
N GLY C 311 -23.51 -8.33 -11.72
CA GLY C 311 -24.57 -8.79 -12.63
C GLY C 311 -23.98 -9.57 -13.80
N ARG C 312 -22.94 -8.99 -14.45
CA ARG C 312 -22.21 -9.59 -15.60
C ARG C 312 -21.70 -10.98 -15.16
N LEU C 313 -21.08 -11.04 -13.98
CA LEU C 313 -20.57 -12.31 -13.40
C LEU C 313 -21.72 -13.30 -13.22
N MET C 314 -22.91 -12.83 -12.80
CA MET C 314 -24.06 -13.74 -12.59
C MET C 314 -24.42 -14.35 -13.94
N VAL C 315 -24.33 -13.53 -15.03
CA VAL C 315 -24.69 -13.94 -16.41
C VAL C 315 -23.63 -14.92 -16.88
N GLU C 316 -22.34 -14.70 -16.65
CA GLU C 316 -21.36 -15.74 -17.04
C GLU C 316 -21.68 -17.06 -16.29
N SER C 317 -22.07 -17.02 -15.00
CA SER C 317 -22.28 -18.25 -14.18
C SER C 317 -23.40 -19.10 -14.83
N HIS C 318 -24.44 -18.43 -15.27
CA HIS C 318 -25.60 -19.08 -15.93
C HIS C 318 -25.12 -19.75 -17.21
N ARG C 319 -24.36 -19.00 -18.01
CA ARG C 319 -23.89 -19.44 -19.34
C ARG C 319 -23.04 -20.70 -19.10
N SER C 320 -22.20 -20.68 -18.07
CA SER C 320 -21.33 -21.80 -17.68
C SER C 320 -22.19 -23.00 -17.26
N LEU C 321 -23.22 -22.74 -16.46
CA LEU C 321 -24.12 -23.79 -15.90
C LEU C 321 -24.94 -24.40 -17.03
N ARG C 322 -25.34 -23.56 -17.99
CA ARG C 322 -26.17 -23.95 -19.15
C ARG C 322 -25.32 -24.76 -20.15
N ASP C 323 -24.08 -24.42 -20.40
CA ASP C 323 -23.30 -24.98 -21.53
C ASP C 323 -22.27 -26.00 -21.07
N ASP C 324 -21.60 -25.77 -19.95
CA ASP C 324 -20.49 -26.65 -19.52
C ASP C 324 -21.01 -27.64 -18.50
N TYR C 325 -21.77 -27.18 -17.50
CA TYR C 325 -22.31 -28.06 -16.44
C TYR C 325 -23.62 -28.73 -16.91
N GLU C 326 -24.35 -28.11 -17.84
CA GLU C 326 -25.62 -28.68 -18.37
C GLU C 326 -26.50 -29.14 -17.22
N VAL C 327 -26.90 -28.20 -16.38
CA VAL C 327 -27.88 -28.43 -15.29
C VAL C 327 -28.91 -27.31 -15.34
N SER C 328 -28.96 -26.54 -16.43
CA SER C 328 -30.12 -25.65 -16.68
C SER C 328 -31.22 -26.46 -17.38
N CYS C 329 -32.33 -25.83 -17.68
CA CYS C 329 -33.42 -26.42 -18.50
C CYS C 329 -34.09 -25.30 -19.28
N PRO C 330 -34.87 -25.59 -20.34
CA PRO C 330 -35.51 -24.54 -21.12
C PRO C 330 -36.26 -23.53 -20.22
N GLU C 331 -36.88 -24.00 -19.14
CA GLU C 331 -37.73 -23.10 -18.31
C GLU C 331 -36.80 -22.05 -17.70
N LEU C 332 -35.76 -22.46 -16.96
CA LEU C 332 -34.78 -21.53 -16.32
C LEU C 332 -34.15 -20.64 -17.39
N ASP C 333 -33.78 -21.21 -18.53
CA ASP C 333 -33.13 -20.43 -19.61
C ASP C 333 -34.08 -19.33 -20.09
N GLN C 334 -35.38 -19.58 -20.26
CA GLN C 334 -36.30 -18.54 -20.81
C GLN C 334 -36.52 -17.51 -19.70
N LEU C 335 -36.45 -17.90 -18.42
CA LEU C 335 -36.64 -16.94 -17.30
C LEU C 335 -35.47 -15.95 -17.25
N VAL C 336 -34.26 -16.42 -17.53
CA VAL C 336 -32.99 -15.61 -17.48
C VAL C 336 -32.97 -14.68 -18.69
N GLU C 337 -33.25 -15.21 -19.89
CA GLU C 337 -33.27 -14.44 -21.18
C GLU C 337 -34.30 -13.32 -21.05
N ALA C 338 -35.46 -13.59 -20.45
CA ALA C 338 -36.52 -12.58 -20.18
C ALA C 338 -35.99 -11.47 -19.27
N ALA C 339 -35.40 -11.85 -18.13
CA ALA C 339 -34.99 -10.93 -17.04
C ALA C 339 -33.90 -9.98 -17.55
N LEU C 340 -32.98 -10.48 -18.39
CA LEU C 340 -31.81 -9.71 -18.92
C LEU C 340 -32.27 -8.69 -19.95
N ALA C 341 -33.49 -8.86 -20.47
CA ALA C 341 -34.16 -7.93 -21.40
C ALA C 341 -34.84 -6.80 -20.64
N VAL C 342 -34.90 -6.83 -19.31
CA VAL C 342 -35.57 -5.73 -18.56
C VAL C 342 -34.57 -4.63 -18.21
N PRO C 343 -34.84 -3.38 -18.63
CA PRO C 343 -34.09 -2.21 -18.16
C PRO C 343 -33.93 -2.24 -16.63
N GLY C 344 -32.70 -2.12 -16.13
CA GLY C 344 -32.36 -1.97 -14.71
C GLY C 344 -31.96 -3.30 -14.11
N VAL C 345 -32.07 -4.37 -14.90
CA VAL C 345 -31.63 -5.70 -14.42
C VAL C 345 -30.13 -5.71 -14.64
N TYR C 346 -29.36 -6.02 -13.59
CA TYR C 346 -27.87 -6.08 -13.63
C TYR C 346 -27.47 -7.47 -14.10
N GLY C 347 -28.20 -8.48 -13.65
CA GLY C 347 -27.87 -9.88 -13.97
C GLY C 347 -28.93 -10.85 -13.47
N SER C 348 -28.98 -12.02 -14.04
CA SER C 348 -29.90 -13.11 -13.66
C SER C 348 -29.19 -14.44 -13.94
N ARG C 349 -29.46 -15.44 -13.11
CA ARG C 349 -28.93 -16.81 -13.31
C ARG C 349 -29.89 -17.80 -12.64
N MET C 350 -29.81 -19.05 -13.01
CA MET C 350 -30.36 -20.12 -12.14
C MET C 350 -29.56 -20.09 -10.84
N THR C 351 -30.22 -20.50 -9.76
CA THR C 351 -29.65 -20.69 -8.40
C THR C 351 -29.98 -22.10 -7.90
N GLY C 352 -29.21 -22.67 -7.00
CA GLY C 352 -29.41 -24.04 -6.53
C GLY C 352 -29.02 -25.08 -7.55
N GLY C 353 -29.52 -26.31 -7.37
CA GLY C 353 -29.01 -27.50 -8.10
C GLY C 353 -29.34 -27.45 -9.57
N GLY C 354 -30.42 -26.78 -9.97
CA GLY C 354 -30.80 -26.74 -11.41
C GLY C 354 -31.96 -27.69 -11.79
N PHE C 355 -32.18 -27.90 -13.10
CA PHE C 355 -33.19 -28.81 -13.69
C PHE C 355 -34.62 -28.39 -13.28
N GLY C 356 -34.76 -27.09 -13.01
CA GLY C 356 -35.96 -26.47 -12.42
C GLY C 356 -35.61 -25.52 -11.31
N GLY C 357 -36.58 -25.25 -10.44
CA GLY C 357 -36.36 -24.39 -9.29
C GLY C 357 -36.34 -22.95 -9.72
N CYS C 358 -35.56 -22.15 -9.01
CA CYS C 358 -35.62 -20.66 -9.07
C CYS C 358 -34.47 -20.06 -9.91
N THR C 359 -34.70 -18.87 -10.43
CA THR C 359 -33.62 -17.94 -10.85
C THR C 359 -33.47 -16.86 -9.79
N VAL C 360 -32.28 -16.25 -9.74
CA VAL C 360 -32.02 -15.04 -8.94
C VAL C 360 -31.61 -13.89 -9.88
N THR C 361 -32.20 -12.72 -9.65
CA THR C 361 -32.01 -11.50 -10.47
C THR C 361 -31.66 -10.36 -9.54
N LEU C 362 -30.52 -9.72 -9.80
CA LEU C 362 -30.04 -8.52 -9.09
C LEU C 362 -30.46 -7.33 -9.96
N LEU C 363 -31.24 -6.40 -9.41
CA LEU C 363 -31.85 -5.31 -10.20
C LEU C 363 -32.07 -4.12 -9.30
N GLU C 364 -32.11 -2.91 -9.87
CA GLU C 364 -32.50 -1.67 -9.18
C GLU C 364 -33.91 -1.88 -8.61
N ALA C 365 -34.12 -1.67 -7.32
CA ALA C 365 -35.42 -1.92 -6.65
C ALA C 365 -36.58 -1.30 -7.46
N SER C 366 -36.39 -0.13 -8.08
CA SER C 366 -37.47 0.59 -8.81
C SER C 366 -37.90 -0.22 -10.05
N ALA C 367 -37.07 -1.17 -10.51
CA ALA C 367 -37.30 -1.99 -11.72
C ALA C 367 -38.01 -3.33 -11.40
N ALA C 368 -38.14 -3.73 -10.13
CA ALA C 368 -38.73 -5.05 -9.77
C ALA C 368 -40.14 -5.19 -10.35
N PRO C 369 -41.04 -4.19 -10.18
CA PRO C 369 -42.37 -4.27 -10.78
C PRO C 369 -42.37 -4.64 -12.28
N HIS C 370 -41.67 -3.85 -13.10
CA HIS C 370 -41.63 -4.04 -14.59
C HIS C 370 -40.94 -5.39 -14.93
N ALA C 371 -40.03 -5.91 -14.11
CA ALA C 371 -39.34 -7.18 -14.42
C ALA C 371 -40.31 -8.34 -14.18
N MET C 372 -41.19 -8.20 -13.20
CA MET C 372 -42.17 -9.26 -12.87
C MET C 372 -43.20 -9.33 -14.02
N ARG C 373 -43.72 -8.20 -14.49
CA ARG C 373 -44.66 -8.20 -15.64
C ARG C 373 -43.94 -8.92 -16.80
N HIS C 374 -42.73 -8.50 -17.16
CA HIS C 374 -42.02 -8.94 -18.39
C HIS C 374 -41.66 -10.43 -18.31
N ILE C 375 -41.23 -10.89 -17.14
CA ILE C 375 -40.79 -12.30 -16.94
C ILE C 375 -42.02 -13.19 -17.07
N GLN C 376 -43.10 -12.86 -16.36
CA GLN C 376 -44.38 -13.61 -16.46
C GLN C 376 -44.81 -13.72 -17.93
N GLU C 377 -44.83 -12.60 -18.68
CA GLU C 377 -45.43 -12.54 -20.05
C GLU C 377 -44.61 -13.45 -20.98
N HIS C 378 -43.30 -13.49 -20.76
CA HIS C 378 -42.32 -14.24 -21.59
C HIS C 378 -42.19 -15.68 -21.10
N TYR C 379 -42.67 -16.01 -19.90
CA TYR C 379 -42.63 -17.38 -19.33
C TYR C 379 -43.88 -18.18 -19.78
N GLY C 380 -43.62 -19.24 -20.57
CA GLY C 380 -44.54 -20.35 -20.84
C GLY C 380 -44.61 -21.26 -19.63
N GLY C 381 -45.69 -21.16 -18.86
CA GLY C 381 -45.73 -21.66 -17.48
C GLY C 381 -46.04 -20.55 -16.50
N THR C 382 -46.25 -20.87 -15.23
CA THR C 382 -46.69 -19.84 -14.26
C THR C 382 -45.57 -19.59 -13.26
N ALA C 383 -44.98 -18.39 -13.34
CA ALA C 383 -43.89 -17.94 -12.47
C ALA C 383 -44.52 -17.47 -11.18
N THR C 384 -43.76 -17.66 -10.09
CA THR C 384 -43.97 -17.12 -8.73
C THR C 384 -42.76 -16.26 -8.36
N PHE C 385 -42.97 -15.15 -7.66
CA PHE C 385 -41.92 -14.11 -7.40
C PHE C 385 -41.75 -13.91 -5.89
N TYR C 386 -40.51 -13.79 -5.43
CA TYR C 386 -40.17 -13.26 -4.09
C TYR C 386 -39.11 -12.16 -4.27
N LEU C 387 -39.38 -10.98 -3.74
CA LEU C 387 -38.39 -9.89 -3.56
C LEU C 387 -37.80 -10.02 -2.17
N SER C 388 -36.54 -10.42 -2.04
CA SER C 388 -35.95 -10.74 -0.73
C SER C 388 -34.84 -9.76 -0.34
N GLN C 389 -34.82 -9.37 0.92
CA GLN C 389 -33.65 -8.80 1.64
C GLN C 389 -32.91 -10.01 2.22
N ALA C 390 -31.62 -9.86 2.47
CA ALA C 390 -30.78 -10.80 3.22
C ALA C 390 -31.37 -10.92 4.62
N ALA C 391 -31.52 -12.13 5.14
CA ALA C 391 -32.18 -12.33 6.45
C ALA C 391 -31.24 -13.05 7.42
N ASP C 392 -31.69 -13.15 8.68
CA ASP C 392 -30.97 -13.82 9.79
C ASP C 392 -30.98 -15.33 9.58
N GLY C 393 -29.99 -16.01 10.13
CA GLY C 393 -29.94 -17.48 10.19
C GLY C 393 -30.74 -18.00 11.40
N ALA C 394 -30.45 -19.21 11.84
CA ALA C 394 -31.31 -19.88 12.83
C ALA C 394 -31.43 -19.01 14.08
N LYS C 395 -32.63 -18.87 14.61
CA LYS C 395 -32.85 -18.13 15.88
C LYS C 395 -33.66 -18.98 16.85
N VAL C 396 -33.56 -18.66 18.14
CA VAL C 396 -34.34 -19.28 19.23
C VAL C 396 -35.16 -18.20 19.95
N LEU C 397 -36.43 -18.50 20.27
CA LEU C 397 -37.31 -17.66 21.14
C LEU C 397 -37.89 -18.53 22.27
N CYS C 398 -37.63 -18.19 23.52
CA CYS C 398 -38.20 -18.90 24.70
C CYS C 398 -39.65 -18.47 24.85
N LEU C 399 -40.56 -19.43 24.86
CA LEU C 399 -42.01 -19.14 25.03
C LEU C 399 -42.39 -19.40 26.49
N PRO D 14 -13.13 -22.59 35.68
CA PRO D 14 -14.49 -22.51 36.27
C PRO D 14 -15.59 -22.65 35.19
N GLN D 15 -16.09 -23.88 34.95
CA GLN D 15 -16.89 -24.32 33.77
C GLN D 15 -18.26 -23.62 33.69
N VAL D 16 -18.86 -23.59 32.49
CA VAL D 16 -20.19 -22.98 32.16
C VAL D 16 -21.26 -23.55 33.11
N ALA D 17 -21.24 -24.87 33.32
CA ALA D 17 -22.20 -25.60 34.17
C ALA D 17 -22.34 -24.88 35.52
N GLU D 18 -21.22 -24.74 36.23
CA GLU D 18 -21.17 -24.17 37.60
C GLU D 18 -21.83 -22.79 37.61
N LEU D 19 -21.65 -21.97 36.58
CA LEU D 19 -22.14 -20.57 36.60
C LEU D 19 -23.65 -20.56 36.36
N LEU D 20 -24.11 -21.26 35.34
CA LEU D 20 -25.56 -21.46 35.07
C LEU D 20 -26.29 -21.93 36.34
N ALA D 21 -25.75 -22.95 37.05
CA ALA D 21 -26.34 -23.53 38.28
C ALA D 21 -26.35 -22.48 39.41
N GLU D 22 -25.21 -21.86 39.74
CA GLU D 22 -25.08 -20.83 40.83
C GLU D 22 -26.05 -19.67 40.57
N ALA D 23 -26.27 -19.24 39.33
CA ALA D 23 -27.30 -18.24 38.97
C ALA D 23 -28.71 -18.80 39.19
N ARG D 24 -28.93 -20.09 38.92
CA ARG D 24 -30.27 -20.74 38.99
C ARG D 24 -30.63 -20.93 40.48
N ARG D 25 -29.65 -21.31 41.32
CA ARG D 25 -29.76 -21.42 42.81
C ARG D 25 -30.10 -20.05 43.44
N ALA D 26 -29.33 -19.01 43.08
CA ALA D 26 -29.52 -17.62 43.58
C ALA D 26 -30.92 -17.12 43.21
N PHE D 27 -31.32 -17.28 41.94
CA PHE D 27 -32.56 -16.70 41.37
C PHE D 27 -33.82 -17.14 42.13
N ARG D 28 -34.07 -18.45 42.25
CA ARG D 28 -35.38 -19.01 42.67
C ARG D 28 -35.69 -18.47 44.08
N GLU D 29 -34.62 -18.22 44.86
CA GLU D 29 -34.61 -17.58 46.20
C GLU D 29 -35.17 -16.15 46.18
N GLU D 30 -35.12 -15.43 45.06
CA GLU D 30 -35.72 -14.07 44.89
C GLU D 30 -36.82 -14.15 43.80
N PHE D 31 -38.07 -14.37 44.27
CA PHE D 31 -39.36 -14.54 43.52
C PHE D 31 -39.73 -16.06 43.49
N GLU D 34 -37.61 -21.15 40.03
CA GLU D 34 -37.07 -21.53 38.69
C GLU D 34 -37.23 -20.29 37.80
N PRO D 35 -36.12 -19.84 37.17
CA PRO D 35 -36.17 -18.81 36.13
C PRO D 35 -36.63 -19.55 34.78
N GLU D 36 -37.30 -18.69 33.92
CA GLU D 36 -37.79 -19.04 32.55
C GLU D 36 -36.62 -19.24 31.57
N LEU D 37 -35.67 -18.31 31.47
CA LEU D 37 -34.70 -18.32 30.35
C LEU D 37 -33.32 -17.84 30.79
N ALA D 38 -32.27 -18.40 30.20
CA ALA D 38 -30.84 -18.16 30.50
C ALA D 38 -30.12 -17.58 29.27
N VAL D 39 -29.13 -16.72 29.51
CA VAL D 39 -28.23 -16.17 28.46
C VAL D 39 -26.80 -16.11 28.98
N SER D 40 -25.87 -16.02 28.05
CA SER D 40 -24.43 -15.85 28.32
C SER D 40 -23.88 -14.99 27.19
N ALA D 41 -22.88 -14.20 27.53
CA ALA D 41 -22.01 -13.49 26.58
C ALA D 41 -20.59 -13.62 27.11
N PRO D 42 -19.58 -13.85 26.24
CA PRO D 42 -18.22 -14.07 26.70
C PRO D 42 -17.49 -12.75 26.90
N GLY D 43 -16.43 -12.82 27.70
CA GLY D 43 -15.29 -11.89 27.61
C GLY D 43 -14.57 -12.04 26.24
N ARG D 44 -13.61 -11.14 25.99
CA ARG D 44 -12.88 -10.97 24.70
C ARG D 44 -11.42 -10.86 25.07
N VAL D 45 -10.51 -11.50 24.33
CA VAL D 45 -9.08 -11.12 24.31
C VAL D 45 -8.75 -10.66 22.88
N ASN D 46 -8.05 -9.53 22.75
CA ASN D 46 -7.47 -9.07 21.47
C ASN D 46 -6.11 -9.74 21.27
N LEU D 47 -5.95 -10.41 20.16
CA LEU D 47 -4.68 -11.12 19.85
C LEU D 47 -3.68 -10.17 19.19
N ILE D 48 -4.16 -9.20 18.41
CA ILE D 48 -3.32 -8.21 17.71
C ILE D 48 -4.25 -7.21 17.01
N GLY D 49 -3.84 -5.94 16.98
CA GLY D 49 -4.45 -4.88 16.16
C GLY D 49 -5.40 -3.94 16.89
N GLU D 50 -5.67 -4.14 18.17
CA GLU D 50 -6.76 -3.45 18.95
C GLU D 50 -6.64 -1.93 18.88
N HIS D 51 -5.40 -1.42 18.89
CA HIS D 51 -5.10 0.04 18.96
C HIS D 51 -5.19 0.70 17.58
N THR D 52 -5.68 -0.01 16.56
CA THR D 52 -5.82 0.47 15.17
C THR D 52 -7.30 0.67 14.82
N ASP D 53 -8.20 0.37 15.74
CA ASP D 53 -9.65 0.40 15.44
C ASP D 53 -10.09 1.86 15.16
N TYR D 54 -9.52 2.88 15.81
CA TYR D 54 -9.89 4.31 15.57
C TYR D 54 -9.23 4.79 14.28
N ASN D 55 -8.29 4.02 13.76
CA ASN D 55 -7.46 4.43 12.60
C ASN D 55 -7.85 3.56 11.40
N GLN D 56 -9.05 2.99 11.40
CA GLN D 56 -9.59 2.22 10.24
C GLN D 56 -8.74 0.96 10.02
N GLY D 57 -8.32 0.32 11.12
CA GLY D 57 -7.33 -0.76 11.09
C GLY D 57 -8.00 -2.11 10.98
N LEU D 58 -7.31 -3.15 11.46
CA LEU D 58 -7.73 -4.57 11.44
C LEU D 58 -7.53 -5.08 12.86
N VAL D 59 -8.53 -5.74 13.45
CA VAL D 59 -8.44 -6.29 14.82
C VAL D 59 -8.71 -7.77 14.66
N LEU D 60 -8.04 -8.56 15.48
CA LEU D 60 -8.08 -10.01 15.42
C LEU D 60 -8.34 -10.48 16.85
N PRO D 61 -9.58 -10.40 17.35
CA PRO D 61 -9.89 -10.86 18.70
C PRO D 61 -10.47 -12.27 18.75
N MET D 62 -10.71 -12.75 19.95
CA MET D 62 -11.22 -14.13 20.26
C MET D 62 -12.16 -14.04 21.47
N ALA D 63 -13.36 -14.63 21.42
CA ALA D 63 -14.24 -14.70 22.61
C ALA D 63 -13.55 -15.68 23.56
N LEU D 64 -13.61 -15.43 24.86
CA LEU D 64 -12.95 -16.29 25.89
C LEU D 64 -13.97 -17.22 26.57
N GLU D 65 -13.46 -18.25 27.24
CA GLU D 65 -14.23 -19.20 28.09
C GLU D 65 -14.46 -18.58 29.50
N LEU D 66 -14.50 -17.26 29.61
CA LEU D 66 -15.04 -16.46 30.73
C LEU D 66 -16.25 -15.72 30.19
N MET D 67 -17.36 -15.71 30.92
CA MET D 67 -18.64 -15.18 30.40
C MET D 67 -19.46 -14.54 31.52
N THR D 68 -20.38 -13.69 31.12
CA THR D 68 -21.51 -13.22 31.94
C THR D 68 -22.72 -14.13 31.63
N VAL D 69 -23.44 -14.58 32.66
CA VAL D 69 -24.75 -15.31 32.58
C VAL D 69 -25.86 -14.48 33.26
N LEU D 70 -26.89 -14.09 32.49
CA LEU D 70 -28.18 -13.52 32.95
C LEU D 70 -29.26 -14.61 32.97
N VAL D 71 -29.77 -14.92 34.13
CA VAL D 71 -30.79 -15.98 34.31
C VAL D 71 -32.02 -15.31 34.92
N GLY D 72 -33.22 -15.51 34.36
CA GLY D 72 -34.39 -14.70 34.75
C GLY D 72 -35.69 -14.96 33.97
N SER D 73 -36.67 -14.06 34.19
CA SER D 73 -38.07 -14.20 33.70
C SER D 73 -38.74 -12.82 33.61
N PRO D 74 -39.76 -12.65 32.72
CA PRO D 74 -40.48 -11.39 32.63
C PRO D 74 -41.49 -11.23 33.79
N ARG D 75 -40.98 -11.00 35.00
CA ARG D 75 -41.72 -10.58 36.23
C ARG D 75 -43.03 -9.86 35.88
N LYS D 76 -44.09 -10.06 36.67
CA LYS D 76 -45.41 -9.45 36.43
C LYS D 76 -45.44 -7.95 36.84
N ASP D 77 -44.48 -7.49 37.71
CA ASP D 77 -44.54 -6.13 38.37
C ASP D 77 -44.91 -5.03 37.36
N GLY D 78 -44.12 -4.88 36.27
CA GLY D 78 -44.08 -3.69 35.39
C GLY D 78 -42.86 -2.73 35.76
N LEU D 79 -41.91 -3.44 36.55
CA LEU D 79 -40.66 -2.87 37.08
C LEU D 79 -39.52 -3.68 36.46
N VAL D 80 -38.28 -3.37 36.84
CA VAL D 80 -37.06 -4.17 36.54
C VAL D 80 -36.33 -4.46 37.86
N SER D 81 -36.18 -5.74 38.24
CA SER D 81 -35.58 -6.18 39.54
C SER D 81 -34.44 -7.19 39.29
N LEU D 82 -33.21 -6.74 39.54
CA LEU D 82 -31.93 -7.48 39.33
C LEU D 82 -31.33 -7.82 40.71
N LEU D 83 -30.60 -8.92 40.83
CA LEU D 83 -29.61 -9.11 41.91
C LEU D 83 -28.34 -9.75 41.35
N THR D 84 -27.23 -9.01 41.42
CA THR D 84 -25.87 -9.45 41.00
C THR D 84 -25.29 -10.39 42.08
N THR D 85 -24.24 -11.13 41.72
CA THR D 85 -23.45 -11.96 42.66
C THR D 85 -22.12 -12.33 41.99
N GLN D 93 -25.91 -7.13 45.47
CA GLN D 93 -26.81 -5.96 45.63
C GLN D 93 -28.15 -6.27 44.94
N ARG D 94 -29.28 -6.05 45.62
CA ARG D 94 -30.62 -5.99 44.99
C ARG D 94 -30.66 -4.68 44.19
N LEU D 95 -31.72 -4.43 43.43
CA LEU D 95 -31.94 -3.15 42.71
C LEU D 95 -33.24 -3.28 41.89
N GLN D 96 -34.29 -2.60 42.31
CA GLN D 96 -35.63 -2.64 41.65
C GLN D 96 -35.96 -1.23 41.17
N PHE D 97 -36.18 -1.01 39.87
CA PHE D 97 -36.53 0.32 39.31
C PHE D 97 -37.54 0.24 38.17
N PRO D 98 -38.39 1.27 37.97
CA PRO D 98 -39.40 1.27 36.91
C PRO D 98 -38.77 1.41 35.51
N LEU D 99 -39.62 1.45 34.46
CA LEU D 99 -39.20 1.41 33.04
C LEU D 99 -39.20 2.81 32.42
N PRO D 100 -38.25 3.13 31.51
CA PRO D 100 -38.34 4.30 30.65
C PRO D 100 -39.72 4.49 29.98
N THR D 101 -40.25 5.72 30.01
CA THR D 101 -41.53 6.12 29.35
C THR D 101 -41.21 7.12 28.22
N ALA D 102 -42.20 7.38 27.34
CA ALA D 102 -42.20 8.47 26.36
C ALA D 102 -41.78 9.78 27.05
N GLN D 103 -42.54 10.21 28.07
CA GLN D 103 -42.41 11.53 28.74
C GLN D 103 -41.40 11.48 29.91
N ARG D 104 -40.68 10.36 30.11
CA ARG D 104 -39.64 10.23 31.17
C ARG D 104 -38.71 9.03 30.87
N SER D 105 -37.40 9.29 30.77
CA SER D 105 -36.36 8.29 30.43
C SER D 105 -35.69 7.77 31.70
N LEU D 106 -34.89 6.71 31.53
CA LEU D 106 -33.96 6.14 32.56
C LEU D 106 -32.93 7.21 32.91
N GLU D 107 -32.09 6.92 33.92
CA GLU D 107 -30.96 7.77 34.39
C GLU D 107 -29.98 6.87 35.15
N PRO D 108 -28.65 7.11 35.07
CA PRO D 108 -27.69 6.38 35.90
C PRO D 108 -27.96 6.53 37.41
N GLY D 109 -27.16 5.88 38.24
CA GLY D 109 -27.48 5.71 39.67
C GLY D 109 -26.31 5.16 40.49
N THR D 110 -26.58 4.94 41.79
CA THR D 110 -25.65 4.47 42.84
C THR D 110 -25.08 3.10 42.49
N PRO D 111 -25.89 2.08 42.09
CA PRO D 111 -25.31 0.79 41.67
C PRO D 111 -24.67 0.88 40.27
N ARG D 112 -23.33 0.85 40.16
CA ARG D 112 -22.60 1.03 38.86
C ARG D 112 -22.82 -0.19 37.94
N TRP D 113 -22.85 -1.40 38.52
CA TRP D 113 -23.33 -2.67 37.90
C TRP D 113 -24.41 -2.30 36.89
N ALA D 114 -25.50 -1.77 37.43
CA ALA D 114 -26.82 -1.64 36.79
C ALA D 114 -26.81 -0.54 35.74
N ASN D 115 -25.79 0.31 35.69
CA ASN D 115 -25.71 1.44 34.73
C ASN D 115 -25.67 0.86 33.29
N TYR D 116 -24.92 -0.22 33.11
CA TYR D 116 -24.80 -0.93 31.81
C TYR D 116 -26.18 -1.49 31.40
N VAL D 117 -26.84 -2.17 32.34
CA VAL D 117 -28.18 -2.82 32.17
C VAL D 117 -29.22 -1.75 31.85
N LYS D 118 -29.26 -0.68 32.64
CA LYS D 118 -30.24 0.43 32.46
C LYS D 118 -29.96 1.10 31.11
N GLY D 119 -28.67 1.36 30.83
CA GLY D 119 -28.16 1.69 29.49
C GLY D 119 -28.89 0.93 28.38
N VAL D 120 -28.62 -0.37 28.23
CA VAL D 120 -29.22 -1.22 27.15
C VAL D 120 -30.74 -1.02 27.18
N ILE D 121 -31.36 -1.02 28.37
CA ILE D 121 -32.83 -0.81 28.50
C ILE D 121 -33.20 0.54 27.87
N GLN D 122 -32.47 1.61 28.24
CA GLN D 122 -32.81 2.99 27.82
C GLN D 122 -32.83 3.06 26.28
N TYR D 123 -31.92 2.35 25.58
CA TYR D 123 -31.78 2.46 24.10
C TYR D 123 -32.22 1.18 23.37
N TYR D 124 -32.89 0.24 24.04
CA TYR D 124 -33.41 -1.00 23.40
C TYR D 124 -34.43 -0.63 22.33
N PRO D 125 -34.16 -0.96 21.05
CA PRO D 125 -34.96 -0.44 19.94
C PRO D 125 -36.40 -0.94 19.83
N ALA D 126 -36.74 -2.11 20.38
CA ALA D 126 -38.01 -2.81 20.10
C ALA D 126 -39.11 -2.19 20.94
N ALA D 127 -40.23 -1.84 20.30
CA ALA D 127 -41.30 -1.07 20.94
C ALA D 127 -41.74 -1.81 22.21
N PRO D 128 -42.54 -2.91 22.15
CA PRO D 128 -43.36 -3.29 23.31
C PRO D 128 -42.60 -4.03 24.44
N LEU D 129 -41.54 -3.43 25.00
CA LEU D 129 -40.60 -4.08 25.97
C LEU D 129 -41.21 -4.05 27.37
N PRO D 130 -41.50 -5.23 27.97
CA PRO D 130 -42.13 -5.28 29.28
C PRO D 130 -41.09 -5.28 30.41
N GLY D 131 -41.58 -5.32 31.65
CA GLY D 131 -40.77 -5.49 32.87
C GLY D 131 -40.16 -6.92 32.93
N PHE D 132 -39.26 -7.14 33.92
CA PHE D 132 -38.63 -8.47 34.14
C PHE D 132 -37.83 -8.46 35.48
N SER D 133 -37.53 -9.75 35.92
CA SER D 133 -36.67 -10.10 37.08
C SER D 133 -35.42 -10.86 36.56
N ALA D 134 -34.23 -10.57 37.11
CA ALA D 134 -32.94 -11.09 36.57
C ALA D 134 -31.86 -11.22 37.66
N VAL D 135 -31.05 -12.30 37.54
CA VAL D 135 -29.77 -12.52 38.31
C VAL D 135 -28.59 -12.47 37.31
N VAL D 136 -27.55 -11.70 37.63
CA VAL D 136 -26.37 -11.48 36.77
C VAL D 136 -25.14 -12.08 37.48
N VAL D 137 -24.57 -13.18 36.96
CA VAL D 137 -23.29 -13.77 37.43
C VAL D 137 -22.25 -13.60 36.32
N SER D 138 -20.95 -13.75 36.61
CA SER D 138 -19.83 -13.53 35.66
C SER D 138 -18.53 -14.13 36.19
N SER D 139 -17.71 -14.66 35.30
CA SER D 139 -16.34 -15.16 35.58
C SER D 139 -15.37 -14.26 34.83
N VAL D 140 -15.88 -13.26 34.15
CA VAL D 140 -15.01 -12.23 33.53
C VAL D 140 -14.56 -11.30 34.66
N PRO D 141 -13.25 -11.26 34.99
CA PRO D 141 -12.75 -10.34 36.03
C PRO D 141 -12.91 -8.88 35.59
N LEU D 142 -13.43 -8.06 36.49
CA LEU D 142 -13.55 -6.58 36.35
C LEU D 142 -12.14 -5.98 36.47
N GLY D 143 -11.74 -5.11 35.55
CA GLY D 143 -10.46 -4.36 35.63
C GLY D 143 -9.37 -4.86 34.69
N GLY D 144 -9.49 -6.09 34.17
CA GLY D 144 -8.39 -6.81 33.48
C GLY D 144 -8.44 -6.57 32.00
N GLY D 145 -9.32 -5.69 31.55
CA GLY D 145 -9.50 -5.38 30.12
C GLY D 145 -9.95 -6.60 29.33
N LEU D 146 -10.74 -7.48 29.95
CA LEU D 146 -11.27 -8.70 29.28
C LEU D 146 -12.73 -8.49 28.86
N SER D 147 -13.16 -7.22 28.76
CA SER D 147 -14.49 -6.77 28.27
C SER D 147 -15.56 -7.27 29.25
N SER D 148 -15.36 -7.10 30.55
CA SER D 148 -16.39 -7.37 31.60
C SER D 148 -17.68 -6.63 31.24
N SER D 149 -17.54 -5.35 30.92
CA SER D 149 -18.62 -4.41 30.53
C SER D 149 -19.35 -4.86 29.25
N ALA D 150 -18.58 -5.25 28.24
CA ALA D 150 -19.11 -5.69 26.93
C ALA D 150 -19.96 -6.95 27.14
N SER D 151 -19.46 -7.93 27.89
CA SER D 151 -20.15 -9.20 28.11
C SER D 151 -21.48 -8.90 28.80
N LEU D 152 -21.49 -8.13 29.90
CA LEU D 152 -22.73 -7.70 30.60
C LEU D 152 -23.72 -7.04 29.61
N GLU D 153 -23.29 -6.01 28.88
CA GLU D 153 -24.20 -5.23 27.97
C GLU D 153 -24.86 -6.19 26.99
N VAL D 154 -24.07 -7.08 26.39
CA VAL D 154 -24.53 -8.01 25.33
C VAL D 154 -25.42 -9.07 26.00
N ALA D 155 -24.99 -9.64 27.14
CA ALA D 155 -25.74 -10.65 27.90
C ALA D 155 -27.12 -10.06 28.22
N THR D 156 -27.17 -8.76 28.55
CA THR D 156 -28.43 -8.06 28.90
C THR D 156 -29.28 -7.84 27.63
N TYR D 157 -28.62 -7.38 26.57
CA TYR D 157 -29.27 -7.16 25.25
C TYR D 157 -29.93 -8.47 24.81
N THR D 158 -29.23 -9.59 25.00
CA THR D 158 -29.63 -10.93 24.51
C THR D 158 -30.89 -11.33 25.30
N PHE D 159 -30.84 -11.14 26.61
CA PHE D 159 -31.99 -11.34 27.54
C PHE D 159 -33.17 -10.49 27.06
N LEU D 160 -32.98 -9.22 26.72
CA LEU D 160 -34.14 -8.37 26.29
C LEU D 160 -34.73 -8.95 24.99
N GLN D 161 -33.89 -9.44 24.07
CA GLN D 161 -34.36 -9.96 22.76
C GLN D 161 -35.39 -11.08 22.96
N GLN D 162 -35.27 -11.87 24.03
CA GLN D 162 -36.23 -12.95 24.40
C GLN D 162 -37.57 -12.33 24.85
N LEU D 163 -37.52 -11.19 25.55
CA LEU D 163 -38.69 -10.50 26.17
C LEU D 163 -39.46 -9.69 25.12
N CYS D 164 -38.76 -9.16 24.13
CA CYS D 164 -39.36 -8.34 23.04
C CYS D 164 -38.42 -8.35 21.84
N PRO D 165 -38.61 -9.22 20.83
CA PRO D 165 -37.71 -9.28 19.68
C PRO D 165 -37.65 -8.04 18.78
N ASP D 166 -36.43 -7.61 18.41
CA ASP D 166 -36.12 -6.47 17.52
C ASP D 166 -36.00 -6.96 16.07
N SER D 167 -36.29 -6.11 15.09
CA SER D 167 -36.18 -6.44 13.64
C SER D 167 -34.75 -6.12 13.18
N GLY D 168 -33.86 -5.85 14.14
CA GLY D 168 -32.60 -5.12 13.95
C GLY D 168 -31.56 -5.90 13.17
N THR D 169 -30.37 -5.30 13.04
CA THR D 169 -29.15 -5.87 12.41
C THR D 169 -28.08 -5.93 13.50
N ILE D 170 -27.06 -6.78 13.30
CA ILE D 170 -25.98 -7.02 14.28
C ILE D 170 -25.34 -5.66 14.69
N ALA D 171 -25.03 -4.77 13.71
CA ALA D 171 -24.35 -3.46 13.87
C ALA D 171 -25.23 -2.49 14.68
N ALA D 172 -26.44 -2.20 14.21
CA ALA D 172 -27.52 -1.49 14.95
C ALA D 172 -27.56 -1.94 16.43
N ARG D 173 -27.40 -3.25 16.73
CA ARG D 173 -27.39 -3.81 18.13
C ARG D 173 -26.08 -3.39 18.81
N ALA D 174 -24.96 -3.45 18.08
CA ALA D 174 -23.67 -2.93 18.58
C ALA D 174 -23.83 -1.43 18.85
N GLN D 175 -24.54 -0.67 18.00
CA GLN D 175 -24.73 0.81 18.16
C GLN D 175 -25.45 1.09 19.48
N VAL D 176 -26.39 0.22 19.87
CA VAL D 176 -27.21 0.35 21.12
C VAL D 176 -26.31 0.14 22.35
N CYS D 177 -25.61 -0.99 22.45
CA CYS D 177 -24.78 -1.40 23.62
C CYS D 177 -23.68 -0.35 23.89
N GLN D 178 -23.11 0.28 22.84
CA GLN D 178 -22.01 1.29 22.90
C GLN D 178 -22.59 2.69 23.18
N GLN D 179 -23.78 3.01 22.65
CA GLN D 179 -24.53 4.25 22.98
C GLN D 179 -24.99 4.22 24.45
N ALA D 180 -25.18 3.02 25.02
CA ALA D 180 -25.45 2.77 26.47
C ALA D 180 -24.16 3.06 27.27
N GLU D 181 -23.01 2.67 26.75
CA GLU D 181 -21.70 2.74 27.48
C GLU D 181 -21.35 4.23 27.76
N HIS D 182 -21.12 5.03 26.71
CA HIS D 182 -20.88 6.50 26.79
C HIS D 182 -21.99 7.13 27.66
N SER D 183 -23.23 7.20 27.14
CA SER D 183 -24.37 7.96 27.72
C SER D 183 -24.80 7.44 29.11
N PHE D 184 -24.33 6.25 29.52
CA PHE D 184 -24.29 5.76 30.93
C PHE D 184 -22.83 5.37 31.23
N ILE D 191 -19.28 -0.25 19.14
CA ILE D 191 -17.79 -0.37 19.22
C ILE D 191 -17.38 -1.85 19.09
N MET D 192 -16.07 -2.07 19.02
CA MET D 192 -15.44 -3.37 18.64
C MET D 192 -15.84 -4.47 19.62
N ASP D 193 -15.99 -4.13 20.89
CA ASP D 193 -16.00 -5.10 22.01
C ASP D 193 -17.38 -5.80 22.09
N GLN D 194 -18.40 -5.14 21.53
CA GLN D 194 -19.80 -5.63 21.52
C GLN D 194 -19.88 -6.71 20.42
N PHE D 195 -19.57 -6.34 19.17
CA PHE D 195 -19.44 -7.24 17.99
C PHE D 195 -18.78 -8.54 18.44
N ILE D 196 -17.64 -8.51 19.11
CA ILE D 196 -16.92 -9.79 19.37
C ILE D 196 -17.73 -10.63 20.37
N SER D 197 -18.35 -10.04 21.40
CA SER D 197 -19.14 -10.80 22.39
C SER D 197 -20.41 -11.34 21.70
N LEU D 198 -21.01 -10.60 20.75
CA LEU D 198 -22.14 -11.03 19.86
C LEU D 198 -21.71 -12.13 18.87
N MET D 199 -20.62 -11.93 18.13
CA MET D 199 -20.35 -12.61 16.82
C MET D 199 -19.29 -13.70 17.04
N GLY D 200 -18.84 -13.90 18.27
CA GLY D 200 -17.82 -14.90 18.59
C GLY D 200 -18.28 -16.31 18.28
N GLN D 201 -17.36 -17.23 18.11
CA GLN D 201 -17.70 -18.61 17.76
C GLN D 201 -16.58 -19.54 18.21
N LYS D 202 -16.95 -20.67 18.83
CA LYS D 202 -16.01 -21.73 19.25
C LYS D 202 -15.16 -22.15 18.05
N GLY D 203 -13.86 -22.36 18.28
CA GLY D 203 -12.91 -22.92 17.31
C GLY D 203 -12.58 -21.92 16.21
N HIS D 204 -12.85 -20.63 16.44
CA HIS D 204 -12.69 -19.54 15.45
C HIS D 204 -12.10 -18.28 16.08
N ALA D 205 -11.31 -17.58 15.27
CA ALA D 205 -10.96 -16.18 15.58
C ALA D 205 -11.74 -15.27 14.63
N LEU D 206 -11.93 -14.02 15.01
CA LEU D 206 -12.61 -12.99 14.20
C LEU D 206 -11.51 -12.12 13.57
N LEU D 207 -11.64 -11.79 12.30
CA LEU D 207 -10.89 -10.69 11.67
C LEU D 207 -11.89 -9.60 11.37
N ILE D 208 -11.69 -8.44 11.96
CA ILE D 208 -12.57 -7.29 11.73
C ILE D 208 -11.75 -6.19 11.06
N ASP D 209 -12.24 -5.78 9.90
CA ASP D 209 -11.67 -4.68 9.09
C ASP D 209 -12.50 -3.46 9.44
N CYS D 210 -11.92 -2.51 10.14
CA CYS D 210 -12.66 -1.34 10.65
C CYS D 210 -12.86 -0.30 9.56
N ARG D 211 -12.39 -0.55 8.32
CA ARG D 211 -12.65 0.32 7.13
C ARG D 211 -13.87 -0.22 6.39
N SER D 212 -13.80 -1.48 5.91
CA SER D 212 -14.87 -2.15 5.13
C SER D 212 -15.99 -2.58 6.08
N LEU D 213 -15.65 -2.82 7.34
CA LEU D 213 -16.57 -3.39 8.36
C LEU D 213 -16.89 -4.84 8.00
N GLU D 214 -16.12 -5.45 7.12
CA GLU D 214 -16.22 -6.90 6.81
C GLU D 214 -15.58 -7.66 7.96
N THR D 215 -16.20 -8.75 8.35
CA THR D 215 -15.74 -9.67 9.40
C THR D 215 -15.56 -11.03 8.74
N SER D 216 -14.59 -11.80 9.22
CA SER D 216 -14.46 -13.22 8.83
C SER D 216 -14.36 -14.05 10.08
N LEU D 217 -14.88 -15.24 10.01
CA LEU D 217 -14.68 -16.21 11.08
C LEU D 217 -13.66 -17.16 10.54
N VAL D 218 -12.48 -17.09 11.11
CA VAL D 218 -11.32 -17.89 10.68
C VAL D 218 -11.24 -19.13 11.57
N PRO D 219 -11.38 -20.34 11.03
CA PRO D 219 -11.28 -21.55 11.83
C PRO D 219 -9.87 -21.69 12.41
N LEU D 220 -9.80 -22.20 13.66
CA LEU D 220 -8.55 -22.60 14.35
C LEU D 220 -8.47 -24.11 14.25
N SER D 221 -7.32 -24.63 13.87
CA SER D 221 -7.12 -25.98 13.26
C SER D 221 -6.02 -26.74 14.00
N ASP D 222 -5.76 -26.44 15.27
CA ASP D 222 -4.79 -27.22 16.07
C ASP D 222 -5.24 -27.18 17.52
N PRO D 223 -6.03 -28.20 17.95
CA PRO D 223 -6.64 -28.18 19.28
C PRO D 223 -5.64 -28.46 20.41
N LYS D 224 -4.38 -28.81 20.09
CA LYS D 224 -3.25 -28.87 21.07
C LYS D 224 -2.77 -27.45 21.49
N LEU D 225 -3.25 -26.36 20.89
CA LEU D 225 -2.84 -24.97 21.24
C LEU D 225 -3.87 -24.34 22.17
N ALA D 226 -3.42 -23.30 22.85
CA ALA D 226 -4.25 -22.55 23.80
C ALA D 226 -3.71 -21.14 23.98
N VAL D 227 -4.53 -20.33 24.63
CA VAL D 227 -4.27 -18.91 25.01
C VAL D 227 -4.29 -18.83 26.52
N LEU D 228 -3.13 -18.47 27.08
CA LEU D 228 -2.87 -18.15 28.51
C LEU D 228 -2.99 -16.63 28.66
N ILE D 229 -3.98 -16.19 29.42
CA ILE D 229 -4.19 -14.76 29.74
C ILE D 229 -3.54 -14.55 31.10
N THR D 230 -2.57 -13.65 31.24
CA THR D 230 -1.92 -13.37 32.54
C THR D 230 -2.28 -11.96 32.97
N ASN D 231 -2.90 -11.80 34.13
CA ASN D 231 -3.20 -10.48 34.72
C ASN D 231 -1.99 -10.07 35.57
N SER D 232 -1.33 -8.99 35.17
CA SER D 232 -0.29 -8.27 35.95
C SER D 232 -0.89 -7.80 37.28
N ASN D 233 -2.21 -7.62 37.34
CA ASN D 233 -2.93 -7.09 38.54
C ASN D 233 -2.34 -5.73 38.93
N VAL D 234 -1.71 -5.00 38.00
CA VAL D 234 -1.40 -3.56 38.21
C VAL D 234 -2.14 -2.77 37.14
N ARG D 235 -2.23 -1.45 37.33
CA ARG D 235 -2.98 -0.47 36.52
C ARG D 235 -2.41 0.92 36.79
N HIS D 236 -1.42 1.40 36.02
CA HIS D 236 -0.57 2.57 36.38
C HIS D 236 -1.13 3.92 35.92
N SER D 237 -2.15 3.96 35.05
CA SER D 237 -2.55 5.19 34.33
C SER D 237 -4.02 5.12 34.01
N LEU D 238 -4.74 6.21 34.25
CA LEU D 238 -6.05 6.50 33.61
C LEU D 238 -5.88 6.36 32.06
N ALA D 239 -6.83 5.70 31.37
CA ALA D 239 -6.87 5.62 29.88
C ALA D 239 -7.19 7.00 29.28
N SER D 240 -7.92 7.84 30.02
CA SER D 240 -8.16 9.30 29.78
C SER D 240 -6.82 10.01 29.57
N SER D 241 -5.79 9.62 30.33
CA SER D 241 -4.48 10.32 30.36
C SER D 241 -3.60 9.89 29.18
N GLU D 242 -4.03 8.93 28.33
CA GLU D 242 -3.11 8.19 27.44
C GLU D 242 -3.62 8.09 25.99
N TYR D 243 -4.85 7.64 25.76
CA TYR D 243 -5.39 7.34 24.40
C TYR D 243 -5.84 8.56 23.62
N PRO D 244 -6.40 9.66 24.19
CA PRO D 244 -6.78 10.82 23.36
C PRO D 244 -5.56 11.56 22.80
N VAL D 245 -4.51 11.81 23.58
CA VAL D 245 -3.28 12.44 23.04
C VAL D 245 -2.79 11.59 21.85
N ARG D 246 -2.81 10.27 21.96
CA ARG D 246 -2.31 9.37 20.88
C ARG D 246 -3.23 9.37 19.66
N ARG D 247 -4.57 9.46 19.82
CA ARG D 247 -5.48 9.53 18.64
C ARG D 247 -5.22 10.86 17.92
N ARG D 248 -4.85 11.92 18.65
CA ARG D 248 -4.58 13.24 18.03
C ARG D 248 -3.24 13.12 17.27
N GLN D 249 -2.14 12.69 17.92
CA GLN D 249 -0.82 12.49 17.25
C GLN D 249 -1.01 11.68 15.95
N CYS D 250 -1.86 10.67 15.92
CA CYS D 250 -2.07 9.79 14.73
C CYS D 250 -2.83 10.54 13.63
N GLU D 251 -3.94 11.18 13.98
CA GLU D 251 -4.76 12.01 13.05
C GLU D 251 -3.89 13.07 12.35
N GLU D 252 -2.97 13.68 13.11
CA GLU D 252 -2.07 14.77 12.69
C GLU D 252 -1.00 14.15 11.78
N VAL D 253 -0.62 12.89 12.05
CA VAL D 253 0.42 12.25 11.21
C VAL D 253 -0.19 11.95 9.85
N ALA D 254 -1.41 11.44 9.81
CA ALA D 254 -2.14 11.29 8.55
C ALA D 254 -2.12 12.64 7.80
N ARG D 255 -2.57 13.71 8.49
CA ARG D 255 -2.69 15.10 7.97
C ARG D 255 -1.45 15.47 7.17
N ALA D 256 -0.29 15.51 7.83
CA ALA D 256 1.07 15.74 7.28
C ALA D 256 1.39 14.89 6.02
N LEU D 257 0.81 13.69 5.86
CA LEU D 257 1.01 12.75 4.71
C LEU D 257 -0.14 12.80 3.70
N GLY D 258 -1.16 13.63 3.93
CA GLY D 258 -2.32 13.79 3.03
C GLY D 258 -3.25 12.58 3.01
N ALA D 259 -3.20 11.72 4.03
CA ALA D 259 -4.10 10.54 4.13
C ALA D 259 -5.33 10.92 4.96
N ALA D 260 -6.47 10.31 4.63
CA ALA D 260 -7.70 10.28 5.44
C ALA D 260 -7.38 9.69 6.83
N SER D 261 -6.88 8.45 6.85
CA SER D 261 -6.50 7.67 8.05
C SER D 261 -5.23 6.85 7.81
N LEU D 262 -4.65 6.38 8.91
CA LEU D 262 -3.36 5.65 8.93
C LEU D 262 -3.53 4.33 8.17
N ARG D 263 -4.75 3.89 7.89
CA ARG D 263 -4.99 2.72 7.01
C ARG D 263 -4.59 3.05 5.56
N GLU D 264 -4.40 4.33 5.26
CA GLU D 264 -4.15 4.83 3.90
C GLU D 264 -2.65 5.15 3.74
N VAL D 265 -1.87 5.13 4.84
CA VAL D 265 -0.39 5.29 4.87
C VAL D 265 0.31 3.92 4.79
N GLN D 266 1.27 3.75 3.87
CA GLN D 266 2.17 2.56 3.76
C GLN D 266 3.32 2.78 4.75
N LEU D 267 3.88 1.75 5.39
CA LEU D 267 4.98 1.88 6.40
C LEU D 267 6.19 2.62 5.78
N GLU D 268 6.50 2.35 4.50
CA GLU D 268 7.75 2.83 3.87
C GLU D 268 7.60 4.34 3.65
N GLU D 269 6.45 4.83 3.15
CA GLU D 269 6.19 6.30 3.04
C GLU D 269 6.42 6.92 4.43
N LEU D 270 5.81 6.35 5.48
CA LEU D 270 5.81 6.94 6.84
C LEU D 270 7.27 7.11 7.32
N GLU D 271 8.08 6.09 7.14
CA GLU D 271 9.53 6.12 7.51
C GLU D 271 10.32 7.18 6.70
N ALA D 272 9.94 7.46 5.46
CA ALA D 272 10.58 8.49 4.62
C ALA D 272 9.96 9.86 4.89
N ALA D 273 9.30 10.08 6.03
CA ALA D 273 8.60 11.36 6.32
C ALA D 273 8.87 11.82 7.77
N ARG D 274 9.97 11.32 8.36
CA ARG D 274 10.40 11.65 9.74
C ARG D 274 10.47 13.19 9.83
N ASP D 275 10.91 13.89 8.79
CA ASP D 275 11.02 15.38 8.83
C ASP D 275 9.60 16.01 8.78
N LEU D 276 8.53 15.30 8.43
CA LEU D 276 7.24 16.02 8.14
C LEU D 276 6.34 16.06 9.40
N VAL D 277 6.73 15.43 10.50
CA VAL D 277 5.85 15.25 11.70
C VAL D 277 6.69 15.30 12.99
N SER D 278 5.91 15.29 14.07
CA SER D 278 6.22 15.65 15.47
C SER D 278 7.01 14.60 16.25
N LYS D 279 7.60 13.57 15.63
CA LYS D 279 8.58 12.69 16.32
C LYS D 279 7.91 11.69 17.28
N GLU D 280 7.27 12.19 18.36
CA GLU D 280 6.44 11.31 19.21
C GLU D 280 5.35 10.77 18.31
N GLY D 281 4.77 11.64 17.47
CA GLY D 281 3.69 11.33 16.53
C GLY D 281 4.17 10.27 15.57
N PHE D 282 5.43 10.35 15.20
CA PHE D 282 6.08 9.41 14.27
C PHE D 282 5.98 8.03 14.90
N ARG D 283 6.62 7.87 16.06
CA ARG D 283 6.61 6.66 16.90
C ARG D 283 5.15 6.16 16.99
N ARG D 284 4.18 7.02 17.38
CA ARG D 284 2.77 6.56 17.59
C ARG D 284 2.20 6.05 16.27
N ALA D 285 2.42 6.80 15.19
CA ALA D 285 1.87 6.47 13.85
C ALA D 285 2.55 5.21 13.32
N ARG D 286 3.83 5.02 13.66
CA ARG D 286 4.58 3.82 13.20
C ARG D 286 4.00 2.55 13.87
N HIS D 287 3.57 2.63 15.13
CA HIS D 287 2.91 1.45 15.76
C HIS D 287 1.66 1.13 14.93
N VAL D 288 0.84 2.11 14.65
CA VAL D 288 -0.49 1.86 14.03
C VAL D 288 -0.24 1.32 12.64
N VAL D 289 0.61 1.98 11.82
CA VAL D 289 0.79 1.54 10.43
C VAL D 289 1.39 0.13 10.44
N GLY D 290 2.34 -0.16 11.30
CA GLY D 290 2.98 -1.48 11.32
C GLY D 290 2.04 -2.57 11.85
N GLU D 291 1.24 -2.23 12.88
CA GLU D 291 0.20 -3.14 13.46
C GLU D 291 -0.81 -3.54 12.39
N ILE D 292 -1.32 -2.62 11.59
CA ILE D 292 -2.25 -2.99 10.49
C ILE D 292 -1.59 -4.03 9.58
N ARG D 293 -0.36 -3.78 9.13
CA ARG D 293 0.39 -4.76 8.30
C ARG D 293 0.51 -6.09 9.07
N ARG D 294 1.02 -6.10 10.29
CA ARG D 294 1.21 -7.33 11.10
C ARG D 294 -0.11 -8.11 11.24
N THR D 295 -1.24 -7.42 11.37
CA THR D 295 -2.56 -8.08 11.63
C THR D 295 -2.99 -8.81 10.37
N ALA D 296 -2.78 -8.18 9.21
CA ALA D 296 -3.04 -8.80 7.89
C ALA D 296 -2.18 -10.06 7.73
N GLN D 297 -0.91 -9.94 8.07
CA GLN D 297 0.08 -11.04 8.09
C GLN D 297 -0.35 -12.10 9.12
N ALA D 298 -0.86 -11.70 10.27
CA ALA D 298 -1.31 -12.64 11.34
C ALA D 298 -2.50 -13.46 10.79
N ALA D 299 -3.39 -12.82 10.07
CA ALA D 299 -4.61 -13.45 9.52
C ALA D 299 -4.18 -14.51 8.50
N ALA D 300 -3.22 -14.16 7.63
CA ALA D 300 -2.72 -15.04 6.55
C ALA D 300 -2.01 -16.21 7.23
N ALA D 301 -1.27 -15.95 8.29
CA ALA D 301 -0.61 -17.03 9.06
C ALA D 301 -1.72 -17.93 9.61
N LEU D 302 -2.79 -17.35 10.10
CA LEU D 302 -3.95 -18.16 10.56
C LEU D 302 -4.40 -19.06 9.41
N ARG D 303 -4.64 -18.49 8.22
CA ARG D 303 -5.24 -19.23 7.09
C ARG D 303 -4.32 -20.36 6.60
N ARG D 304 -3.04 -20.38 6.91
CA ARG D 304 -2.24 -21.55 6.46
C ARG D 304 -1.81 -22.38 7.69
N GLY D 305 -2.43 -22.13 8.85
CA GLY D 305 -2.18 -22.91 10.08
C GLY D 305 -0.76 -22.72 10.62
N ASP D 306 -0.12 -21.59 10.32
CA ASP D 306 1.25 -21.29 10.82
C ASP D 306 1.14 -20.51 12.15
N TYR D 307 0.78 -21.21 13.23
CA TYR D 307 0.62 -20.60 14.58
C TYR D 307 1.97 -20.11 15.10
N ARG D 308 3.08 -20.71 14.68
CA ARG D 308 4.45 -20.28 15.10
C ARG D 308 4.73 -18.89 14.52
N ALA D 309 4.46 -18.65 13.24
CA ALA D 309 4.49 -17.32 12.59
C ALA D 309 3.50 -16.39 13.28
N PHE D 310 2.31 -16.83 13.69
CA PHE D 310 1.35 -15.96 14.38
C PHE D 310 2.01 -15.47 15.69
N GLY D 311 2.60 -16.39 16.44
CA GLY D 311 3.24 -16.09 17.74
C GLY D 311 4.34 -15.04 17.58
N ARG D 312 5.17 -15.16 16.53
CA ARG D 312 6.23 -14.16 16.21
C ARG D 312 5.57 -12.81 15.96
N LEU D 313 4.48 -12.75 15.21
CA LEU D 313 3.88 -11.45 14.90
C LEU D 313 3.36 -10.85 16.19
N MET D 314 2.95 -11.71 17.13
CA MET D 314 2.43 -11.21 18.41
C MET D 314 3.57 -10.49 19.15
N VAL D 315 4.78 -11.07 19.11
CA VAL D 315 5.99 -10.53 19.80
C VAL D 315 6.40 -9.22 19.13
N GLU D 316 6.43 -9.17 17.81
CA GLU D 316 6.71 -7.93 17.05
C GLU D 316 5.70 -6.85 17.47
N SER D 317 4.44 -7.23 17.71
CA SER D 317 3.35 -6.32 18.14
C SER D 317 3.69 -5.75 19.50
N HIS D 318 4.15 -6.60 20.41
CA HIS D 318 4.44 -6.16 21.80
C HIS D 318 5.58 -5.14 21.77
N ARG D 319 6.64 -5.42 21.01
CA ARG D 319 7.86 -4.57 20.99
C ARG D 319 7.45 -3.20 20.46
N SER D 320 6.53 -3.19 19.50
CA SER D 320 5.94 -1.97 18.90
C SER D 320 5.08 -1.22 19.93
N LEU D 321 4.29 -1.93 20.74
CA LEU D 321 3.48 -1.28 21.79
C LEU D 321 4.43 -0.78 22.86
N ARG D 322 5.53 -1.49 23.10
CA ARG D 322 6.54 -1.17 24.17
C ARG D 322 7.35 0.07 23.79
N ASP D 323 7.77 0.19 22.53
CA ASP D 323 8.79 1.17 22.08
C ASP D 323 8.13 2.27 21.26
N ASP D 324 7.23 1.99 20.30
CA ASP D 324 6.56 3.04 19.47
C ASP D 324 5.32 3.62 20.17
N TYR D 325 4.33 2.82 20.52
CA TYR D 325 3.07 3.37 21.08
C TYR D 325 3.37 3.77 22.52
N GLU D 326 4.34 3.09 23.10
CA GLU D 326 4.75 3.28 24.52
C GLU D 326 3.53 3.12 25.40
N VAL D 327 2.80 1.99 25.28
CA VAL D 327 1.63 1.76 26.21
C VAL D 327 1.88 0.54 27.10
N SER D 328 3.10 -0.02 27.07
CA SER D 328 3.52 -1.13 27.95
C SER D 328 3.97 -0.58 29.30
N CYS D 329 4.43 -1.44 30.19
CA CYS D 329 5.04 -1.03 31.47
C CYS D 329 6.00 -2.14 31.88
N PRO D 330 6.88 -1.93 32.88
CA PRO D 330 7.83 -2.97 33.27
C PRO D 330 7.16 -4.33 33.56
N GLU D 331 6.04 -4.35 34.31
CA GLU D 331 5.29 -5.58 34.65
C GLU D 331 4.87 -6.35 33.39
N LEU D 332 4.20 -5.72 32.43
CA LEU D 332 3.85 -6.43 31.18
C LEU D 332 5.12 -6.93 30.50
N ASP D 333 6.19 -6.13 30.49
CA ASP D 333 7.44 -6.50 29.79
C ASP D 333 8.05 -7.74 30.46
N GLN D 334 7.92 -7.85 31.78
CA GLN D 334 8.49 -8.97 32.57
C GLN D 334 7.67 -10.21 32.26
N LEU D 335 6.35 -10.08 32.17
CA LEU D 335 5.45 -11.22 31.91
C LEU D 335 5.67 -11.72 30.49
N VAL D 336 5.86 -10.84 29.52
CA VAL D 336 6.14 -11.28 28.13
C VAL D 336 7.47 -12.03 28.12
N GLU D 337 8.52 -11.42 28.69
CA GLU D 337 9.90 -11.97 28.75
C GLU D 337 9.88 -13.40 29.31
N ALA D 338 9.19 -13.57 30.42
CA ALA D 338 9.02 -14.86 31.13
C ALA D 338 8.21 -15.82 30.25
N ALA D 339 7.16 -15.36 29.57
CA ALA D 339 6.32 -16.20 28.70
C ALA D 339 7.23 -16.80 27.61
N LEU D 340 8.02 -15.97 26.94
CA LEU D 340 8.84 -16.38 25.77
C LEU D 340 9.98 -17.31 26.18
N ALA D 341 10.30 -17.43 27.46
CA ALA D 341 11.36 -18.33 27.95
C ALA D 341 10.89 -19.79 28.01
N VAL D 342 9.60 -20.09 27.95
CA VAL D 342 9.07 -21.46 28.20
C VAL D 342 8.97 -22.20 26.88
N PRO D 343 9.68 -23.34 26.68
CA PRO D 343 9.49 -24.13 25.47
C PRO D 343 8.02 -24.44 25.21
N GLY D 344 7.58 -24.28 23.96
CA GLY D 344 6.19 -24.54 23.56
C GLY D 344 5.34 -23.28 23.62
N VAL D 345 5.91 -22.14 23.97
CA VAL D 345 5.23 -20.83 23.90
C VAL D 345 5.60 -20.23 22.54
N TYR D 346 4.61 -19.93 21.71
CA TYR D 346 4.77 -19.48 20.30
C TYR D 346 5.00 -17.95 20.32
N GLY D 347 4.35 -17.26 21.25
CA GLY D 347 4.41 -15.79 21.29
C GLY D 347 3.66 -15.24 22.47
N SER D 348 3.88 -13.98 22.80
CA SER D 348 3.23 -13.31 23.94
C SER D 348 3.24 -11.81 23.68
N ARG D 349 2.26 -11.08 24.18
CA ARG D 349 2.24 -9.62 24.08
C ARG D 349 1.26 -9.08 25.10
N MET D 350 1.41 -7.82 25.46
CA MET D 350 0.36 -7.15 26.24
C MET D 350 -0.94 -7.18 25.43
N THR D 351 -2.08 -6.91 26.05
CA THR D 351 -3.37 -6.84 25.32
C THR D 351 -4.24 -5.81 25.99
N GLY D 352 -4.99 -5.04 25.21
CA GLY D 352 -5.86 -4.02 25.77
C GLY D 352 -5.09 -2.72 25.97
N GLY D 353 -5.51 -1.94 26.95
CA GLY D 353 -5.18 -0.51 27.09
C GLY D 353 -3.72 -0.28 27.46
N GLY D 354 -3.07 -1.24 28.12
CA GLY D 354 -1.67 -1.13 28.56
C GLY D 354 -1.50 -0.52 29.93
N PHE D 355 -0.25 -0.18 30.28
CA PHE D 355 0.09 0.46 31.56
C PHE D 355 -0.34 -0.50 32.68
N GLY D 356 -0.45 -1.79 32.42
CA GLY D 356 -0.97 -2.79 33.37
C GLY D 356 -1.89 -3.76 32.68
N GLY D 357 -2.80 -4.42 33.41
CA GLY D 357 -3.72 -5.40 32.79
C GLY D 357 -3.00 -6.67 32.40
N CYS D 358 -3.38 -7.25 31.27
CA CYS D 358 -3.06 -8.65 30.91
C CYS D 358 -2.04 -8.73 29.77
N THR D 359 -1.28 -9.82 29.74
CA THR D 359 -0.62 -10.36 28.55
C THR D 359 -1.45 -11.50 28.01
N VAL D 360 -1.26 -11.77 26.73
CA VAL D 360 -1.87 -12.93 26.03
C VAL D 360 -0.73 -13.76 25.43
N THR D 361 -0.75 -15.05 25.70
CA THR D 361 0.31 -16.01 25.31
C THR D 361 -0.35 -17.10 24.45
N LEU D 362 0.16 -17.28 23.23
CA LEU D 362 -0.18 -18.42 22.37
C LEU D 362 0.83 -19.51 22.70
N LEU D 363 0.37 -20.68 23.14
CA LEU D 363 1.25 -21.78 23.62
C LEU D 363 0.56 -23.14 23.44
N GLU D 364 1.39 -24.17 23.31
CA GLU D 364 1.04 -25.60 23.48
C GLU D 364 0.39 -25.73 24.85
N ALA D 365 -0.91 -26.09 24.88
CA ALA D 365 -1.71 -26.36 26.10
C ALA D 365 -0.87 -27.16 27.10
N SER D 366 -0.12 -28.16 26.64
CA SER D 366 0.67 -29.06 27.51
C SER D 366 1.86 -28.30 28.16
N ALA D 367 2.24 -27.13 27.66
CA ALA D 367 3.30 -26.32 28.30
C ALA D 367 2.69 -25.30 29.27
N ALA D 368 1.36 -25.23 29.41
CA ALA D 368 0.71 -24.17 30.23
C ALA D 368 1.15 -24.29 31.69
N PRO D 369 1.08 -25.46 32.37
CA PRO D 369 1.49 -25.54 33.77
C PRO D 369 2.91 -25.01 33.99
N HIS D 370 3.86 -25.42 33.15
CA HIS D 370 5.25 -24.90 33.14
C HIS D 370 5.24 -23.36 32.96
N ALA D 371 4.48 -22.85 32.00
CA ALA D 371 4.44 -21.42 31.66
C ALA D 371 3.97 -20.63 32.87
N MET D 372 2.86 -21.05 33.47
CA MET D 372 2.22 -20.44 34.66
C MET D 372 3.19 -20.42 35.84
N ARG D 373 3.75 -21.57 36.25
CA ARG D 373 4.69 -21.65 37.41
C ARG D 373 5.87 -20.71 37.13
N HIS D 374 6.44 -20.75 35.92
CA HIS D 374 7.70 -20.05 35.55
C HIS D 374 7.44 -18.54 35.52
N ILE D 375 6.36 -18.12 34.84
CA ILE D 375 5.97 -16.69 34.73
C ILE D 375 5.84 -16.17 36.18
N GLN D 376 5.16 -16.92 37.06
CA GLN D 376 4.86 -16.51 38.47
C GLN D 376 6.17 -16.36 39.26
N GLU D 377 7.17 -17.23 39.00
CA GLU D 377 8.45 -17.23 39.76
C GLU D 377 9.31 -16.06 39.30
N HIS D 378 9.10 -15.56 38.07
CA HIS D 378 9.91 -14.46 37.45
C HIS D 378 9.14 -13.15 37.42
N TYR D 379 8.11 -13.02 38.27
CA TYR D 379 7.24 -11.82 38.36
C TYR D 379 7.12 -11.39 39.83
N GLY D 380 7.21 -10.06 40.05
CA GLY D 380 7.24 -9.41 41.38
C GLY D 380 5.88 -9.39 42.07
N GLY D 381 4.79 -9.50 41.32
CA GLY D 381 3.42 -9.36 41.85
C GLY D 381 2.76 -10.71 42.02
N THR D 382 1.51 -10.75 42.49
CA THR D 382 0.60 -11.91 42.28
C THR D 382 0.11 -11.79 40.84
N ALA D 383 0.61 -12.65 39.94
CA ALA D 383 -0.02 -12.89 38.62
C ALA D 383 -1.30 -13.72 38.83
N THR D 384 -2.34 -13.41 38.05
CA THR D 384 -3.59 -14.19 37.94
C THR D 384 -3.55 -14.88 36.57
N PHE D 385 -4.16 -16.07 36.42
CA PHE D 385 -4.11 -16.81 35.13
C PHE D 385 -5.47 -17.37 34.73
N TYR D 386 -5.72 -17.35 33.43
CA TYR D 386 -6.82 -18.03 32.74
C TYR D 386 -6.21 -18.68 31.51
N LEU D 387 -6.69 -19.88 31.24
CA LEU D 387 -6.34 -20.66 30.05
C LEU D 387 -7.64 -20.84 29.29
N SER D 388 -7.69 -20.42 28.03
CA SER D 388 -8.92 -20.44 27.20
C SER D 388 -8.57 -20.82 25.77
N GLN D 389 -9.53 -21.46 25.12
CA GLN D 389 -9.59 -21.63 23.66
C GLN D 389 -10.66 -20.65 23.19
N ALA D 390 -10.89 -20.48 21.89
CA ALA D 390 -11.93 -19.56 21.37
C ALA D 390 -13.30 -20.06 21.84
N ALA D 391 -14.21 -19.18 22.25
CA ALA D 391 -15.51 -19.50 22.85
C ALA D 391 -16.56 -18.99 21.89
N ASP D 392 -17.80 -19.40 22.08
CA ASP D 392 -18.98 -18.83 21.37
C ASP D 392 -19.26 -17.41 21.83
N GLY D 393 -20.03 -16.70 21.03
CA GLY D 393 -20.63 -15.40 21.35
C GLY D 393 -21.86 -15.64 22.20
N ALA D 394 -22.74 -14.65 22.25
CA ALA D 394 -23.99 -14.62 23.02
C ALA D 394 -24.85 -15.84 22.66
N LYS D 395 -25.46 -16.48 23.66
CA LYS D 395 -26.40 -17.58 23.41
C LYS D 395 -27.47 -17.66 24.50
N VAL D 396 -28.55 -18.35 24.13
CA VAL D 396 -29.84 -18.47 24.85
C VAL D 396 -30.08 -19.95 25.14
N LEU D 397 -30.41 -20.25 26.41
CA LEU D 397 -30.97 -21.54 26.86
C LEU D 397 -32.31 -21.27 27.53
N CYS D 398 -33.39 -21.77 26.94
CA CYS D 398 -34.73 -21.77 27.57
C CYS D 398 -34.74 -22.78 28.74
N LEU D 399 -35.21 -22.31 29.88
CA LEU D 399 -35.38 -23.12 31.11
C LEU D 399 -36.87 -23.41 31.21
C1 GAL E . 21.04 32.96 0.11
C2 GAL E . 22.37 32.35 0.41
C3 GAL E . 21.89 30.89 0.65
C4 GAL E . 20.82 30.85 1.74
C5 GAL E . 19.66 31.84 1.44
C6 GAL E . 18.42 31.86 2.36
O1 GAL E . 21.07 34.10 -0.62
O2 GAL E . 23.31 32.40 -0.67
O3 GAL E . 23.02 30.05 0.94
O4 GAL E . 21.46 31.10 3.00
O5 GAL E . 20.29 33.14 1.34
O6 GAL E . 17.21 31.26 1.74
C10 HFK F . 28.12 44.00 -9.29
C13 HFK F . 29.50 42.46 -7.18
C15 HFK F . 27.14 40.15 -7.56
C20 HFK F . 27.76 38.37 -11.88
C21 HFK F . 28.53 39.53 -11.68
C24 HFK F . 29.27 39.43 -14.05
C26 HFK F . 27.73 37.72 -13.18
C02 HFK F . 27.33 43.46 -4.68
C03 HFK F . 26.70 43.23 -3.31
C04 HFK F . 26.62 41.73 -2.98
C05 HFK F . 25.84 40.99 -4.07
C06 HFK F . 26.68 41.05 -5.34
C07 HFK F . 27.28 42.37 -5.74
C08 HFK F . 27.93 42.61 -7.11
C09 HFK F . 27.40 43.79 -7.96
C11 HFK F . 29.65 44.14 -9.13
C12 HFK F . 30.25 42.92 -8.45
C18 HFK F . 27.50 39.01 -9.76
C23 HFK F . 29.29 40.05 -12.79
C25 HFK F . 28.49 38.27 -14.24
N14 HFK F . 27.84 41.38 -7.97
N16 HFK F . 26.60 40.00 -6.26
N17 HFK F . 27.01 38.99 -8.41
N19 HFK F . 27.14 38.10 -10.70
O01 HFK F . 27.89 44.50 -4.94
O22 HFK F . 28.35 39.92 -10.33
C1 GAL G . 16.64 -4.63 -18.18
C2 GAL G . 15.69 -3.62 -18.89
C3 GAL G . 15.18 -2.72 -17.72
C4 GAL G . 14.43 -3.58 -16.69
C5 GAL G . 15.42 -4.69 -16.26
C6 GAL G . 14.90 -5.50 -15.08
O1 GAL G . 17.41 -5.35 -19.09
O2 GAL G . 16.36 -2.91 -19.95
O3 GAL G . 14.41 -1.63 -18.16
O4 GAL G . 13.20 -4.08 -17.23
O5 GAL G . 15.85 -5.53 -17.39
O6 GAL G . 15.25 -4.82 -13.87
C10 HFK H . 26.75 -6.66 -30.95
C13 HFK H . 24.30 -5.32 -30.63
C15 HFK H . 24.74 -4.45 -27.72
C20 HFK H . 27.80 -0.89 -28.01
C21 HFK H . 27.85 -1.66 -29.15
C24 HFK H . 29.68 -0.29 -29.99
C26 HFK H . 28.71 0.20 -27.84
C02 HFK H . 22.84 -8.14 -29.11
C03 HFK H . 22.11 -8.93 -28.03
C04 HFK H . 21.23 -8.03 -27.17
C05 HFK H . 22.01 -6.90 -26.48
C06 HFK H . 23.16 -6.30 -27.35
C07 HFK H . 23.48 -6.82 -28.71
C08 HFK H . 24.69 -6.28 -29.50
C09 HFK H . 25.95 -7.14 -29.75
C11 HFK H . 25.84 -6.66 -32.16
C12 HFK H . 24.82 -5.56 -32.04
C18 HFK H . 26.24 -2.44 -27.81
C23 HFK H . 28.80 -1.35 -30.16
C25 HFK H . 29.62 0.48 -28.83
N14 HFK H . 25.22 -5.01 -28.97
N16 HFK H . 23.74 -5.09 -26.95
N17 HFK H . 25.21 -3.20 -27.20
N19 HFK H . 26.80 -1.40 -27.17
O01 HFK H . 22.93 -8.53 -30.28
O22 HFK H . 26.85 -2.65 -29.03
C1 GAL I . -27.68 -27.42 -4.06
C2 GAL I . -27.13 -28.39 -3.04
C3 GAL I . -25.97 -27.51 -2.55
C4 GAL I . -25.19 -27.03 -3.84
C5 GAL I . -26.02 -26.63 -5.06
C6 GAL I . -25.27 -26.28 -6.34
O1 GAL I . -29.01 -27.27 -4.16
O2 GAL I . -28.05 -28.56 -2.02
O3 GAL I . -25.22 -28.25 -1.57
O4 GAL I . -24.49 -28.12 -4.35
O5 GAL I . -27.06 -27.59 -5.31
O6 GAL I . -24.71 -24.98 -6.02
C10 HFK J . -42.59 -32.18 0.31
C13 HFK J . -40.20 -33.78 0.66
C15 HFK J . -38.66 -30.93 0.80
C20 HFK J . -39.97 -28.70 4.68
C21 HFK J . -40.79 -29.76 4.43
C24 HFK J . -42.23 -29.03 6.28
C26 HFK J . -40.24 -27.77 5.72
C02 HFK J . -39.07 -33.72 -2.50
C03 HFK J . -37.92 -33.77 -3.54
C04 HFK J . -36.60 -33.10 -3.08
C05 HFK J . -36.80 -31.73 -2.49
C06 HFK J . -37.82 -31.82 -1.35
C07 HFK J . -38.99 -32.74 -1.36
C08 HFK J . -40.15 -32.59 -0.37
C09 HFK J . -41.55 -32.17 -0.85
C11 HFK J . -42.71 -33.50 1.11
C12 HFK J . -41.36 -33.93 1.69
C18 HFK J . -39.16 -29.81 2.99
C23 HFK J . -41.94 -29.93 5.27
C25 HFK J . -41.39 -27.94 6.50
N14 HFK J . -39.87 -31.71 0.79
N16 HFK J . -37.69 -31.02 -0.22
N17 HFK J . -38.30 -30.08 1.91
N19 HFK J . -38.98 -28.73 3.78
O01 HFK J . -40.05 -34.41 -2.57
O22 HFK J . -40.29 -30.49 3.35
N1 QKW K . -7.98 -25.53 17.19
C4 QKW K . -5.58 -20.29 19.50
C5 QKW K . -5.63 -21.55 20.30
C6 QKW K . -7.64 -22.88 19.86
C7 QKW K . -8.22 -23.95 19.01
C8 QKW K . -9.55 -24.27 19.13
C10 QKW K . -9.28 -25.87 17.37
C13 QKW K . -6.40 -18.07 19.06
CL1 QKW K . -5.65 -16.54 16.97
C1 QKW K . -5.59 -17.98 17.95
C2 QKW K . -4.76 -19.02 17.59
C3 QKW K . -4.79 -20.20 18.36
O1 QKW K . -6.37 -22.56 19.53
O2 QKW K . -8.31 -22.30 20.69
C9 QKW K . -10.09 -25.25 18.29
C11 QKW K . -7.49 -24.58 18.01
C12 QKW K . -6.38 -19.21 19.83
#